data_7OR4
#
_entry.id   7OR4
#
_cell.length_a   149.443
_cell.length_b   149.443
_cell.length_c   269.388
_cell.angle_alpha   90.000
_cell.angle_beta   90.000
_cell.angle_gamma   120.000
#
_symmetry.space_group_name_H-M   'P 61'
#
loop_
_entity.id
_entity.type
_entity.pdbx_description
1 polymer 'Dipeptidyl peptidase 8'
2 non-polymer 'trimethylamine oxide'
3 non-polymer 'methyl 3-[4-[(4-bromophenyl)methyl]piperazin-1-yl]carbonyl-5-[(2-ethyl-2-methanoyl-butanoyl)amino]benzoate'
4 water water
#
_entity_poly.entity_id   1
_entity_poly.type   'polypeptide(L)'
_entity_poly.pdbx_seq_one_letter_code
;MWKRSEQMKIKSGKCNMAAAMETEQLGVEIFETADCEENIESQDRPKLEPFYVERYSWSQLKKLLADTRKYHGYMMAKAP
HDFMFVKRNDPDGPHSDRIYYLAMSGENRENTLFYSEIPKTINRAAVLMLSWKPLLDLFQATLDYGMYSREEELLRERKR
IGTVGIASYDYHQGSGTFLFQAGSGIYHVKDGGPQGFTQQPLRPNLVETSCPNIRMDPKLCPADPDWIAFIHSNDIWISN
IVTREERRLTYVHNELANMEEDARSAGVATFVLQEEFDRYSGYWWCPKAETTPSGGKILRILYEENDESEVEIIHVTSPM
LETRRADSFRYPKTGTANPKVTFKMSEIMIDAEGRIIDVIDKELIQPFEILFEGVEYIARAGWTPEGKYAWSILLDRSQT
RLQIVLISPELFIPVEDDVMERQRLIESVPDSVTPLIIYEETTDIWINIHDIFHVFPQSHEEEIEFIFASECKTGFRHLY
KITSILKESKYKRSSGGLPAPSDFKCPIKEEIAITSGEWEVLGRHGSNIQVDEVRRLVYFEGTKDSPLEHHLYVVSYVNP
GEVTRLTDRGYSHSCCISQHCDFFISKYSNQKNPHCVSLYKLSSPEDDPTCKTKEFWATILDSAGPLPDYTPPEIFSFES
TTGFTLYGMLYKPHDLQPGKKYPTVLFIYGGPQVQLVNNRFKGVKYFRLNTLASLGYVVVVIDNRGSCHRGLKFEGAFKY
KMGQIEIDDQVEGLQYLASRYDFIDLDRVGIHGWSYGGYLSLMALMQRSDIFRVAIAGAPVTLWIFYDTGYTERYMGHPD
QNEQGYYLGSVAMQAEKFPSEPNRLLLLHGFLDENVHFAHTSILLSFLVRAGKPYDLQIYPQERHSIRVPESGEHYELHL
LHYLQENLGSRIAALKVI
;
_entity_poly.pdbx_strand_id   B,A
#
# COMPACT_ATOMS: atom_id res chain seq x y z
N LEU A 48 20.76 16.75 43.73
CA LEU A 48 19.75 15.68 43.41
C LEU A 48 20.31 14.74 42.33
N GLU A 49 20.40 13.43 42.65
CA GLU A 49 21.06 12.40 41.78
C GLU A 49 20.05 11.81 40.80
N PRO A 50 20.38 11.68 39.49
CA PRO A 50 19.47 11.01 38.55
C PRO A 50 19.25 9.54 38.96
N PHE A 51 18.00 9.05 38.84
CA PHE A 51 17.66 7.60 38.86
C PHE A 51 17.67 7.04 37.42
N TYR A 52 18.22 5.84 37.24
CA TYR A 52 18.37 5.16 35.94
C TYR A 52 17.58 3.84 35.99
N VAL A 53 16.63 3.66 35.06
CA VAL A 53 15.75 2.45 35.01
C VAL A 53 16.67 1.25 34.79
N GLU A 54 16.50 0.19 35.59
CA GLU A 54 17.23 -1.09 35.41
C GLU A 54 17.15 -1.44 33.91
N ARG A 55 18.30 -1.55 33.27
CA ARG A 55 18.42 -1.89 31.83
C ARG A 55 18.11 -3.38 31.65
N TYR A 56 16.83 -3.70 31.45
CA TYR A 56 16.35 -5.08 31.12
C TYR A 56 16.84 -5.41 29.70
N SER A 57 16.63 -6.65 29.26
CA SER A 57 16.86 -7.11 27.86
C SER A 57 15.50 -7.25 27.17
N TRP A 58 15.50 -7.41 25.86
CA TRP A 58 14.25 -7.59 25.08
C TRP A 58 13.54 -8.88 25.53
N SER A 59 14.30 -9.92 25.84
CA SER A 59 13.77 -11.21 26.36
C SER A 59 13.20 -10.99 27.77
N GLN A 60 13.93 -10.31 28.64
CA GLN A 60 13.45 -10.00 30.01
C GLN A 60 12.16 -9.16 29.91
N LEU A 61 12.23 -7.97 29.29
CA LEU A 61 11.07 -7.05 29.06
C LEU A 61 9.90 -7.81 28.43
N LYS A 62 10.14 -8.71 27.47
CA LYS A 62 9.01 -9.50 26.93
C LYS A 62 8.35 -10.26 28.09
N LYS A 63 9.11 -11.02 28.87
CA LYS A 63 8.60 -11.91 29.95
C LYS A 63 7.91 -11.06 31.03
N LEU A 64 8.58 -9.99 31.47
CA LEU A 64 8.02 -9.02 32.46
C LEU A 64 6.60 -8.60 32.03
N LEU A 65 6.43 -8.20 30.77
CA LEU A 65 5.12 -7.80 30.21
C LEU A 65 4.17 -9.00 30.26
N ALA A 66 4.63 -10.18 29.87
CA ALA A 66 3.77 -11.38 29.70
C ALA A 66 3.26 -11.85 31.07
N ASP A 67 4.01 -11.57 32.15
CA ASP A 67 3.68 -11.94 33.55
C ASP A 67 2.64 -10.97 34.14
N THR A 68 2.78 -9.66 33.91
CA THR A 68 1.91 -8.61 34.49
C THR A 68 0.59 -8.51 33.71
N ARG A 69 0.56 -8.99 32.46
CA ARG A 69 -0.67 -9.14 31.64
C ARG A 69 -1.29 -10.50 31.98
N LYS A 70 -1.95 -10.60 33.13
CA LYS A 70 -2.72 -11.81 33.48
C LYS A 70 -4.19 -11.53 33.14
N TYR A 71 -4.43 -10.37 32.49
CA TYR A 71 -5.80 -9.90 32.17
C TYR A 71 -5.76 -8.88 31.02
N HIS A 72 -6.85 -8.83 30.24
CA HIS A 72 -7.20 -7.74 29.28
C HIS A 72 -6.49 -7.91 27.91
N GLY A 73 -7.02 -7.19 26.91
CA GLY A 73 -6.46 -7.04 25.54
C GLY A 73 -6.72 -5.63 25.02
N TYR A 74 -6.66 -4.65 25.95
CA TYR A 74 -7.08 -3.21 25.83
C TYR A 74 -8.57 -3.06 26.22
N MET A 75 -9.27 -4.18 26.42
CA MET A 75 -10.67 -4.20 26.91
C MET A 75 -10.93 -5.52 27.65
N MET A 76 -11.98 -5.56 28.45
CA MET A 76 -12.41 -6.81 29.13
C MET A 76 -13.82 -7.16 28.67
N ALA A 77 -14.40 -8.21 29.20
CA ALA A 77 -15.77 -8.63 28.82
C ALA A 77 -16.68 -7.39 28.87
N LYS A 78 -17.47 -7.17 27.81
CA LYS A 78 -18.36 -5.99 27.71
C LYS A 78 -19.35 -6.05 28.89
N ALA A 79 -19.42 -4.97 29.68
CA ALA A 79 -20.32 -4.92 30.85
C ALA A 79 -21.77 -4.90 30.36
N PRO A 80 -22.73 -5.48 31.09
CA PRO A 80 -24.14 -5.35 30.72
C PRO A 80 -24.49 -3.96 30.17
N HIS A 81 -25.21 -3.90 29.03
CA HIS A 81 -25.56 -2.67 28.30
C HIS A 81 -26.84 -2.88 27.49
N ASP A 82 -27.44 -1.79 27.01
CA ASP A 82 -28.63 -1.77 26.13
C ASP A 82 -29.76 -2.42 26.92
N PHE A 83 -30.09 -1.84 28.07
CA PHE A 83 -31.06 -2.40 29.03
C PHE A 83 -32.45 -2.10 28.53
N MET A 84 -33.37 -3.03 28.72
CA MET A 84 -34.80 -2.81 28.53
C MET A 84 -35.55 -3.36 29.75
N PHE A 85 -36.57 -2.63 30.21
CA PHE A 85 -37.41 -2.98 31.37
C PHE A 85 -38.78 -3.42 30.84
N VAL A 86 -39.24 -4.64 31.18
CA VAL A 86 -40.60 -5.12 30.78
C VAL A 86 -41.40 -5.47 32.05
N LYS A 87 -42.60 -4.91 32.20
CA LYS A 87 -43.44 -5.17 33.39
C LYS A 87 -43.95 -6.61 33.28
N ARG A 88 -43.92 -7.35 34.39
CA ARG A 88 -44.48 -8.73 34.53
C ARG A 88 -46.01 -8.69 34.49
N ASN A 89 -46.64 -7.79 35.25
CA ASN A 89 -48.12 -7.62 35.26
C ASN A 89 -48.78 -8.92 35.77
N ASP A 90 -48.21 -9.53 36.81
CA ASP A 90 -48.79 -10.72 37.49
C ASP A 90 -49.02 -10.37 38.96
N PRO A 91 -50.27 -10.00 39.36
CA PRO A 91 -50.55 -9.68 40.76
C PRO A 91 -49.98 -10.67 41.80
N ASP A 92 -49.85 -11.96 41.48
CA ASP A 92 -49.50 -13.00 42.48
C ASP A 92 -48.04 -13.42 42.39
N GLY A 93 -47.29 -12.94 41.38
CA GLY A 93 -45.87 -13.30 41.15
C GLY A 93 -44.93 -12.48 42.03
N PRO A 94 -43.69 -12.95 42.32
CA PRO A 94 -42.74 -12.17 43.10
C PRO A 94 -42.01 -11.02 42.37
N HIS A 95 -42.10 -10.91 41.04
CA HIS A 95 -41.19 -10.06 40.21
C HIS A 95 -41.97 -8.91 39.57
N SER A 96 -41.44 -7.68 39.63
CA SER A 96 -42.11 -6.46 39.08
C SER A 96 -41.82 -6.40 37.58
N ASP A 97 -40.62 -6.82 37.21
CA ASP A 97 -39.98 -6.47 35.92
C ASP A 97 -39.01 -7.58 35.54
N ARG A 98 -38.84 -7.76 34.25
CA ARG A 98 -37.70 -8.51 33.68
C ARG A 98 -36.86 -7.48 32.94
N ILE A 99 -35.54 -7.51 33.13
CA ILE A 99 -34.59 -6.64 32.38
C ILE A 99 -33.85 -7.52 31.38
N TYR A 100 -33.81 -7.04 30.14
CA TYR A 100 -33.04 -7.62 29.04
C TYR A 100 -31.82 -6.74 28.79
N TYR A 101 -30.67 -7.36 28.54
CA TYR A 101 -29.42 -6.63 28.22
C TYR A 101 -28.52 -7.51 27.36
N LEU A 102 -27.57 -6.87 26.70
CA LEU A 102 -26.42 -7.53 26.06
C LEU A 102 -25.26 -7.52 27.03
N ALA A 103 -24.49 -8.61 27.06
CA ALA A 103 -23.22 -8.72 27.81
C ALA A 103 -22.46 -9.95 27.31
N MET A 104 -21.17 -9.96 27.62
CA MET A 104 -20.28 -11.14 27.62
C MET A 104 -20.20 -11.65 29.07
N SER A 105 -20.50 -12.94 29.30
CA SER A 105 -20.43 -13.62 30.63
C SER A 105 -19.05 -13.43 31.30
N ASN A 108 -13.46 -13.98 27.08
CA ASN A 108 -13.55 -14.28 25.62
C ASN A 108 -14.81 -15.13 25.38
N ARG A 109 -15.95 -14.47 25.17
CA ARG A 109 -17.27 -15.09 24.88
C ARG A 109 -18.05 -14.19 23.92
N GLU A 110 -19.08 -14.73 23.27
CA GLU A 110 -19.97 -13.95 22.36
C GLU A 110 -20.75 -12.92 23.20
N ASN A 111 -20.83 -11.68 22.70
CA ASN A 111 -21.80 -10.68 23.18
C ASN A 111 -23.20 -11.19 22.80
N THR A 112 -24.07 -11.44 23.78
CA THR A 112 -25.44 -12.00 23.58
C THR A 112 -26.41 -11.43 24.63
N LEU A 113 -27.68 -11.79 24.47
CA LEU A 113 -28.86 -11.30 25.23
C LEU A 113 -29.09 -12.12 26.50
N PHE A 114 -29.13 -11.44 27.64
CA PHE A 114 -29.49 -12.02 28.95
C PHE A 114 -30.75 -11.33 29.47
N TYR A 115 -31.41 -11.97 30.43
CA TYR A 115 -32.45 -11.37 31.28
C TYR A 115 -32.16 -11.67 32.75
N SER A 116 -32.78 -10.87 33.62
CA SER A 116 -32.74 -10.98 35.09
C SER A 116 -34.12 -10.60 35.61
N GLU A 117 -34.51 -11.18 36.75
CA GLU A 117 -35.86 -10.98 37.33
C GLU A 117 -35.70 -9.87 38.36
N ILE A 118 -36.51 -8.80 38.31
CA ILE A 118 -36.53 -7.79 39.41
C ILE A 118 -37.60 -8.16 40.42
N PRO A 119 -37.22 -8.56 41.65
CA PRO A 119 -38.22 -8.85 42.69
C PRO A 119 -38.96 -7.58 43.18
N LYS A 120 -40.23 -7.77 43.52
CA LYS A 120 -41.12 -6.74 44.12
C LYS A 120 -40.57 -6.21 45.45
N THR A 121 -39.80 -7.01 46.18
CA THR A 121 -39.28 -6.67 47.54
C THR A 121 -37.92 -7.35 47.72
N ILE A 122 -37.07 -6.81 48.60
CA ILE A 122 -35.72 -7.35 48.87
C ILE A 122 -35.56 -7.51 50.38
N ASN A 123 -34.66 -8.41 50.78
CA ASN A 123 -34.00 -8.32 52.10
C ASN A 123 -33.11 -7.09 52.12
N ARG A 124 -33.59 -5.97 52.68
CA ARG A 124 -32.81 -4.72 52.84
C ARG A 124 -31.60 -4.93 53.75
N ALA A 125 -31.51 -6.04 54.48
CA ALA A 125 -30.28 -6.44 55.21
C ALA A 125 -29.20 -6.90 54.20
N ALA A 126 -29.51 -7.88 53.34
CA ALA A 126 -28.57 -8.51 52.37
C ALA A 126 -28.39 -7.61 51.13
N VAL A 127 -27.52 -8.07 50.20
CA VAL A 127 -27.23 -7.55 48.85
C VAL A 127 -27.63 -8.64 47.84
N LEU A 128 -28.61 -8.36 47.00
CA LEU A 128 -29.10 -9.31 45.97
C LEU A 128 -28.19 -9.18 44.74
N MET A 129 -27.44 -10.23 44.40
CA MET A 129 -26.70 -10.36 43.11
C MET A 129 -27.69 -10.90 42.08
N LEU A 130 -28.15 -10.10 41.12
CA LEU A 130 -29.07 -10.64 40.09
C LEU A 130 -28.31 -11.74 39.37
N SER A 131 -28.99 -12.82 39.01
CA SER A 131 -28.35 -13.89 38.20
C SER A 131 -28.68 -13.64 36.71
N TRP A 132 -27.72 -13.91 35.81
CA TRP A 132 -27.84 -13.74 34.32
C TRP A 132 -28.43 -15.01 33.69
N LYS A 133 -29.65 -14.92 33.15
CA LYS A 133 -30.31 -16.05 32.45
C LYS A 133 -30.18 -15.84 30.96
N PRO A 134 -29.48 -16.73 30.22
CA PRO A 134 -29.35 -16.60 28.77
C PRO A 134 -30.75 -16.60 28.15
N LEU A 135 -31.06 -15.66 27.25
CA LEU A 135 -32.35 -15.62 26.51
C LEU A 135 -32.30 -16.58 25.31
N LEU A 136 -31.11 -16.79 24.74
CA LEU A 136 -30.92 -17.48 23.44
C LEU A 136 -30.23 -18.84 23.64
N ASP A 137 -30.65 -19.82 22.84
CA ASP A 137 -29.95 -21.08 22.51
C ASP A 137 -28.96 -20.80 21.38
N LEU A 138 -27.72 -21.25 21.47
CA LEU A 138 -26.69 -21.04 20.41
C LEU A 138 -25.96 -22.36 20.13
N PHE A 139 -25.97 -22.85 18.88
CA PHE A 139 -25.08 -23.92 18.33
C PHE A 139 -24.77 -23.59 16.87
N VAL A 164 -18.38 -13.74 15.75
CA VAL A 164 -19.88 -13.59 15.82
C VAL A 164 -20.21 -12.71 17.05
N GLY A 165 -21.46 -12.76 17.55
CA GLY A 165 -21.95 -11.92 18.66
C GLY A 165 -23.15 -11.07 18.23
N ILE A 166 -23.91 -10.52 19.19
CA ILE A 166 -24.97 -9.50 18.93
C ILE A 166 -24.45 -8.16 19.47
N ALA A 167 -24.38 -7.14 18.61
CA ALA A 167 -23.87 -5.80 18.95
C ALA A 167 -25.02 -4.86 19.31
N SER A 168 -26.25 -5.16 18.86
CA SER A 168 -27.47 -4.38 19.14
C SER A 168 -28.71 -5.24 18.89
N TYR A 169 -29.88 -4.70 19.21
CA TYR A 169 -31.17 -5.41 19.07
C TYR A 169 -32.31 -4.40 19.10
N ASP A 170 -33.39 -4.77 18.44
CA ASP A 170 -34.63 -3.99 18.35
C ASP A 170 -35.67 -4.77 19.15
N TYR A 171 -36.73 -4.11 19.62
CA TYR A 171 -37.83 -4.74 20.40
C TYR A 171 -39.15 -4.04 20.06
N HIS A 172 -40.22 -4.81 20.00
CA HIS A 172 -41.60 -4.31 19.82
C HIS A 172 -42.43 -4.83 21.00
N GLN A 173 -42.82 -3.92 21.89
CA GLN A 173 -43.39 -4.23 23.23
C GLN A 173 -44.77 -4.83 23.03
N GLY A 174 -45.57 -4.26 22.11
CA GLY A 174 -46.89 -4.80 21.74
C GLY A 174 -46.89 -6.32 21.56
N SER A 175 -45.84 -6.89 20.94
CA SER A 175 -45.80 -8.28 20.44
C SER A 175 -44.76 -9.08 21.21
N GLY A 176 -43.75 -8.41 21.76
CA GLY A 176 -42.63 -9.08 22.47
C GLY A 176 -41.59 -9.59 21.49
N THR A 177 -41.54 -9.04 20.28
CA THR A 177 -40.63 -9.48 19.19
C THR A 177 -39.26 -8.83 19.35
N PHE A 178 -38.20 -9.64 19.52
CA PHE A 178 -36.77 -9.26 19.34
C PHE A 178 -36.29 -9.51 17.89
N LEU A 179 -35.50 -8.58 17.36
CA LEU A 179 -34.81 -8.67 16.04
C LEU A 179 -33.37 -8.28 16.25
N PHE A 180 -32.45 -9.06 15.75
CA PHE A 180 -31.01 -8.81 15.87
C PHE A 180 -30.26 -9.55 14.76
N GLN A 181 -29.17 -8.94 14.32
CA GLN A 181 -28.13 -9.54 13.45
C GLN A 181 -27.20 -10.32 14.38
N ALA A 182 -26.83 -11.54 13.99
CA ALA A 182 -25.84 -12.40 14.69
C ALA A 182 -24.96 -13.13 13.64
N GLY A 183 -23.87 -12.49 13.19
CA GLY A 183 -23.08 -12.93 12.02
C GLY A 183 -23.80 -12.58 10.72
N SER A 184 -23.86 -13.50 9.77
CA SER A 184 -24.53 -13.29 8.44
C SER A 184 -26.05 -13.25 8.61
N GLY A 185 -26.58 -13.89 9.66
CA GLY A 185 -28.02 -14.14 9.84
C GLY A 185 -28.75 -13.05 10.62
N ILE A 186 -29.98 -12.78 10.20
CA ILE A 186 -30.98 -12.00 10.98
C ILE A 186 -31.89 -12.99 11.69
N TYR A 187 -32.05 -12.83 13.00
CA TYR A 187 -32.89 -13.73 13.84
C TYR A 187 -33.94 -12.94 14.60
N HIS A 188 -34.99 -13.66 15.01
CA HIS A 188 -36.05 -13.16 15.91
C HIS A 188 -36.49 -14.24 16.90
N VAL A 189 -36.98 -13.78 18.06
CA VAL A 189 -37.54 -14.59 19.18
C VAL A 189 -38.59 -13.71 19.84
N LYS A 190 -39.46 -14.31 20.65
CA LYS A 190 -40.61 -13.64 21.30
C LYS A 190 -40.44 -13.89 22.79
N ASP A 191 -40.51 -12.83 23.59
CA ASP A 191 -40.54 -12.87 25.08
C ASP A 191 -41.13 -11.57 25.60
N GLY A 192 -42.05 -11.65 26.55
CA GLY A 192 -42.55 -10.53 27.36
C GLY A 192 -43.82 -9.89 26.82
N GLY A 193 -44.34 -10.40 25.71
CA GLY A 193 -45.57 -9.90 25.08
C GLY A 193 -46.79 -10.64 25.62
N PRO A 194 -47.89 -10.71 24.84
CA PRO A 194 -49.03 -11.55 25.17
C PRO A 194 -48.74 -13.05 25.42
N GLN A 195 -47.71 -13.60 24.79
CA GLN A 195 -47.41 -15.05 24.81
C GLN A 195 -46.71 -15.39 26.13
N GLY A 196 -46.21 -14.37 26.83
CA GLY A 196 -45.71 -14.51 28.21
C GLY A 196 -44.19 -14.60 28.28
N PHE A 197 -43.70 -15.10 29.40
CA PHE A 197 -42.27 -15.06 29.80
C PHE A 197 -41.72 -16.49 29.80
N THR A 198 -40.53 -16.65 29.22
CA THR A 198 -39.82 -17.96 29.13
C THR A 198 -39.09 -18.15 30.45
N GLN A 199 -38.92 -19.40 30.85
CA GLN A 199 -38.00 -19.84 31.95
C GLN A 199 -36.79 -20.56 31.33
N GLN A 200 -36.74 -20.66 29.99
CA GLN A 200 -35.62 -21.35 29.28
C GLN A 200 -35.13 -20.57 28.06
N PRO A 201 -33.86 -20.80 27.66
CA PRO A 201 -33.31 -20.17 26.46
C PRO A 201 -34.24 -20.42 25.28
N LEU A 202 -34.31 -19.45 24.37
CA LEU A 202 -35.23 -19.47 23.22
C LEU A 202 -34.39 -19.78 22.00
N ARG A 203 -34.98 -20.44 21.00
CA ARG A 203 -34.26 -20.75 19.73
C ARG A 203 -34.43 -19.56 18.78
N PRO A 204 -33.32 -18.95 18.33
CA PRO A 204 -33.38 -17.84 17.39
C PRO A 204 -33.92 -18.41 16.07
N ASN A 205 -34.92 -17.76 15.48
CA ASN A 205 -35.55 -18.07 14.18
C ASN A 205 -34.89 -17.24 13.07
N LEU A 206 -34.26 -17.91 12.10
CA LEU A 206 -33.61 -17.23 10.94
C LEU A 206 -34.70 -16.57 10.12
N VAL A 207 -34.49 -15.32 9.75
CA VAL A 207 -35.26 -14.64 8.67
C VAL A 207 -34.68 -15.12 7.34
N GLU A 208 -35.39 -16.02 6.67
CA GLU A 208 -35.00 -16.63 5.37
C GLU A 208 -34.91 -15.50 4.34
N THR A 209 -33.89 -15.57 3.48
CA THR A 209 -33.62 -14.57 2.42
C THR A 209 -33.25 -15.28 1.10
N SER A 210 -33.31 -14.56 -0.02
CA SER A 210 -32.78 -14.95 -1.36
C SER A 210 -31.57 -14.08 -1.70
N CYS A 211 -31.37 -13.02 -0.93
CA CYS A 211 -30.26 -12.06 -1.08
C CYS A 211 -28.93 -12.82 -1.00
N PRO A 212 -28.04 -12.64 -1.99
CA PRO A 212 -26.72 -13.28 -1.94
C PRO A 212 -25.82 -12.76 -0.80
N ASN A 213 -25.77 -11.45 -0.56
CA ASN A 213 -24.75 -10.83 0.33
C ASN A 213 -25.30 -10.67 1.76
N ILE A 214 -24.41 -10.49 2.72
CA ILE A 214 -24.73 -10.14 4.13
C ILE A 214 -25.77 -8.99 4.17
N ARG A 215 -26.88 -9.21 4.87
CA ARG A 215 -27.86 -8.14 5.22
C ARG A 215 -27.33 -7.37 6.44
N MET A 216 -27.55 -6.05 6.49
CA MET A 216 -27.07 -5.17 7.59
C MET A 216 -28.23 -4.36 8.18
N ASP A 217 -28.02 -3.87 9.40
CA ASP A 217 -28.87 -2.87 10.09
C ASP A 217 -30.36 -3.23 9.97
N PRO A 218 -30.76 -4.38 10.52
CA PRO A 218 -32.16 -4.80 10.52
C PRO A 218 -33.00 -4.06 11.60
N LYS A 219 -34.25 -3.70 11.25
CA LYS A 219 -35.14 -2.91 12.15
C LYS A 219 -36.58 -3.37 11.96
N LEU A 220 -37.28 -3.66 13.06
CA LEU A 220 -38.74 -3.89 13.11
C LEU A 220 -39.51 -2.63 12.72
N CYS A 221 -40.53 -2.79 11.88
CA CYS A 221 -41.61 -1.80 11.72
C CYS A 221 -42.36 -1.67 13.03
N PRO A 222 -42.28 -0.53 13.76
CA PRO A 222 -43.01 -0.41 15.02
C PRO A 222 -44.53 -0.47 14.83
N ALA A 223 -45.04 -0.07 13.66
CA ALA A 223 -46.49 -0.12 13.32
C ALA A 223 -46.99 -1.56 13.15
N ASP A 224 -46.11 -2.53 12.83
CA ASP A 224 -46.48 -3.93 12.50
C ASP A 224 -45.23 -4.81 12.58
N PRO A 225 -45.07 -5.61 13.66
CA PRO A 225 -43.86 -6.41 13.87
C PRO A 225 -43.67 -7.71 13.07
N ASP A 226 -44.53 -7.97 12.11
CA ASP A 226 -44.32 -9.02 11.08
C ASP A 226 -43.27 -8.52 10.09
N TRP A 227 -43.17 -7.20 9.92
CA TRP A 227 -42.31 -6.57 8.88
C TRP A 227 -41.00 -6.07 9.49
N ILE A 228 -39.89 -6.36 8.82
CA ILE A 228 -38.55 -5.79 9.10
C ILE A 228 -38.02 -5.14 7.82
N ALA A 229 -36.99 -4.30 7.97
CA ALA A 229 -36.20 -3.71 6.88
C ALA A 229 -34.76 -4.04 7.18
N PHE A 230 -33.96 -4.11 6.13
CA PHE A 230 -32.51 -4.28 6.25
C PHE A 230 -31.89 -3.70 4.99
N ILE A 231 -30.58 -3.64 4.99
CA ILE A 231 -29.77 -3.14 3.85
C ILE A 231 -29.03 -4.36 3.30
N HIS A 232 -28.94 -4.41 1.97
CA HIS A 232 -28.26 -5.43 1.13
C HIS A 232 -27.67 -4.69 -0.06
N SER A 233 -26.35 -4.77 -0.23
CA SER A 233 -25.60 -4.06 -1.28
C SER A 233 -26.16 -2.65 -1.47
N ASN A 234 -26.17 -1.89 -0.38
CA ASN A 234 -26.45 -0.43 -0.31
C ASN A 234 -27.84 -0.13 -0.88
N ASP A 235 -28.77 -1.06 -0.75
CA ASP A 235 -30.18 -0.77 -1.12
C ASP A 235 -31.03 -1.19 0.06
N ILE A 236 -32.25 -0.67 0.16
CA ILE A 236 -33.15 -1.00 1.30
C ILE A 236 -34.04 -2.16 0.84
N TRP A 237 -34.17 -3.20 1.66
CA TRP A 237 -35.09 -4.35 1.45
C TRP A 237 -36.05 -4.44 2.63
N ILE A 238 -37.23 -5.06 2.42
CA ILE A 238 -38.16 -5.49 3.50
C ILE A 238 -38.48 -6.99 3.36
N SER A 239 -38.84 -7.61 4.47
CA SER A 239 -39.08 -9.06 4.62
C SER A 239 -40.10 -9.26 5.74
N ASN A 240 -41.05 -10.16 5.53
CA ASN A 240 -42.18 -10.42 6.48
C ASN A 240 -41.86 -11.73 7.19
N ILE A 241 -41.61 -11.69 8.50
CA ILE A 241 -41.08 -12.86 9.26
C ILE A 241 -42.16 -13.93 9.49
N VAL A 242 -43.39 -13.76 8.99
CA VAL A 242 -44.46 -14.79 9.08
C VAL A 242 -44.73 -15.38 7.69
N THR A 243 -44.92 -14.55 6.66
CA THR A 243 -45.31 -14.96 5.28
C THR A 243 -44.05 -15.31 4.45
N ARG A 244 -42.88 -14.80 4.87
CA ARG A 244 -41.52 -14.94 4.24
C ARG A 244 -41.46 -14.15 2.93
N GLU A 245 -42.40 -13.24 2.69
CA GLU A 245 -42.33 -12.35 1.50
C GLU A 245 -41.14 -11.40 1.70
N GLU A 246 -40.27 -11.32 0.70
CA GLU A 246 -39.06 -10.48 0.61
C GLU A 246 -39.21 -9.59 -0.61
N ARG A 247 -38.82 -8.33 -0.50
CA ARG A 247 -39.08 -7.32 -1.55
C ARG A 247 -38.02 -6.23 -1.47
N ARG A 248 -37.38 -5.91 -2.58
CA ARG A 248 -36.36 -4.83 -2.71
C ARG A 248 -37.13 -3.52 -2.86
N LEU A 249 -36.75 -2.46 -2.13
CA LEU A 249 -37.48 -1.17 -2.13
C LEU A 249 -36.76 -0.14 -2.99
N THR A 250 -35.43 -0.22 -3.08
CA THR A 250 -34.60 0.82 -3.76
C THR A 250 -33.68 0.11 -4.74
N TYR A 251 -33.38 0.79 -5.86
CA TYR A 251 -32.70 0.25 -7.07
C TYR A 251 -31.56 1.20 -7.50
N VAL A 252 -30.76 1.64 -6.54
CA VAL A 252 -29.78 2.76 -6.67
C VAL A 252 -28.36 2.19 -6.87
N HIS A 253 -28.10 0.99 -6.34
CA HIS A 253 -26.78 0.31 -6.40
C HIS A 253 -26.86 -1.01 -7.19
N ASN A 254 -25.75 -1.41 -7.82
CA ASN A 254 -25.58 -2.67 -8.58
C ASN A 254 -24.28 -3.33 -8.10
N GLU A 255 -24.36 -4.47 -7.41
CA GLU A 255 -23.21 -5.16 -6.74
C GLU A 255 -22.13 -5.56 -7.77
N LEU A 256 -22.51 -5.77 -9.04
CA LEU A 256 -21.63 -6.33 -10.10
C LEU A 256 -20.79 -5.20 -10.73
N ALA A 257 -21.31 -3.97 -10.80
CA ALA A 257 -20.57 -2.75 -11.22
C ALA A 257 -19.54 -2.39 -10.15
N ASN A 258 -18.44 -1.74 -10.54
CA ASN A 258 -17.31 -1.35 -9.64
C ASN A 258 -17.59 0.02 -9.00
N MET A 259 -17.10 0.20 -7.76
CA MET A 259 -17.40 1.36 -6.88
C MET A 259 -16.82 2.66 -7.45
N GLU A 260 -16.01 2.61 -8.53
CA GLU A 260 -15.63 3.78 -9.36
C GLU A 260 -16.85 4.24 -10.19
N GLU A 261 -17.66 3.28 -10.65
CA GLU A 261 -18.83 3.49 -11.55
C GLU A 261 -20.10 3.66 -10.71
N ASP A 262 -20.33 2.79 -9.73
CA ASP A 262 -21.58 2.78 -8.90
C ASP A 262 -21.27 3.30 -7.49
N ALA A 263 -21.67 4.54 -7.19
CA ALA A 263 -21.38 5.25 -5.92
C ALA A 263 -22.65 5.90 -5.34
N ARG A 264 -23.82 5.31 -5.58
CA ARG A 264 -25.12 5.74 -4.98
C ARG A 264 -25.53 4.70 -3.94
N SER A 265 -26.11 5.13 -2.81
CA SER A 265 -26.57 4.21 -1.73
C SER A 265 -27.92 4.72 -1.21
N ALA A 266 -28.66 3.84 -0.56
CA ALA A 266 -30.00 4.12 -0.02
C ALA A 266 -30.06 3.55 1.40
N GLY A 267 -30.51 4.35 2.37
CA GLY A 267 -30.66 3.93 3.77
C GLY A 267 -29.34 3.66 4.49
N VAL A 268 -28.20 4.18 4.02
CA VAL A 268 -26.86 3.92 4.66
C VAL A 268 -26.15 5.23 4.93
N ALA A 269 -25.75 5.46 6.18
CA ALA A 269 -24.83 6.56 6.59
C ALA A 269 -23.46 6.34 5.92
N THR A 270 -23.01 7.33 5.18
CA THR A 270 -21.68 7.39 4.53
C THR A 270 -20.58 7.59 5.59
N PHE A 271 -19.33 7.51 5.15
CA PHE A 271 -18.14 7.42 6.05
C PHE A 271 -18.10 8.54 7.11
N VAL A 272 -18.26 9.79 6.70
CA VAL A 272 -18.03 10.95 7.60
C VAL A 272 -19.13 11.00 8.65
N LEU A 273 -20.34 10.59 8.29
CA LEU A 273 -21.47 10.62 9.25
C LEU A 273 -21.37 9.50 10.28
N GLN A 274 -20.77 8.39 9.88
CA GLN A 274 -20.50 7.31 10.84
C GLN A 274 -19.30 7.73 11.67
N GLU A 275 -18.26 8.27 11.06
CA GLU A 275 -16.96 8.41 11.76
C GLU A 275 -16.95 9.72 12.57
N GLU A 276 -17.65 10.79 12.14
CA GLU A 276 -17.44 12.15 12.71
C GLU A 276 -18.70 12.69 13.39
N PHE A 277 -19.82 11.96 13.34
CA PHE A 277 -21.14 12.36 13.90
C PHE A 277 -21.88 11.18 14.56
N ASP A 278 -21.29 9.98 14.53
CA ASP A 278 -21.85 8.73 15.13
C ASP A 278 -23.31 8.53 14.69
N ARG A 279 -23.61 8.73 13.41
CA ARG A 279 -24.91 8.28 12.86
C ARG A 279 -24.61 7.05 12.00
N TYR A 280 -25.23 5.93 12.37
CA TYR A 280 -24.90 4.58 11.85
C TYR A 280 -26.02 4.09 10.93
N SER A 281 -27.24 4.62 11.09
CA SER A 281 -28.40 4.25 10.24
C SER A 281 -28.74 5.41 9.31
N GLY A 282 -29.20 5.06 8.10
CA GLY A 282 -29.71 6.00 7.07
C GLY A 282 -31.15 5.78 6.66
N TYR A 283 -31.99 5.03 7.39
CA TYR A 283 -33.45 4.93 7.10
C TYR A 283 -34.24 4.84 8.40
N TRP A 284 -35.50 5.28 8.38
CA TRP A 284 -36.36 5.39 9.59
C TRP A 284 -37.79 4.98 9.24
N TRP A 285 -38.26 3.89 9.84
CA TRP A 285 -39.65 3.39 9.79
C TRP A 285 -40.59 4.45 10.38
N CYS A 286 -41.67 4.82 9.70
CA CYS A 286 -42.80 5.59 10.29
C CYS A 286 -43.41 4.73 11.40
N PRO A 287 -43.54 5.23 12.64
CA PRO A 287 -44.02 4.38 13.74
C PRO A 287 -45.51 4.01 13.70
N LYS A 288 -46.27 4.58 12.78
CA LYS A 288 -47.73 4.29 12.65
C LYS A 288 -48.05 3.85 11.22
N ALA A 289 -49.11 3.07 11.07
CA ALA A 289 -49.65 2.60 9.78
C ALA A 289 -50.88 3.45 9.43
N GLU A 290 -50.99 3.93 8.18
CA GLU A 290 -52.20 4.58 7.61
C GLU A 290 -53.09 3.50 6.94
N THR A 291 -54.20 3.09 7.57
CA THR A 291 -55.24 2.14 7.05
C THR A 291 -55.83 2.60 5.69
N THR A 292 -56.06 1.67 4.77
CA THR A 292 -56.72 1.95 3.46
C THR A 292 -58.23 1.76 3.60
N PRO A 293 -59.01 2.24 2.60
CA PRO A 293 -60.44 1.94 2.53
C PRO A 293 -60.67 0.43 2.41
N SER A 294 -59.72 -0.26 1.74
CA SER A 294 -59.75 -1.69 1.34
C SER A 294 -59.56 -2.64 2.54
N GLY A 295 -59.21 -2.14 3.73
CA GLY A 295 -58.85 -2.98 4.89
C GLY A 295 -57.35 -3.24 4.94
N GLY A 296 -56.61 -2.66 4.01
CA GLY A 296 -55.14 -2.73 3.97
C GLY A 296 -54.52 -1.67 4.85
N LYS A 297 -53.23 -1.38 4.63
CA LYS A 297 -52.55 -0.20 5.22
C LYS A 297 -51.37 0.23 4.35
N ILE A 298 -50.88 1.43 4.61
CA ILE A 298 -49.61 2.00 4.07
C ILE A 298 -48.62 2.07 5.23
N LEU A 299 -47.51 1.35 5.11
CA LEU A 299 -46.28 1.51 5.93
C LEU A 299 -45.35 2.49 5.21
N ARG A 300 -44.51 3.23 5.93
CA ARG A 300 -43.63 4.25 5.30
C ARG A 300 -42.21 4.14 5.85
N ILE A 301 -41.25 4.43 4.98
CA ILE A 301 -39.82 4.47 5.36
C ILE A 301 -39.27 5.78 4.82
N LEU A 302 -38.82 6.65 5.71
CA LEU A 302 -37.96 7.80 5.33
C LEU A 302 -36.54 7.27 5.24
N TYR A 303 -35.82 7.64 4.20
CA TYR A 303 -34.39 7.26 4.04
C TYR A 303 -33.63 8.38 3.38
N GLU A 304 -32.36 8.46 3.72
CA GLU A 304 -31.43 9.32 2.98
C GLU A 304 -30.96 8.53 1.76
N GLU A 305 -30.73 9.26 0.69
CA GLU A 305 -30.09 8.75 -0.55
C GLU A 305 -28.86 9.60 -0.78
N ASN A 306 -27.75 8.93 -1.05
CA ASN A 306 -26.42 9.55 -1.13
C ASN A 306 -25.90 9.24 -2.55
N ASP A 307 -25.43 10.28 -3.24
CA ASP A 307 -24.60 10.15 -4.46
C ASP A 307 -23.17 10.58 -4.11
N GLU A 308 -22.26 9.61 -4.07
CA GLU A 308 -20.84 9.82 -3.70
C GLU A 308 -19.92 9.96 -4.93
N SER A 309 -20.41 10.32 -6.11
CA SER A 309 -19.61 10.38 -7.38
C SER A 309 -18.42 11.35 -7.29
N GLU A 310 -18.68 12.62 -6.92
CA GLU A 310 -17.67 13.72 -6.84
C GLU A 310 -16.66 13.48 -5.70
N VAL A 311 -16.94 12.53 -4.81
CA VAL A 311 -16.11 12.38 -3.59
C VAL A 311 -14.83 11.64 -3.97
N GLU A 312 -13.70 12.13 -3.48
CA GLU A 312 -12.36 11.52 -3.57
C GLU A 312 -12.47 10.02 -3.25
N ILE A 313 -11.71 9.18 -3.96
CA ILE A 313 -11.56 7.75 -3.61
C ILE A 313 -10.19 7.59 -2.93
N ILE A 314 -10.04 6.59 -2.05
CA ILE A 314 -8.72 6.22 -1.49
C ILE A 314 -8.57 4.70 -1.51
N HIS A 315 -7.38 4.25 -1.88
CA HIS A 315 -7.00 2.81 -1.99
C HIS A 315 -6.20 2.44 -0.74
N VAL A 316 -6.58 1.35 -0.07
CA VAL A 316 -5.90 0.86 1.18
C VAL A 316 -5.79 -0.68 1.07
N THR A 317 -4.59 -1.16 0.72
CA THR A 317 -4.24 -2.57 0.33
C THR A 317 -5.41 -3.51 0.65
N ASP A 327 -10.17 -3.04 -0.06
CA ASP A 327 -10.81 -2.39 -1.25
C ASP A 327 -10.65 -0.86 -1.15
N SER A 328 -11.17 -0.14 -2.15
CA SER A 328 -11.23 1.35 -2.23
C SER A 328 -12.30 1.87 -1.26
N PHE A 329 -12.42 3.20 -1.11
CA PHE A 329 -13.63 3.84 -0.55
C PHE A 329 -13.57 5.38 -0.62
N ARG A 330 -14.73 5.97 -0.33
CA ARG A 330 -15.10 7.39 -0.57
C ARG A 330 -14.82 8.18 0.70
N TYR A 331 -13.82 9.07 0.66
CA TYR A 331 -13.30 9.86 1.81
C TYR A 331 -13.34 11.35 1.46
N PRO A 332 -14.32 12.13 1.94
CA PRO A 332 -14.30 13.57 1.67
C PRO A 332 -13.12 14.15 2.45
N LYS A 333 -12.01 14.43 1.75
CA LYS A 333 -10.84 15.19 2.26
C LYS A 333 -11.27 16.64 2.53
N THR A 334 -10.69 17.28 3.55
CA THR A 334 -11.00 18.69 3.90
C THR A 334 -10.95 19.52 2.61
N GLY A 335 -11.94 20.40 2.42
CA GLY A 335 -12.00 21.33 1.28
C GLY A 335 -12.49 20.68 -0.01
N THR A 336 -12.90 19.40 0.00
CA THR A 336 -13.37 18.67 -1.22
C THR A 336 -14.83 18.28 -0.99
N ALA A 337 -15.45 17.62 -1.97
CA ALA A 337 -16.92 17.49 -2.01
C ALA A 337 -17.38 16.41 -1.01
N ASN A 338 -18.43 16.74 -0.24
CA ASN A 338 -19.21 15.77 0.57
C ASN A 338 -20.18 15.09 -0.39
N PRO A 339 -20.77 13.94 -0.04
CA PRO A 339 -21.74 13.32 -0.92
C PRO A 339 -22.87 14.30 -1.21
N LYS A 340 -23.52 14.21 -2.38
CA LYS A 340 -24.84 14.85 -2.68
C LYS A 340 -25.91 14.03 -1.97
N VAL A 341 -26.80 14.68 -1.22
CA VAL A 341 -27.73 14.02 -0.25
C VAL A 341 -29.14 14.52 -0.58
N THR A 342 -30.13 13.65 -0.50
CA THR A 342 -31.53 14.07 -0.35
C THR A 342 -32.20 13.13 0.65
N PHE A 343 -33.46 13.44 0.99
CA PHE A 343 -34.42 12.52 1.66
C PHE A 343 -35.33 11.91 0.59
N LYS A 344 -35.73 10.66 0.80
CA LYS A 344 -36.72 9.92 -0.03
C LYS A 344 -37.76 9.27 0.89
N MET A 345 -38.89 8.85 0.34
CA MET A 345 -39.96 8.19 1.10
C MET A 345 -40.43 6.98 0.30
N SER A 346 -40.33 5.79 0.89
CA SER A 346 -40.90 4.52 0.38
C SER A 346 -42.27 4.34 1.01
N GLU A 347 -43.30 4.24 0.17
CA GLU A 347 -44.72 4.03 0.55
C GLU A 347 -45.12 2.60 0.16
N ILE A 348 -45.30 1.75 1.16
CA ILE A 348 -45.53 0.30 0.99
C ILE A 348 -46.99 0.01 1.31
N MET A 349 -47.77 -0.43 0.32
CA MET A 349 -49.21 -0.77 0.50
C MET A 349 -49.37 -2.27 0.80
N ILE A 350 -50.09 -2.61 1.87
CA ILE A 350 -50.30 -4.02 2.33
C ILE A 350 -51.80 -4.30 2.32
N ASP A 351 -52.20 -5.48 1.85
CA ASP A 351 -53.64 -5.90 1.83
C ASP A 351 -53.97 -6.39 3.23
N ALA A 352 -55.24 -6.74 3.48
CA ALA A 352 -55.76 -7.20 4.79
C ALA A 352 -54.97 -8.44 5.23
N GLU A 353 -54.42 -9.23 4.31
CA GLU A 353 -53.79 -10.54 4.64
C GLU A 353 -52.29 -10.35 4.91
N GLY A 354 -51.75 -9.13 4.74
CA GLY A 354 -50.36 -8.80 5.11
C GLY A 354 -49.38 -9.09 3.98
N ARG A 355 -49.88 -9.04 2.74
CA ARG A 355 -49.02 -9.18 1.53
C ARG A 355 -48.92 -7.82 0.84
N ILE A 356 -47.79 -7.62 0.15
CA ILE A 356 -47.49 -6.37 -0.59
C ILE A 356 -48.42 -6.30 -1.81
N ILE A 357 -49.22 -5.23 -1.91
CA ILE A 357 -49.93 -4.81 -3.17
C ILE A 357 -48.93 -4.02 -4.02
N ASP A 358 -48.36 -2.94 -3.46
CA ASP A 358 -47.51 -2.02 -4.26
C ASP A 358 -46.37 -1.46 -3.39
N VAL A 359 -45.35 -0.91 -4.06
CA VAL A 359 -44.26 -0.09 -3.48
C VAL A 359 -44.10 1.15 -4.36
N ILE A 360 -44.35 2.33 -3.82
CA ILE A 360 -44.14 3.63 -4.54
C ILE A 360 -42.93 4.33 -3.91
N ASP A 361 -41.84 4.50 -4.68
CA ASP A 361 -40.66 5.30 -4.28
C ASP A 361 -41.01 6.78 -4.43
N LYS A 362 -40.73 7.64 -3.44
CA LYS A 362 -41.18 9.06 -3.51
C LYS A 362 -40.01 10.01 -3.28
N GLU A 363 -40.04 11.17 -3.95
CA GLU A 363 -38.94 12.17 -3.93
C GLU A 363 -39.52 13.50 -3.44
N LEU A 364 -38.67 14.37 -2.90
CA LEU A 364 -39.07 15.71 -2.42
C LEU A 364 -39.68 16.49 -3.59
N ILE A 365 -40.76 17.22 -3.31
CA ILE A 365 -41.53 18.04 -4.30
C ILE A 365 -40.55 18.97 -5.03
N GLN A 366 -39.58 19.54 -4.32
CA GLN A 366 -38.46 20.33 -4.90
C GLN A 366 -37.14 19.72 -4.38
N PRO A 367 -36.02 19.97 -5.07
CA PRO A 367 -34.73 19.43 -4.63
C PRO A 367 -34.31 19.86 -3.21
N PHE A 368 -33.38 19.10 -2.63
CA PHE A 368 -32.91 19.25 -1.23
C PHE A 368 -32.28 20.63 -1.09
N GLU A 369 -31.46 21.05 -2.06
CA GLU A 369 -30.72 22.35 -2.05
C GLU A 369 -31.71 23.52 -2.00
N ILE A 370 -32.91 23.38 -2.60
CA ILE A 370 -33.99 24.42 -2.68
C ILE A 370 -34.76 24.47 -1.34
N LEU A 371 -35.26 23.33 -0.84
CA LEU A 371 -36.07 23.28 0.42
C LEU A 371 -35.21 23.62 1.65
N PHE A 372 -34.01 23.04 1.80
CA PHE A 372 -33.09 23.18 2.96
C PHE A 372 -31.76 23.84 2.55
N GLU A 373 -31.84 25.12 2.17
CA GLU A 373 -30.70 25.95 1.65
C GLU A 373 -29.54 25.94 2.64
N GLY A 374 -28.30 25.77 2.15
CA GLY A 374 -27.06 25.84 2.95
C GLY A 374 -26.79 24.57 3.77
N VAL A 375 -27.69 23.59 3.79
CA VAL A 375 -27.49 22.30 4.53
C VAL A 375 -26.45 21.41 3.81
N GLU A 376 -25.33 21.09 4.48
CA GLU A 376 -24.36 20.04 4.06
C GLU A 376 -24.75 18.66 4.63
N TYR A 377 -25.08 18.61 5.93
CA TYR A 377 -25.09 17.35 6.71
C TYR A 377 -26.50 17.09 7.26
N ILE A 378 -27.01 15.87 7.03
CA ILE A 378 -28.20 15.32 7.74
C ILE A 378 -27.65 14.63 8.97
N ALA A 379 -27.69 15.30 10.13
CA ALA A 379 -26.96 14.86 11.34
C ALA A 379 -27.79 13.79 12.08
N ARG A 380 -29.08 14.01 12.24
CA ARG A 380 -30.00 13.04 12.86
C ARG A 380 -31.33 13.13 12.12
N ALA A 381 -32.11 12.07 12.19
CA ALA A 381 -33.49 12.08 11.69
C ALA A 381 -34.26 11.01 12.43
N GLY A 382 -35.58 11.17 12.38
CA GLY A 382 -36.55 10.14 12.74
C GLY A 382 -37.95 10.65 12.53
N TRP A 383 -38.86 10.32 13.43
CA TRP A 383 -40.30 10.60 13.26
C TRP A 383 -40.86 11.23 14.53
N THR A 384 -41.92 12.03 14.42
CA THR A 384 -42.72 12.43 15.61
C THR A 384 -43.42 11.19 16.12
N PRO A 385 -43.77 11.13 17.43
CA PRO A 385 -44.27 9.90 18.05
C PRO A 385 -45.50 9.28 17.36
N GLU A 386 -46.39 10.10 16.79
CA GLU A 386 -47.63 9.67 16.08
C GLU A 386 -47.35 9.44 14.58
N GLY A 387 -46.18 9.79 14.06
CA GLY A 387 -45.83 9.53 12.66
C GLY A 387 -46.38 10.60 11.73
N LYS A 388 -46.85 11.72 12.26
CA LYS A 388 -47.46 12.77 11.42
C LYS A 388 -46.34 13.47 10.65
N TYR A 389 -45.15 13.55 11.23
CA TYR A 389 -44.00 14.22 10.58
C TYR A 389 -42.73 13.40 10.76
N ALA A 390 -41.89 13.45 9.73
CA ALA A 390 -40.43 13.22 9.83
C ALA A 390 -39.74 14.49 10.40
N TRP A 391 -38.75 14.29 11.24
CA TRP A 391 -37.86 15.39 11.72
C TRP A 391 -36.42 15.08 11.31
N SER A 392 -35.66 16.13 11.10
CA SER A 392 -34.21 16.07 10.84
C SER A 392 -33.50 17.20 11.57
N ILE A 393 -32.27 16.94 11.98
CA ILE A 393 -31.31 17.95 12.51
C ILE A 393 -30.24 18.17 11.44
N LEU A 394 -30.26 19.36 10.85
CA LEU A 394 -29.52 19.70 9.60
C LEU A 394 -28.46 20.75 9.93
N LEU A 395 -27.25 20.52 9.41
CA LEU A 395 -26.03 21.33 9.64
C LEU A 395 -25.61 21.93 8.30
N ASP A 396 -25.12 23.17 8.34
CA ASP A 396 -24.38 23.81 7.23
C ASP A 396 -22.99 23.22 7.23
N ARG A 397 -22.20 23.50 6.20
CA ARG A 397 -20.85 22.93 6.02
C ARG A 397 -19.89 23.41 7.13
N SER A 398 -20.02 24.65 7.55
CA SER A 398 -19.13 25.25 8.57
C SER A 398 -19.49 24.68 9.94
N GLN A 399 -20.68 24.08 10.06
CA GLN A 399 -21.20 23.43 11.31
C GLN A 399 -21.38 24.49 12.43
N THR A 400 -21.79 25.70 12.03
CA THR A 400 -22.12 26.83 12.93
C THR A 400 -23.61 27.16 12.83
N ARG A 401 -24.37 26.51 11.95
CA ARG A 401 -25.85 26.65 11.92
C ARG A 401 -26.51 25.27 12.09
N LEU A 402 -27.38 25.14 13.08
CA LEU A 402 -28.20 23.92 13.29
C LEU A 402 -29.66 24.32 13.14
N GLN A 403 -30.40 23.55 12.34
CA GLN A 403 -31.87 23.61 12.22
C GLN A 403 -32.46 22.25 12.61
N ILE A 404 -33.58 22.30 13.32
CA ILE A 404 -34.52 21.16 13.47
C ILE A 404 -35.67 21.43 12.51
N VAL A 405 -35.98 20.48 11.64
CA VAL A 405 -37.01 20.67 10.59
C VAL A 405 -38.00 19.52 10.60
N LEU A 406 -39.30 19.83 10.56
CA LEU A 406 -40.40 18.86 10.34
C LEU A 406 -40.67 18.70 8.84
N ILE A 407 -40.88 17.46 8.43
CA ILE A 407 -41.03 17.09 7.00
C ILE A 407 -42.26 16.20 6.91
N SER A 408 -43.40 16.78 6.58
CA SER A 408 -44.67 16.05 6.27
C SER A 408 -44.43 15.09 5.11
N PRO A 409 -44.93 13.84 5.18
CA PRO A 409 -44.87 12.91 4.05
C PRO A 409 -45.54 13.43 2.76
N GLU A 410 -46.36 14.49 2.86
CA GLU A 410 -47.02 15.15 1.71
C GLU A 410 -46.02 15.98 0.90
N LEU A 411 -44.81 16.22 1.42
CA LEU A 411 -43.73 16.89 0.63
C LEU A 411 -43.17 15.94 -0.44
N PHE A 412 -43.44 14.64 -0.36
CA PHE A 412 -42.88 13.63 -1.31
C PHE A 412 -43.95 13.27 -2.35
N ILE A 413 -43.56 13.18 -3.61
CA ILE A 413 -44.42 12.68 -4.73
C ILE A 413 -43.74 11.48 -5.38
N PRO A 414 -44.51 10.58 -6.03
CA PRO A 414 -43.92 9.47 -6.78
C PRO A 414 -42.78 9.93 -7.71
N VAL A 415 -41.74 9.08 -7.86
CA VAL A 415 -40.70 9.22 -8.92
C VAL A 415 -41.42 8.94 -10.24
N GLU A 416 -41.52 9.90 -11.15
CA GLU A 416 -42.31 9.72 -12.41
C GLU A 416 -41.53 10.28 -13.61
N ASP A 417 -41.37 9.42 -14.63
CA ASP A 417 -40.54 9.62 -15.86
C ASP A 417 -41.27 10.53 -16.86
N ASP A 418 -42.59 10.39 -16.99
CA ASP A 418 -43.47 11.24 -17.83
C ASP A 418 -43.52 12.65 -17.22
N VAL A 419 -43.00 13.66 -17.91
CA VAL A 419 -42.75 15.01 -17.33
C VAL A 419 -44.05 15.85 -17.30
N MET A 420 -45.14 15.38 -17.94
CA MET A 420 -46.48 16.04 -17.85
C MET A 420 -47.23 15.46 -16.63
N GLU A 421 -47.21 14.14 -16.48
CA GLU A 421 -47.80 13.40 -15.34
C GLU A 421 -47.15 13.91 -14.04
N ARG A 422 -45.83 14.20 -14.07
CA ARG A 422 -45.02 14.69 -12.94
C ARG A 422 -45.48 16.11 -12.56
N GLN A 423 -45.63 16.96 -13.57
CA GLN A 423 -46.20 18.33 -13.44
C GLN A 423 -47.53 18.26 -12.67
N ARG A 424 -48.38 17.28 -13.00
CA ARG A 424 -49.73 17.16 -12.38
C ARG A 424 -49.57 16.77 -10.91
N LEU A 425 -48.57 15.95 -10.56
CA LEU A 425 -48.28 15.54 -9.16
C LEU A 425 -47.75 16.75 -8.36
N ILE A 426 -46.94 17.60 -8.99
CA ILE A 426 -46.40 18.86 -8.39
C ILE A 426 -47.56 19.81 -7.99
N GLU A 427 -48.52 20.05 -8.89
CA GLU A 427 -49.65 21.00 -8.66
C GLU A 427 -50.64 20.43 -7.64
N SER A 428 -50.74 19.09 -7.55
CA SER A 428 -51.74 18.36 -6.72
C SER A 428 -51.50 18.56 -5.22
N VAL A 429 -50.27 18.93 -4.81
CA VAL A 429 -49.91 19.21 -3.38
C VAL A 429 -50.09 20.71 -3.10
N PRO A 430 -50.84 21.08 -2.04
CA PRO A 430 -51.03 22.49 -1.68
C PRO A 430 -49.74 23.26 -1.35
N ASP A 431 -49.79 24.58 -1.51
CA ASP A 431 -48.66 25.51 -1.22
C ASP A 431 -48.49 25.66 0.30
N SER A 432 -49.52 25.27 1.07
CA SER A 432 -49.55 25.29 2.55
C SER A 432 -48.64 24.20 3.14
N VAL A 433 -48.23 23.22 2.32
CA VAL A 433 -47.41 22.05 2.73
C VAL A 433 -45.95 22.37 2.43
N THR A 434 -45.14 22.51 3.47
CA THR A 434 -43.83 23.24 3.43
C THR A 434 -42.91 22.69 4.52
N PRO A 435 -41.58 22.69 4.34
CA PRO A 435 -40.68 22.31 5.45
C PRO A 435 -40.95 23.22 6.65
N LEU A 436 -40.87 22.69 7.87
CA LEU A 436 -41.15 23.49 9.09
C LEU A 436 -39.90 23.55 9.98
N ILE A 437 -39.15 24.65 9.87
CA ILE A 437 -37.96 24.87 10.73
C ILE A 437 -38.47 25.31 12.08
N ILE A 438 -38.55 24.39 13.02
CA ILE A 438 -39.14 24.61 14.37
C ILE A 438 -38.05 25.10 15.34
N TYR A 439 -36.79 25.08 14.92
CA TYR A 439 -35.67 25.55 15.76
C TYR A 439 -34.48 25.88 14.85
N GLU A 440 -33.81 27.00 15.10
CA GLU A 440 -32.55 27.40 14.41
C GLU A 440 -31.61 28.08 15.41
N GLU A 441 -30.32 27.78 15.33
CA GLU A 441 -29.29 28.30 16.26
C GLU A 441 -28.00 28.44 15.46
N THR A 442 -27.12 29.34 15.92
CA THR A 442 -25.80 29.69 15.33
C THR A 442 -24.81 29.92 16.47
N THR A 443 -23.52 29.75 16.20
CA THR A 443 -22.42 29.94 17.16
C THR A 443 -21.17 30.39 16.39
N ASP A 444 -20.23 31.03 17.06
CA ASP A 444 -18.96 31.44 16.41
C ASP A 444 -17.90 30.40 16.77
N ILE A 445 -18.28 29.38 17.54
CA ILE A 445 -17.35 28.26 17.86
C ILE A 445 -17.75 27.06 17.00
N TRP A 446 -18.52 26.10 17.52
CA TRP A 446 -19.01 25.01 16.64
C TRP A 446 -20.28 24.39 17.21
N ILE A 447 -21.07 23.79 16.33
CA ILE A 447 -22.18 22.91 16.77
C ILE A 447 -21.64 21.51 17.06
N ASN A 448 -21.85 21.05 18.30
CA ASN A 448 -21.58 19.66 18.76
C ASN A 448 -22.87 18.86 18.62
N ILE A 449 -22.97 17.92 17.68
CA ILE A 449 -24.24 17.15 17.49
C ILE A 449 -24.39 16.19 18.67
N HIS A 450 -25.61 15.99 19.17
CA HIS A 450 -25.91 15.13 20.33
C HIS A 450 -27.16 14.31 20.03
N ASP A 451 -27.51 13.39 20.92
CA ASP A 451 -28.59 12.41 20.70
C ASP A 451 -29.81 12.82 21.52
N ILE A 452 -29.86 14.05 22.05
CA ILE A 452 -31.02 14.52 22.87
C ILE A 452 -32.03 15.29 21.99
N PHE A 453 -33.23 14.72 21.81
CA PHE A 453 -34.39 15.38 21.16
C PHE A 453 -35.67 14.60 21.51
N HIS A 454 -36.60 15.21 22.26
CA HIS A 454 -37.84 14.55 22.71
C HIS A 454 -39.06 15.37 22.29
N VAL A 455 -39.98 14.74 21.56
CA VAL A 455 -41.19 15.39 20.99
C VAL A 455 -42.37 14.98 21.87
N PHE A 456 -43.10 15.95 22.44
CA PHE A 456 -44.28 15.65 23.28
C PHE A 456 -45.42 15.33 22.33
N PRO A 457 -46.43 14.56 22.75
CA PRO A 457 -47.63 14.37 21.92
C PRO A 457 -48.15 15.73 21.47
N GLN A 458 -48.52 15.90 20.20
CA GLN A 458 -49.20 17.14 19.76
C GLN A 458 -50.57 17.18 20.42
N SER A 459 -51.00 18.33 20.94
CA SER A 459 -52.37 18.55 21.49
C SER A 459 -53.14 19.58 20.65
N HIS A 460 -52.47 20.21 19.69
CA HIS A 460 -53.05 21.20 18.73
C HIS A 460 -52.28 21.09 17.41
N GLU A 461 -52.96 21.26 16.28
CA GLU A 461 -52.38 21.05 14.92
C GLU A 461 -51.36 22.14 14.58
N GLU A 462 -51.39 23.30 15.26
CA GLU A 462 -50.57 24.49 14.92
C GLU A 462 -49.37 24.64 15.89
N GLU A 463 -49.18 23.72 16.84
CA GLU A 463 -48.08 23.79 17.84
C GLU A 463 -47.39 22.42 17.99
N ILE A 464 -46.06 22.45 18.14
CA ILE A 464 -45.23 21.31 18.60
C ILE A 464 -44.41 21.75 19.80
N GLU A 465 -44.31 20.87 20.79
CA GLU A 465 -43.61 21.10 22.07
C GLU A 465 -42.50 20.05 22.18
N PHE A 466 -41.28 20.42 22.50
CA PHE A 466 -40.14 19.47 22.53
C PHE A 466 -39.06 19.94 23.50
N ILE A 467 -38.29 18.97 24.00
CA ILE A 467 -37.04 19.24 24.76
C ILE A 467 -35.87 19.04 23.81
N PHE A 468 -34.93 19.99 23.80
CA PHE A 468 -33.65 19.95 23.05
C PHE A 468 -32.56 20.42 24.01
N ALA A 469 -31.31 20.17 23.64
CA ALA A 469 -30.12 20.60 24.40
C ALA A 469 -29.28 21.47 23.46
N SER A 470 -28.57 22.45 24.01
CA SER A 470 -27.76 23.42 23.23
C SER A 470 -26.75 24.13 24.11
N GLU A 471 -25.60 24.45 23.51
CA GLU A 471 -24.49 25.23 24.11
C GLU A 471 -24.63 26.70 23.68
N CYS A 472 -25.46 26.97 22.68
CA CYS A 472 -25.42 28.21 21.86
C CYS A 472 -25.95 29.40 22.67
N LYS A 473 -26.69 29.15 23.74
CA LYS A 473 -27.24 30.24 24.59
C LYS A 473 -26.19 30.76 25.60
N THR A 474 -25.52 29.91 26.36
CA THR A 474 -24.67 30.29 27.51
C THR A 474 -23.25 29.77 27.39
N GLY A 475 -22.98 28.85 26.45
CA GLY A 475 -21.68 28.17 26.29
C GLY A 475 -21.54 26.86 27.06
N PHE A 476 -22.57 26.45 27.81
CA PHE A 476 -22.65 25.12 28.48
C PHE A 476 -23.94 24.46 27.98
N ARG A 477 -23.89 23.14 27.71
CA ARG A 477 -25.03 22.41 27.08
C ARG A 477 -26.13 22.25 28.15
N HIS A 478 -27.30 22.83 27.92
CA HIS A 478 -28.44 22.82 28.87
C HIS A 478 -29.69 22.31 28.13
N LEU A 479 -30.69 21.85 28.89
CA LEU A 479 -31.98 21.41 28.35
C LEU A 479 -32.93 22.60 28.24
N TYR A 480 -33.59 22.74 27.10
CA TYR A 480 -34.59 23.81 26.82
C TYR A 480 -35.89 23.12 26.40
N LYS A 481 -37.00 23.52 27.01
CA LYS A 481 -38.36 23.10 26.61
C LYS A 481 -38.87 24.17 25.66
N ILE A 482 -39.26 23.77 24.46
CA ILE A 482 -39.58 24.72 23.36
C ILE A 482 -40.97 24.37 22.84
N THR A 483 -41.76 25.41 22.60
CA THR A 483 -43.02 25.38 21.82
C THR A 483 -42.81 26.29 20.60
N SER A 484 -42.94 25.71 19.39
CA SER A 484 -42.81 26.41 18.09
C SER A 484 -44.19 26.42 17.42
N ILE A 485 -44.53 27.50 16.72
CA ILE A 485 -45.86 27.67 16.04
C ILE A 485 -45.70 27.18 14.59
N LEU A 486 -46.57 26.28 14.14
CA LEU A 486 -46.55 25.72 12.76
C LEU A 486 -47.55 26.48 11.88
N LYS A 487 -47.15 27.61 11.29
CA LYS A 487 -48.07 28.41 10.44
C LYS A 487 -47.64 28.31 8.99
N GLU A 488 -48.56 28.63 8.08
CA GLU A 488 -48.31 28.71 6.61
C GLU A 488 -47.07 29.57 6.34
N SER A 489 -46.21 29.11 5.44
CA SER A 489 -45.11 29.90 4.81
C SER A 489 -45.72 31.06 4.03
N LYS A 490 -45.01 32.18 3.89
CA LYS A 490 -45.33 33.25 2.90
C LYS A 490 -45.00 32.71 1.49
N TYR A 491 -44.03 31.80 1.41
CA TYR A 491 -43.64 31.09 0.15
C TYR A 491 -44.80 30.23 -0.37
N LYS A 492 -45.34 30.64 -1.52
CA LYS A 492 -46.31 29.86 -2.31
C LYS A 492 -45.56 29.37 -3.56
N ARG A 493 -45.41 28.05 -3.69
CA ARG A 493 -44.71 27.36 -4.79
C ARG A 493 -45.40 27.61 -6.13
N SER A 494 -46.71 27.88 -6.08
CA SER A 494 -47.55 28.18 -7.26
C SER A 494 -46.97 29.41 -8.00
N SER A 495 -46.54 30.44 -7.26
CA SER A 495 -46.02 31.71 -7.83
C SER A 495 -44.79 31.45 -8.72
N GLY A 496 -44.23 30.25 -8.70
CA GLY A 496 -43.14 29.87 -9.63
C GLY A 496 -41.81 30.45 -9.18
N GLY A 497 -41.75 31.06 -7.98
CA GLY A 497 -40.51 31.62 -7.45
C GLY A 497 -39.74 30.63 -6.59
N LEU A 498 -38.60 31.05 -6.05
CA LEU A 498 -37.76 30.18 -5.18
C LEU A 498 -37.79 30.75 -3.77
N PRO A 499 -37.79 29.87 -2.74
CA PRO A 499 -37.96 30.30 -1.34
C PRO A 499 -36.83 31.22 -0.88
N ALA A 500 -37.20 32.25 -0.13
CA ALA A 500 -36.29 33.19 0.55
C ALA A 500 -35.69 32.49 1.76
N PRO A 501 -34.50 32.92 2.22
CA PRO A 501 -33.75 32.20 3.24
C PRO A 501 -34.44 31.86 4.58
N SER A 502 -35.60 32.44 4.91
CA SER A 502 -36.31 32.21 6.20
C SER A 502 -37.82 32.02 6.00
N ASP A 503 -38.26 31.58 4.84
CA ASP A 503 -39.70 31.38 4.53
C ASP A 503 -40.29 30.21 5.33
N PHE A 504 -39.46 29.29 5.84
CA PHE A 504 -39.93 28.08 6.57
C PHE A 504 -39.66 28.22 8.08
N LYS A 505 -39.07 29.32 8.54
CA LYS A 505 -38.87 29.59 10.00
C LYS A 505 -40.22 29.67 10.71
N CYS A 506 -40.38 28.85 11.75
CA CYS A 506 -41.56 28.84 12.65
C CYS A 506 -41.27 29.85 13.75
N PRO A 507 -42.24 30.71 14.15
CA PRO A 507 -42.06 31.55 15.33
C PRO A 507 -41.93 30.61 16.53
N ILE A 508 -41.19 31.06 17.54
CA ILE A 508 -41.06 30.43 18.88
C ILE A 508 -42.12 31.04 19.81
N LYS A 509 -43.09 30.26 20.28
CA LYS A 509 -44.10 30.76 21.24
C LYS A 509 -43.46 30.88 22.64
N GLU A 510 -42.70 29.85 23.06
CA GLU A 510 -42.03 29.77 24.39
C GLU A 510 -40.69 29.02 24.25
N GLU A 511 -39.66 29.48 24.97
CA GLU A 511 -38.35 28.81 25.15
C GLU A 511 -37.92 28.94 26.61
N ILE A 512 -37.86 27.83 27.35
CA ILE A 512 -37.53 27.84 28.81
C ILE A 512 -36.31 26.96 29.04
N ALA A 513 -35.38 27.49 29.83
CA ALA A 513 -34.22 26.78 30.39
C ALA A 513 -34.71 25.83 31.48
N ILE A 514 -34.43 24.54 31.32
CA ILE A 514 -34.79 23.50 32.31
C ILE A 514 -33.63 23.35 33.27
N THR A 515 -32.42 23.59 32.76
CA THR A 515 -31.17 23.54 33.56
C THR A 515 -30.33 24.77 33.23
N SER A 516 -29.38 25.12 34.10
CA SER A 516 -28.42 26.22 33.84
C SER A 516 -27.22 26.08 34.76
N GLY A 517 -26.15 26.84 34.46
CA GLY A 517 -24.96 26.92 35.32
C GLY A 517 -23.69 26.60 34.56
N GLU A 518 -22.54 26.62 35.26
CA GLU A 518 -21.16 26.41 34.74
C GLU A 518 -20.84 24.90 34.70
N TRP A 519 -21.66 24.14 33.99
CA TRP A 519 -21.54 22.66 33.90
C TRP A 519 -22.46 22.20 32.78
N GLU A 520 -22.35 20.95 32.31
CA GLU A 520 -23.03 20.52 31.06
C GLU A 520 -23.89 19.26 31.27
N VAL A 521 -24.98 19.20 30.53
CA VAL A 521 -25.78 17.96 30.29
C VAL A 521 -25.03 17.14 29.23
N LEU A 522 -24.91 15.82 29.40
CA LEU A 522 -24.24 14.96 28.39
C LEU A 522 -25.29 14.40 27.42
N GLY A 523 -24.96 14.35 26.13
CA GLY A 523 -25.89 13.82 25.12
C GLY A 523 -25.21 12.95 24.06
N ARG A 524 -24.05 12.37 24.35
CA ARG A 524 -23.19 11.64 23.38
C ARG A 524 -22.72 10.32 24.03
N HIS A 525 -22.41 9.30 23.23
CA HIS A 525 -21.86 7.98 23.69
C HIS A 525 -22.79 7.24 24.66
N GLY A 526 -24.10 7.24 24.45
CA GLY A 526 -25.07 6.54 25.34
C GLY A 526 -25.80 7.48 26.29
N SER A 527 -25.20 8.62 26.61
CA SER A 527 -25.82 9.70 27.42
C SER A 527 -27.06 10.27 26.72
N ASN A 528 -28.21 10.22 27.41
CA ASN A 528 -29.49 10.80 26.92
C ASN A 528 -30.37 11.23 28.10
N ILE A 529 -31.60 11.62 27.78
CA ILE A 529 -32.67 11.96 28.77
C ILE A 529 -33.74 10.87 28.78
N GLN A 530 -34.46 10.77 29.88
CA GLN A 530 -35.72 9.99 29.99
C GLN A 530 -36.77 10.97 30.53
N VAL A 531 -37.82 11.16 29.75
CA VAL A 531 -38.91 12.11 30.05
C VAL A 531 -40.07 11.32 30.69
N ASP A 532 -40.44 11.69 31.93
CA ASP A 532 -41.63 11.20 32.67
C ASP A 532 -42.77 12.18 32.45
N GLU A 533 -43.70 11.85 31.54
CA GLU A 533 -44.82 12.73 31.08
C GLU A 533 -45.99 12.68 32.05
N VAL A 534 -45.98 11.76 33.03
CA VAL A 534 -47.00 11.75 34.13
C VAL A 534 -46.56 12.71 35.24
N ARG A 535 -45.30 12.63 35.68
CA ARG A 535 -44.79 13.47 36.80
C ARG A 535 -44.19 14.76 36.22
N ARG A 536 -43.97 14.83 34.90
CA ARG A 536 -43.44 16.03 34.17
C ARG A 536 -42.01 16.29 34.63
N LEU A 537 -41.24 15.22 34.72
CA LEU A 537 -39.80 15.21 35.08
C LEU A 537 -38.98 14.82 33.84
N VAL A 538 -37.71 15.25 33.79
CA VAL A 538 -36.69 14.70 32.88
C VAL A 538 -35.47 14.28 33.70
N TYR A 539 -34.99 13.05 33.50
CA TYR A 539 -33.71 12.51 34.01
C TYR A 539 -32.65 12.81 32.94
N PHE A 540 -31.43 13.13 33.38
CA PHE A 540 -30.32 13.62 32.51
C PHE A 540 -29.04 13.32 33.28
N GLU A 541 -27.91 13.21 32.58
CA GLU A 541 -26.55 13.06 33.18
C GLU A 541 -25.80 14.38 32.95
N GLY A 542 -24.96 14.76 33.91
CA GLY A 542 -24.29 16.06 33.86
C GLY A 542 -23.06 16.11 34.72
N THR A 543 -22.33 17.22 34.57
CA THR A 543 -21.07 17.54 35.26
C THR A 543 -21.32 18.53 36.41
N LYS A 544 -22.56 18.68 36.89
CA LYS A 544 -22.92 19.75 37.86
C LYS A 544 -22.07 19.67 39.13
N ASP A 545 -21.88 18.47 39.66
CA ASP A 545 -21.12 18.20 40.90
C ASP A 545 -19.62 18.35 40.63
N SER A 546 -19.15 18.06 39.43
CA SER A 546 -17.69 17.99 39.17
C SER A 546 -17.43 17.70 37.71
N PRO A 547 -16.41 18.32 37.13
CA PRO A 547 -16.09 18.07 35.73
C PRO A 547 -15.45 16.68 35.61
N LEU A 548 -15.16 16.02 36.74
CA LEU A 548 -14.37 14.75 36.84
C LEU A 548 -15.29 13.53 37.07
N GLU A 549 -16.59 13.74 37.29
CA GLU A 549 -17.57 12.65 37.47
C GLU A 549 -18.82 13.04 36.69
N HIS A 550 -19.34 12.10 35.87
CA HIS A 550 -20.72 12.12 35.37
C HIS A 550 -21.64 11.63 36.50
N HIS A 551 -22.74 12.34 36.76
CA HIS A 551 -23.82 11.93 37.71
C HIS A 551 -25.19 11.93 37.03
N LEU A 552 -26.13 11.16 37.59
CA LEU A 552 -27.56 11.16 37.18
C LEU A 552 -28.33 12.18 38.02
N TYR A 553 -29.22 12.94 37.37
CA TYR A 553 -30.00 14.06 37.93
C TYR A 553 -31.45 14.00 37.44
N VAL A 554 -32.38 14.59 38.22
CA VAL A 554 -33.79 14.82 37.77
C VAL A 554 -34.22 16.24 38.16
N VAL A 555 -35.06 16.83 37.30
CA VAL A 555 -35.58 18.21 37.39
C VAL A 555 -36.96 18.23 36.71
N SER A 556 -37.84 19.13 37.11
CA SER A 556 -39.20 19.28 36.53
C SER A 556 -39.00 20.01 35.21
N TYR A 557 -39.74 19.68 34.14
CA TYR A 557 -39.63 20.47 32.90
C TYR A 557 -40.74 21.54 32.90
N VAL A 558 -41.59 21.64 33.93
CA VAL A 558 -42.76 22.58 33.88
C VAL A 558 -42.46 23.80 34.75
N ASN A 559 -41.98 23.61 35.98
CA ASN A 559 -41.49 24.76 36.77
C ASN A 559 -40.07 24.42 37.18
N PRO A 560 -39.10 24.52 36.25
CA PRO A 560 -37.72 24.14 36.54
C PRO A 560 -37.28 24.82 37.83
N GLY A 561 -36.83 24.05 38.81
CA GLY A 561 -36.17 24.59 40.02
C GLY A 561 -35.06 23.68 40.48
N GLU A 562 -35.24 23.08 41.66
CA GLU A 562 -34.35 22.06 42.27
C GLU A 562 -33.92 20.99 41.25
N VAL A 563 -32.61 20.79 41.09
CA VAL A 563 -32.02 19.57 40.48
C VAL A 563 -31.60 18.61 41.61
N THR A 564 -32.16 17.40 41.66
CA THR A 564 -31.72 16.29 42.55
C THR A 564 -30.66 15.41 41.87
N ARG A 565 -29.47 15.30 42.47
CA ARG A 565 -28.44 14.31 42.12
C ARG A 565 -28.93 12.94 42.59
N LEU A 566 -29.04 11.94 41.69
CA LEU A 566 -29.55 10.59 42.06
C LEU A 566 -28.39 9.61 42.29
N THR A 567 -27.20 9.87 41.77
CA THR A 567 -26.04 8.95 41.94
C THR A 567 -25.15 9.48 43.06
N ASP A 568 -24.29 8.64 43.63
CA ASP A 568 -23.45 8.97 44.82
C ASP A 568 -22.09 9.55 44.38
N ARG A 569 -21.65 10.62 45.06
CA ARG A 569 -20.32 11.27 44.84
C ARG A 569 -19.22 10.25 45.14
N GLY A 570 -18.04 10.46 44.55
CA GLY A 570 -16.86 9.60 44.73
C GLY A 570 -16.82 8.54 43.66
N TYR A 571 -17.77 8.56 42.73
CA TYR A 571 -17.78 7.71 41.52
C TYR A 571 -18.19 8.56 40.32
N SER A 572 -17.77 8.13 39.14
CA SER A 572 -18.34 8.55 37.83
C SER A 572 -19.33 7.49 37.35
N HIS A 573 -20.54 7.93 36.97
CA HIS A 573 -21.71 7.06 36.63
C HIS A 573 -21.99 7.16 35.13
N SER A 574 -22.36 6.04 34.52
CA SER A 574 -22.99 5.99 33.19
C SER A 574 -24.28 5.23 33.38
N CYS A 575 -25.43 5.83 33.07
CA CYS A 575 -26.73 5.28 33.54
C CYS A 575 -27.71 5.15 32.39
N CYS A 576 -28.76 4.40 32.66
CA CYS A 576 -30.04 4.51 31.95
C CYS A 576 -31.19 4.31 32.93
N ILE A 577 -32.36 4.75 32.48
CA ILE A 577 -33.63 4.81 33.23
C ILE A 577 -34.62 3.88 32.53
N SER A 578 -35.33 3.02 33.30
CA SER A 578 -36.51 2.29 32.80
C SER A 578 -37.39 3.27 32.05
N GLN A 579 -37.97 2.86 30.93
CA GLN A 579 -39.08 3.58 30.24
C GLN A 579 -40.28 3.80 31.19
N HIS A 580 -40.41 3.02 32.28
CA HIS A 580 -41.50 3.15 33.29
C HIS A 580 -41.15 4.20 34.37
N CYS A 581 -39.88 4.58 34.51
CA CYS A 581 -39.38 5.74 35.30
C CYS A 581 -39.43 5.43 36.81
N ASP A 582 -39.28 4.15 37.17
CA ASP A 582 -39.30 3.67 38.59
C ASP A 582 -37.99 2.95 38.90
N PHE A 583 -37.05 2.91 37.95
CA PHE A 583 -35.72 2.28 38.16
C PHE A 583 -34.68 2.97 37.30
N PHE A 584 -33.43 2.90 37.76
CA PHE A 584 -32.27 3.31 36.95
C PHE A 584 -31.12 2.33 37.22
N ILE A 585 -30.32 2.12 36.19
CA ILE A 585 -29.08 1.33 36.31
C ILE A 585 -27.90 2.28 36.21
N SER A 586 -26.87 2.01 36.99
CA SER A 586 -25.60 2.74 36.93
C SER A 586 -24.45 1.77 36.71
N LYS A 587 -23.63 2.03 35.68
CA LYS A 587 -22.27 1.48 35.56
C LYS A 587 -21.35 2.59 36.05
N TYR A 588 -20.56 2.30 37.09
CA TYR A 588 -19.80 3.32 37.84
C TYR A 588 -18.43 2.76 38.17
N SER A 589 -17.45 3.65 38.29
CA SER A 589 -16.08 3.27 38.71
C SER A 589 -15.44 4.44 39.43
N ASN A 590 -14.27 4.24 40.01
CA ASN A 590 -13.35 5.36 40.32
C ASN A 590 -11.92 4.84 40.14
N GLN A 591 -10.93 5.66 40.49
CA GLN A 591 -9.48 5.37 40.31
C GLN A 591 -9.16 4.05 41.02
N LYS A 592 -9.68 3.81 42.24
CA LYS A 592 -9.33 2.64 43.09
C LYS A 592 -10.08 1.37 42.62
N ASN A 593 -11.25 1.55 41.99
CA ASN A 593 -12.31 0.52 41.88
C ASN A 593 -12.73 0.28 40.44
N PRO A 594 -12.53 -0.95 39.92
CA PRO A 594 -13.08 -1.33 38.62
C PRO A 594 -14.58 -1.09 38.55
N HIS A 595 -15.09 -0.99 37.33
CA HIS A 595 -16.51 -0.76 36.96
C HIS A 595 -17.38 -1.78 37.69
N CYS A 596 -18.51 -1.34 38.23
CA CYS A 596 -19.61 -2.19 38.73
C CYS A 596 -20.88 -1.75 38.03
N VAL A 597 -21.90 -2.59 38.05
CA VAL A 597 -23.24 -2.24 37.52
C VAL A 597 -24.27 -2.62 38.58
N SER A 598 -25.08 -1.66 39.01
CA SER A 598 -26.09 -1.79 40.08
C SER A 598 -27.43 -1.17 39.66
N LEU A 599 -28.53 -1.79 40.14
CA LEU A 599 -29.92 -1.37 39.89
C LEU A 599 -30.43 -0.56 41.08
N TYR A 600 -31.06 0.59 40.80
CA TYR A 600 -31.64 1.47 41.85
C TYR A 600 -33.13 1.67 41.60
N LYS A 601 -33.92 1.42 42.65
CA LYS A 601 -35.37 1.71 42.63
C LYS A 601 -35.54 3.20 42.96
N LEU A 602 -36.50 3.85 42.29
CA LEU A 602 -36.91 5.27 42.43
C LEU A 602 -38.29 5.34 43.10
N SER A 603 -38.50 6.28 44.00
CA SER A 603 -39.82 6.49 44.65
C SER A 603 -40.05 7.98 44.88
N SER A 604 -41.27 8.29 45.28
CA SER A 604 -41.78 9.63 45.66
C SER A 604 -42.30 9.60 47.10
N PRO A 605 -41.97 10.59 47.96
CA PRO A 605 -42.73 10.80 49.19
C PRO A 605 -44.23 10.88 48.85
N GLU A 606 -45.07 10.22 49.62
CA GLU A 606 -46.53 10.14 49.38
C GLU A 606 -47.07 11.54 49.07
N ASP A 607 -46.45 12.62 49.58
CA ASP A 607 -46.99 14.01 49.57
C ASP A 607 -46.59 14.80 48.31
N ASP A 608 -45.61 14.33 47.52
CA ASP A 608 -45.03 15.12 46.38
C ASP A 608 -44.43 14.18 45.34
N PRO A 609 -45.21 13.80 44.30
CA PRO A 609 -44.72 12.94 43.22
C PRO A 609 -43.55 13.53 42.43
N THR A 610 -43.30 14.84 42.60
CA THR A 610 -42.18 15.62 41.99
C THR A 610 -40.85 15.27 42.65
N CYS A 611 -40.85 14.91 43.93
CA CYS A 611 -39.62 14.66 44.72
C CYS A 611 -39.19 13.22 44.49
N LYS A 612 -37.90 13.02 44.21
CA LYS A 612 -37.39 11.69 43.81
C LYS A 612 -36.32 11.23 44.78
N THR A 613 -36.49 10.02 45.29
CA THR A 613 -35.46 9.31 46.11
C THR A 613 -35.06 8.00 45.39
N LYS A 614 -33.84 7.54 45.67
CA LYS A 614 -33.34 6.24 45.18
C LYS A 614 -33.00 5.36 46.38
N GLU A 615 -33.28 4.07 46.22
CA GLU A 615 -32.77 2.99 47.09
C GLU A 615 -32.04 1.97 46.21
N PHE A 616 -30.91 1.46 46.71
CA PHE A 616 -30.20 0.28 46.17
C PHE A 616 -31.19 -0.87 46.07
N TRP A 617 -31.18 -1.61 44.96
CA TRP A 617 -32.06 -2.79 44.77
C TRP A 617 -31.26 -4.09 44.63
N ALA A 618 -30.16 -4.07 43.83
CA ALA A 618 -29.46 -5.28 43.37
C ALA A 618 -28.19 -4.96 42.59
N THR A 619 -27.16 -5.81 42.71
CA THR A 619 -25.97 -5.84 41.84
C THR A 619 -26.22 -6.67 40.58
N ILE A 620 -25.89 -6.10 39.41
CA ILE A 620 -25.89 -6.82 38.11
C ILE A 620 -24.47 -7.34 37.85
N LEU A 621 -23.44 -6.53 38.09
CA LEU A 621 -22.03 -6.94 37.90
C LEU A 621 -21.21 -6.46 39.09
N ASP A 622 -20.59 -7.40 39.81
CA ASP A 622 -19.74 -7.14 40.99
C ASP A 622 -18.38 -6.66 40.50
N SER A 623 -17.78 -5.68 41.18
CA SER A 623 -16.37 -5.27 41.02
C SER A 623 -15.47 -6.50 41.19
N ALA A 624 -14.31 -6.52 40.54
CA ALA A 624 -13.13 -7.35 40.91
C ALA A 624 -12.52 -6.80 42.21
N GLY A 625 -12.78 -5.53 42.54
CA GLY A 625 -12.18 -4.82 43.67
C GLY A 625 -10.77 -4.37 43.31
N PRO A 626 -10.08 -3.60 44.19
CA PRO A 626 -8.73 -3.12 43.89
C PRO A 626 -7.86 -4.30 43.43
N LEU A 627 -7.36 -4.21 42.19
CA LEU A 627 -6.37 -5.14 41.56
C LEU A 627 -5.14 -5.24 42.45
N PRO A 628 -4.59 -6.46 42.69
CA PRO A 628 -3.55 -6.65 43.70
C PRO A 628 -2.18 -6.00 43.39
N ASP A 629 -1.98 -5.61 42.14
CA ASP A 629 -0.69 -5.16 41.54
C ASP A 629 -0.77 -3.68 41.14
N TYR A 630 -1.87 -3.30 40.49
CA TYR A 630 -2.18 -1.96 39.93
C TYR A 630 -2.21 -0.86 41.00
N THR A 631 -1.32 0.14 40.90
CA THR A 631 -1.35 1.38 41.74
C THR A 631 -1.99 2.53 40.96
N PRO A 632 -3.17 3.04 41.37
CA PRO A 632 -3.85 4.07 40.61
C PRO A 632 -3.03 5.34 40.66
N PRO A 633 -3.21 6.25 39.67
CA PRO A 633 -2.58 7.56 39.72
C PRO A 633 -3.31 8.43 40.75
N GLU A 634 -2.82 9.65 40.93
CA GLU A 634 -3.51 10.73 41.68
C GLU A 634 -3.95 11.80 40.69
N ILE A 635 -5.11 12.38 40.93
CA ILE A 635 -5.66 13.55 40.17
C ILE A 635 -5.16 14.84 40.84
N PHE A 636 -4.55 15.72 40.03
CA PHE A 636 -4.11 17.07 40.46
C PHE A 636 -4.72 18.11 39.50
N SER A 637 -4.68 19.37 39.93
CA SER A 637 -5.12 20.57 39.18
C SER A 637 -4.16 21.73 39.48
N PHE A 638 -4.06 22.65 38.53
CA PHE A 638 -3.20 23.84 38.66
C PHE A 638 -4.01 24.98 38.05
N GLU A 639 -3.79 26.19 38.57
CA GLU A 639 -4.49 27.43 38.18
C GLU A 639 -3.71 28.04 37.01
N SER A 640 -4.06 27.65 35.79
CA SER A 640 -3.32 28.01 34.56
C SER A 640 -3.32 29.54 34.41
N THR A 641 -2.28 30.08 33.80
CA THR A 641 -2.15 31.51 33.43
C THR A 641 -3.24 31.89 32.41
N THR A 642 -3.85 30.91 31.73
CA THR A 642 -4.88 31.11 30.67
C THR A 642 -6.25 31.38 31.31
N GLY A 643 -6.35 31.22 32.64
CA GLY A 643 -7.55 31.60 33.41
C GLY A 643 -8.51 30.44 33.64
N PHE A 644 -8.08 29.20 33.34
CA PHE A 644 -8.83 27.93 33.57
C PHE A 644 -8.09 27.05 34.58
N THR A 645 -8.80 26.38 35.48
CA THR A 645 -8.22 25.21 36.18
C THR A 645 -7.96 24.11 35.14
N LEU A 646 -6.75 23.53 35.15
CA LEU A 646 -6.39 22.34 34.32
C LEU A 646 -6.20 21.19 35.27
N TYR A 647 -6.76 20.02 34.90
CA TYR A 647 -6.66 18.77 35.68
C TYR A 647 -5.61 17.88 35.03
N GLY A 648 -4.98 17.01 35.82
CA GLY A 648 -3.99 16.04 35.32
C GLY A 648 -3.99 14.77 36.14
N MET A 649 -3.30 13.74 35.67
CA MET A 649 -3.05 12.50 36.45
C MET A 649 -1.54 12.40 36.60
N LEU A 650 -1.09 11.97 37.78
CA LEU A 650 0.34 11.75 38.14
C LEU A 650 0.48 10.34 38.70
N TYR A 651 1.37 9.55 38.09
CA TYR A 651 1.79 8.21 38.59
C TYR A 651 3.17 8.44 39.20
N LYS A 652 3.26 8.58 40.52
CA LYS A 652 4.58 8.66 41.20
C LYS A 652 5.31 7.36 40.85
N PRO A 653 6.65 7.38 40.61
CA PRO A 653 7.41 6.15 40.42
C PRO A 653 7.29 5.18 41.61
N HIS A 654 7.27 3.87 41.34
CA HIS A 654 7.15 2.84 42.40
C HIS A 654 8.48 2.74 43.15
N ASP A 655 8.44 2.44 44.45
CA ASP A 655 9.64 2.44 45.32
C ASP A 655 10.36 3.77 45.13
N LEU A 656 9.67 4.87 45.39
CA LEU A 656 10.25 6.23 45.27
C LEU A 656 11.37 6.34 46.31
N GLN A 657 12.51 6.94 45.94
CA GLN A 657 13.68 7.11 46.83
C GLN A 657 13.90 8.61 47.06
N PRO A 658 14.35 9.05 48.26
CA PRO A 658 14.69 10.45 48.46
C PRO A 658 16.01 10.75 47.72
N GLY A 659 16.16 11.99 47.26
CA GLY A 659 17.37 12.50 46.60
C GLY A 659 17.63 11.85 45.25
N LYS A 660 16.58 11.34 44.60
CA LYS A 660 16.66 10.84 43.20
C LYS A 660 15.55 11.50 42.38
N LYS A 661 15.90 12.00 41.19
CA LYS A 661 14.99 12.58 40.18
C LYS A 661 14.89 11.57 39.03
N TYR A 662 13.66 11.22 38.65
CA TYR A 662 13.34 10.09 37.74
C TYR A 662 12.93 10.62 36.36
N PRO A 663 13.15 9.86 35.27
CA PRO A 663 12.68 10.26 33.95
C PRO A 663 11.14 10.26 33.89
N THR A 664 10.59 11.14 33.09
CA THR A 664 9.14 11.44 33.00
C THR A 664 8.64 11.13 31.58
N VAL A 665 7.62 10.27 31.47
CA VAL A 665 6.78 10.08 30.25
C VAL A 665 5.48 10.87 30.44
N LEU A 666 5.23 11.82 29.54
CA LEU A 666 3.92 12.51 29.37
C LEU A 666 3.10 11.70 28.36
N PHE A 667 1.93 11.16 28.75
CA PHE A 667 0.97 10.49 27.83
C PHE A 667 -0.14 11.50 27.51
N ILE A 668 -0.45 11.64 26.22
CA ILE A 668 -1.31 12.75 25.73
C ILE A 668 -2.28 12.20 24.68
N TYR A 669 -3.51 12.69 24.73
CA TYR A 669 -4.43 12.73 23.58
C TYR A 669 -4.52 14.18 23.15
N GLY A 670 -5.20 15.02 23.91
CA GLY A 670 -5.12 16.49 23.81
C GLY A 670 -6.10 17.11 22.84
N GLY A 671 -6.92 16.29 22.17
CA GLY A 671 -7.78 16.74 21.05
C GLY A 671 -9.23 16.92 21.48
N PRO A 672 -10.09 17.45 20.58
CA PRO A 672 -11.50 17.64 20.89
C PRO A 672 -12.25 16.31 21.14
N GLN A 673 -13.35 16.42 21.90
CA GLN A 673 -14.39 15.39 22.18
C GLN A 673 -13.88 14.32 23.16
N VAL A 674 -12.73 14.54 23.78
CA VAL A 674 -12.12 13.52 24.67
C VAL A 674 -11.70 14.23 25.95
N GLN A 675 -11.79 13.48 27.05
CA GLN A 675 -11.29 13.87 28.39
C GLN A 675 -10.62 12.64 29.01
N LEU A 676 -9.30 12.68 29.18
CA LEU A 676 -8.50 11.59 29.81
C LEU A 676 -8.60 11.65 31.35
N VAL A 677 -8.58 12.84 31.95
CA VAL A 677 -8.46 13.02 33.43
C VAL A 677 -9.87 13.13 34.03
N ASN A 678 -10.34 12.06 34.67
CA ASN A 678 -11.61 12.06 35.43
C ASN A 678 -11.50 10.97 36.49
N ASN A 679 -12.51 10.81 37.33
CA ASN A 679 -12.45 9.85 38.47
C ASN A 679 -13.13 8.57 37.99
N ARG A 680 -12.44 7.88 37.07
CA ARG A 680 -12.82 6.51 36.61
C ARG A 680 -11.63 5.59 36.79
N PHE A 681 -11.87 4.28 36.76
CA PHE A 681 -10.82 3.24 36.78
C PHE A 681 -10.03 3.32 35.46
N LYS A 682 -8.72 3.46 35.54
CA LYS A 682 -7.82 3.52 34.36
C LYS A 682 -6.99 2.25 34.27
N GLY A 683 -7.31 1.25 35.10
CA GLY A 683 -6.58 -0.03 35.17
C GLY A 683 -6.74 -0.91 33.94
N VAL A 684 -7.87 -0.86 33.24
CA VAL A 684 -8.05 -1.77 32.07
C VAL A 684 -7.22 -1.24 30.90
N LYS A 685 -7.47 0.00 30.47
CA LYS A 685 -6.92 0.50 29.18
C LYS A 685 -5.60 1.24 29.40
N TYR A 686 -5.39 1.82 30.57
CA TYR A 686 -4.19 2.62 30.85
C TYR A 686 -3.33 1.91 31.89
N PHE A 687 -3.49 0.59 32.03
CA PHE A 687 -2.70 -0.26 32.96
C PHE A 687 -1.19 -0.02 32.76
N ARG A 688 -0.72 0.09 31.52
CA ARG A 688 0.73 0.11 31.22
C ARG A 688 1.33 1.44 31.67
N LEU A 689 0.53 2.46 31.95
CA LEU A 689 1.04 3.68 32.62
C LEU A 689 1.47 3.34 34.04
N ASN A 690 0.86 2.32 34.63
CA ASN A 690 1.26 1.76 35.95
C ASN A 690 2.56 0.96 35.79
N THR A 691 2.64 0.09 34.77
CA THR A 691 3.86 -0.70 34.46
C THR A 691 5.03 0.27 34.36
N LEU A 692 4.90 1.31 33.52
CA LEU A 692 5.93 2.37 33.34
C LEU A 692 6.40 2.86 34.70
N ALA A 693 5.44 3.13 35.59
CA ALA A 693 5.70 3.68 36.94
C ALA A 693 6.48 2.63 37.76
N SER A 694 6.15 1.35 37.58
CA SER A 694 6.81 0.19 38.24
C SER A 694 8.26 0.03 37.78
N LEU A 695 8.68 0.72 36.70
CA LEU A 695 10.04 0.61 36.10
C LEU A 695 10.88 1.84 36.48
N GLY A 696 10.25 2.88 37.04
CA GLY A 696 10.93 4.07 37.58
C GLY A 696 10.69 5.32 36.74
N TYR A 697 9.58 5.39 36.01
CA TYR A 697 9.19 6.60 35.23
C TYR A 697 8.05 7.29 35.99
N VAL A 698 8.17 8.60 36.15
CA VAL A 698 7.03 9.51 36.46
C VAL A 698 6.18 9.56 35.19
N VAL A 699 4.87 9.35 35.33
CA VAL A 699 3.92 9.47 34.19
C VAL A 699 2.98 10.63 34.48
N VAL A 700 2.75 11.45 33.47
CA VAL A 700 1.86 12.65 33.58
C VAL A 700 0.84 12.60 32.44
N VAL A 701 -0.43 12.86 32.74
CA VAL A 701 -1.50 13.08 31.74
C VAL A 701 -2.18 14.41 32.05
N ILE A 702 -2.37 15.26 31.03
CA ILE A 702 -3.05 16.57 31.22
C ILE A 702 -4.12 16.80 30.14
N ASP A 703 -5.31 17.26 30.54
CA ASP A 703 -6.42 17.75 29.69
C ASP A 703 -6.22 19.23 29.37
N ASN A 704 -5.53 19.52 28.27
CA ASN A 704 -5.20 20.90 27.79
C ASN A 704 -6.49 21.58 27.35
N ARG A 705 -6.45 22.90 27.12
CA ARG A 705 -7.65 23.59 26.54
C ARG A 705 -7.98 22.83 25.25
N GLY A 706 -9.27 22.70 24.93
CA GLY A 706 -9.76 21.96 23.75
C GLY A 706 -10.35 20.60 24.08
N SER A 707 -9.98 20.00 25.20
CA SER A 707 -10.55 18.73 25.72
C SER A 707 -11.98 19.03 26.18
N CYS A 708 -12.83 18.01 26.43
CA CYS A 708 -14.31 18.19 26.54
C CYS A 708 -14.72 18.14 28.02
N HIS A 709 -16.03 18.27 28.29
CA HIS A 709 -16.69 18.27 29.62
C HIS A 709 -16.33 19.56 30.41
N ARG A 710 -15.92 20.63 29.74
CA ARG A 710 -15.54 21.90 30.41
C ARG A 710 -16.16 23.10 29.68
N GLY A 711 -17.19 22.84 28.87
CA GLY A 711 -17.95 23.80 28.07
C GLY A 711 -17.28 24.20 26.76
N LEU A 712 -18.03 24.98 25.96
CA LEU A 712 -17.71 25.38 24.57
C LEU A 712 -16.58 26.42 24.52
N LYS A 713 -16.46 27.28 25.55
CA LYS A 713 -15.42 28.36 25.55
C LYS A 713 -14.07 27.68 25.69
N PHE A 714 -13.94 26.79 26.67
CA PHE A 714 -12.74 25.98 26.98
C PHE A 714 -12.40 25.06 25.81
N GLU A 715 -13.41 24.39 25.24
CA GLU A 715 -13.26 23.59 24.00
C GLU A 715 -12.82 24.48 22.84
N GLY A 716 -13.32 25.72 22.77
CA GLY A 716 -13.12 26.63 21.63
C GLY A 716 -11.75 27.31 21.59
N ALA A 717 -10.89 27.12 22.59
CA ALA A 717 -9.56 27.76 22.68
C ALA A 717 -8.76 27.61 21.37
N PHE A 718 -8.77 26.43 20.72
CA PHE A 718 -7.91 26.15 19.53
C PHE A 718 -8.66 26.32 18.20
N LYS A 719 -9.88 26.90 18.20
CA LYS A 719 -10.56 27.13 16.90
C LYS A 719 -9.57 27.85 15.97
N TYR A 720 -9.29 27.22 14.81
CA TYR A 720 -8.41 27.65 13.68
C TYR A 720 -6.93 27.45 14.01
N LYS A 721 -6.60 27.00 15.22
CA LYS A 721 -5.24 27.09 15.79
C LYS A 721 -4.82 25.71 16.34
N MET A 722 -5.45 24.64 15.85
CA MET A 722 -5.10 23.25 16.26
C MET A 722 -3.58 23.09 16.15
N GLY A 723 -2.95 22.59 17.20
CA GLY A 723 -1.49 22.36 17.29
C GLY A 723 -0.71 23.50 17.93
N GLN A 724 -1.33 24.67 18.19
CA GLN A 724 -0.63 25.91 18.61
C GLN A 724 -0.65 26.13 20.12
N ILE A 725 -1.66 25.63 20.85
CA ILE A 725 -1.90 26.00 22.29
C ILE A 725 -1.74 24.78 23.20
N GLU A 726 -1.60 23.57 22.64
CA GLU A 726 -1.86 22.35 23.44
C GLU A 726 -0.61 22.03 24.24
N ILE A 727 0.55 22.08 23.59
CA ILE A 727 1.85 21.80 24.25
C ILE A 727 2.16 22.89 25.30
N ASP A 728 1.72 24.15 25.10
CA ASP A 728 1.85 25.20 26.16
C ASP A 728 1.23 24.67 27.46
N ASP A 729 0.00 24.14 27.39
CA ASP A 729 -0.72 23.70 28.62
C ASP A 729 0.01 22.49 29.20
N GLN A 730 0.56 21.65 28.33
CA GLN A 730 1.21 20.40 28.76
C GLN A 730 2.49 20.77 29.51
N VAL A 731 3.24 21.72 28.95
CA VAL A 731 4.51 22.19 29.58
C VAL A 731 4.18 22.95 30.89
N GLU A 732 3.19 23.85 30.88
CA GLU A 732 2.75 24.59 32.10
C GLU A 732 2.46 23.59 33.23
N GLY A 733 1.67 22.54 32.96
CA GLY A 733 1.31 21.54 33.99
C GLY A 733 2.52 20.73 34.44
N LEU A 734 3.43 20.43 33.53
CA LEU A 734 4.69 19.67 33.80
C LEU A 734 5.60 20.53 34.71
N GLN A 735 5.69 21.84 34.45
CA GLN A 735 6.51 22.80 35.25
C GLN A 735 5.85 23.03 36.62
N TYR A 736 4.53 23.19 36.65
CA TYR A 736 3.77 23.20 37.91
C TYR A 736 4.20 22.01 38.78
N LEU A 737 4.14 20.78 38.25
CA LEU A 737 4.46 19.52 38.97
C LEU A 737 5.92 19.52 39.40
N ALA A 738 6.80 20.12 38.60
CA ALA A 738 8.28 20.09 38.78
C ALA A 738 8.69 20.95 39.99
N SER A 739 8.09 22.14 40.10
CA SER A 739 8.31 23.10 41.21
C SER A 739 7.60 22.62 42.49
N ARG A 740 6.89 21.48 42.45
CA ARG A 740 6.16 20.88 43.61
C ARG A 740 6.83 19.59 44.08
N TYR A 741 7.50 18.87 43.16
CA TYR A 741 8.11 17.53 43.37
C TYR A 741 9.53 17.53 42.78
N ASP A 742 10.55 17.48 43.63
CA ASP A 742 11.98 17.53 43.19
C ASP A 742 12.33 16.23 42.46
N PHE A 743 11.51 15.18 42.62
CA PHE A 743 11.75 13.84 42.02
C PHE A 743 11.45 13.83 40.51
N ILE A 744 10.96 14.95 39.94
CA ILE A 744 10.73 15.11 38.46
C ILE A 744 12.01 15.64 37.80
N ASP A 745 12.64 14.84 36.95
CA ASP A 745 13.86 15.24 36.20
C ASP A 745 13.48 15.81 34.83
N LEU A 746 13.43 17.14 34.70
CA LEU A 746 12.93 17.90 33.53
C LEU A 746 13.86 17.74 32.31
N ASP A 747 15.04 17.14 32.48
CA ASP A 747 16.04 16.85 31.42
C ASP A 747 15.79 15.46 30.82
N ARG A 748 14.77 14.74 31.29
CA ARG A 748 14.43 13.40 30.76
C ARG A 748 12.91 13.28 30.66
N VAL A 749 12.30 14.16 29.86
CA VAL A 749 10.86 14.11 29.47
C VAL A 749 10.76 13.45 28.10
N GLY A 750 10.04 12.34 28.01
CA GLY A 750 9.50 11.76 26.76
C GLY A 750 8.02 12.06 26.61
N ILE A 751 7.48 12.05 25.39
CA ILE A 751 6.00 12.21 25.18
C ILE A 751 5.51 11.13 24.23
N HIS A 752 4.28 10.66 24.45
CA HIS A 752 3.69 9.50 23.74
C HIS A 752 2.19 9.69 23.66
N GLY A 753 1.64 9.55 22.45
CA GLY A 753 0.18 9.58 22.20
C GLY A 753 -0.20 8.82 20.94
N TRP A 754 -1.50 8.54 20.78
CA TRP A 754 -2.09 7.99 19.53
C TRP A 754 -3.05 9.03 18.94
N SER A 755 -3.14 9.06 17.62
CA SER A 755 -4.08 9.92 16.85
C SER A 755 -3.79 11.40 17.14
N TYR A 756 -4.75 12.16 17.64
CA TYR A 756 -4.48 13.57 18.00
C TYR A 756 -3.26 13.60 18.94
N GLY A 757 -3.08 12.55 19.75
CA GLY A 757 -1.94 12.46 20.71
C GLY A 757 -0.62 12.21 20.00
N GLY A 758 -0.72 11.54 18.86
CA GLY A 758 0.41 11.30 17.96
C GLY A 758 0.81 12.62 17.35
N TYR A 759 -0.18 13.37 16.90
CA TYR A 759 -0.01 14.73 16.34
C TYR A 759 0.76 15.59 17.37
N LEU A 760 0.22 15.71 18.59
CA LEU A 760 0.80 16.61 19.64
C LEU A 760 2.16 16.10 20.08
N SER A 761 2.45 14.79 19.96
CA SER A 761 3.79 14.25 20.29
C SER A 761 4.80 14.83 19.29
N LEU A 762 4.38 14.98 18.03
CA LEU A 762 5.26 15.51 16.96
C LEU A 762 5.41 17.01 17.16
N MET A 763 4.30 17.74 17.34
CA MET A 763 4.26 19.19 17.64
C MET A 763 5.22 19.49 18.80
N ALA A 764 5.24 18.64 19.82
CA ALA A 764 5.98 18.88 21.09
C ALA A 764 7.48 18.84 20.80
N LEU A 765 7.94 17.83 20.07
CA LEU A 765 9.38 17.66 19.68
C LEU A 765 9.80 18.80 18.74
N MET A 766 8.88 19.28 17.91
CA MET A 766 9.13 20.30 16.86
C MET A 766 9.22 21.69 17.49
N GLN A 767 8.25 22.05 18.33
CA GLN A 767 8.08 23.38 18.97
C GLN A 767 8.91 23.50 20.26
N ARG A 768 9.16 22.39 20.96
CA ARG A 768 9.77 22.43 22.31
C ARG A 768 10.77 21.27 22.47
N SER A 769 11.72 21.13 21.53
CA SER A 769 12.87 20.18 21.63
C SER A 769 13.67 20.42 22.94
N ASP A 770 13.58 21.61 23.52
CA ASP A 770 14.25 21.95 24.81
C ASP A 770 13.66 21.12 25.95
N ILE A 771 12.34 20.93 25.97
CA ILE A 771 11.64 20.20 27.05
C ILE A 771 11.68 18.69 26.78
N PHE A 772 11.38 18.27 25.56
CA PHE A 772 11.12 16.84 25.23
C PHE A 772 12.32 16.23 24.51
N ARG A 773 12.96 15.26 25.16
CA ARG A 773 14.06 14.40 24.64
C ARG A 773 13.56 13.46 23.54
N VAL A 774 12.39 12.83 23.72
CA VAL A 774 11.80 11.87 22.76
C VAL A 774 10.29 12.09 22.58
N ALA A 775 9.84 11.95 21.35
CA ALA A 775 8.41 11.86 20.98
C ALA A 775 8.21 10.52 20.29
N ILE A 776 7.29 9.71 20.79
CA ILE A 776 6.75 8.51 20.09
C ILE A 776 5.35 8.82 19.57
N ALA A 777 5.20 9.01 18.25
CA ALA A 777 3.94 9.41 17.60
C ALA A 777 3.26 8.20 16.96
N GLY A 778 2.11 7.81 17.50
CA GLY A 778 1.31 6.67 17.03
C GLY A 778 0.13 7.15 16.19
N ALA A 779 0.01 6.63 14.97
CA ALA A 779 -1.03 7.02 13.98
C ALA A 779 -1.32 8.51 14.03
N PRO A 780 -0.28 9.36 13.83
CA PRO A 780 -0.46 10.82 13.86
C PRO A 780 -1.15 11.38 12.61
N VAL A 781 -2.00 12.38 12.78
CA VAL A 781 -2.31 13.35 11.69
C VAL A 781 -1.09 14.25 11.46
N THR A 782 -0.60 14.31 10.23
CA THR A 782 0.59 15.13 9.85
C THR A 782 0.20 16.19 8.83
N LEU A 783 -1.03 16.18 8.33
CA LEU A 783 -1.46 17.07 7.23
C LEU A 783 -2.98 17.22 7.28
N TRP A 784 -3.43 18.38 7.71
CA TRP A 784 -4.87 18.59 7.94
C TRP A 784 -5.66 18.43 6.64
N ILE A 785 -5.06 18.65 5.47
CA ILE A 785 -5.75 18.46 4.15
C ILE A 785 -5.94 16.97 3.82
N PHE A 786 -5.21 16.06 4.47
CA PHE A 786 -5.36 14.59 4.31
C PHE A 786 -6.42 13.99 5.24
N TYR A 787 -6.96 14.75 6.20
CA TYR A 787 -8.03 14.26 7.10
C TYR A 787 -9.38 14.68 6.49
N ASP A 788 -10.51 14.52 7.18
CA ASP A 788 -11.85 14.54 6.51
C ASP A 788 -12.61 15.85 6.71
N THR A 789 -13.68 16.06 5.95
CA THR A 789 -14.51 17.30 6.00
C THR A 789 -15.11 17.50 7.39
N GLY A 790 -15.88 16.55 7.90
CA GLY A 790 -16.72 16.72 9.11
C GLY A 790 -15.90 17.09 10.34
N TYR A 791 -14.73 16.48 10.49
CA TYR A 791 -13.85 16.80 11.65
C TYR A 791 -13.09 18.10 11.40
N THR A 792 -12.24 18.17 10.39
CA THR A 792 -11.22 19.26 10.31
C THR A 792 -11.94 20.60 10.05
N GLU A 793 -13.04 20.66 9.29
CA GLU A 793 -13.73 21.93 8.98
C GLU A 793 -14.47 22.47 10.23
N ARG A 794 -15.01 21.60 11.06
CA ARG A 794 -15.64 22.04 12.31
C ARG A 794 -14.64 22.86 13.14
N TYR A 795 -13.39 22.41 13.23
CA TYR A 795 -12.41 22.91 14.22
C TYR A 795 -11.48 23.94 13.57
N MET A 796 -11.28 23.84 12.24
CA MET A 796 -10.23 24.56 11.47
C MET A 796 -10.83 25.37 10.31
N GLY A 797 -12.16 25.39 10.14
CA GLY A 797 -12.82 25.94 8.94
C GLY A 797 -12.22 25.39 7.63
N HIS A 798 -12.66 25.98 6.51
CA HIS A 798 -12.19 25.68 5.13
C HIS A 798 -10.73 26.13 5.00
N PRO A 799 -9.84 25.35 4.37
CA PRO A 799 -8.44 25.74 4.24
C PRO A 799 -8.17 27.08 3.50
N ASP A 800 -9.04 27.51 2.59
CA ASP A 800 -8.99 28.84 1.91
C ASP A 800 -9.09 29.98 2.94
N GLN A 801 -9.77 29.76 4.07
CA GLN A 801 -10.01 30.83 5.06
C GLN A 801 -9.02 30.74 6.22
N ASN A 802 -8.16 29.73 6.24
CA ASN A 802 -7.20 29.50 7.35
C ASN A 802 -5.90 28.97 6.74
N GLU A 803 -5.26 29.77 5.90
CA GLU A 803 -4.02 29.35 5.22
C GLU A 803 -2.93 29.12 6.27
N GLN A 804 -2.80 30.00 7.24
CA GLN A 804 -1.72 29.90 8.26
C GLN A 804 -2.06 28.83 9.30
N GLY A 805 -3.32 28.76 9.75
CA GLY A 805 -3.76 27.68 10.65
C GLY A 805 -3.40 26.30 10.09
N TYR A 806 -3.76 26.03 8.84
CA TYR A 806 -3.46 24.75 8.16
C TYR A 806 -1.95 24.59 8.05
N TYR A 807 -1.22 25.66 7.76
CA TYR A 807 0.25 25.55 7.57
C TYR A 807 0.86 25.19 8.92
N LEU A 808 0.60 26.03 9.92
CA LEU A 808 1.23 25.91 11.26
C LEU A 808 0.75 24.61 11.92
N GLY A 809 -0.47 24.19 11.61
CA GLY A 809 -1.13 23.03 12.23
C GLY A 809 -0.63 21.72 11.66
N SER A 810 0.03 21.76 10.50
CA SER A 810 0.40 20.54 9.72
C SER A 810 1.89 20.24 9.89
N VAL A 811 2.20 19.26 10.75
CA VAL A 811 3.61 18.89 11.08
C VAL A 811 4.37 18.57 9.77
N ALA A 812 3.78 17.86 8.81
CA ALA A 812 4.53 17.41 7.61
C ALA A 812 5.09 18.63 6.85
N MET A 813 4.34 19.73 6.78
CA MET A 813 4.79 21.01 6.15
C MET A 813 6.01 21.63 6.87
N GLN A 814 6.49 21.07 7.99
CA GLN A 814 7.53 21.68 8.87
C GLN A 814 8.61 20.66 9.25
N ALA A 815 8.87 19.69 8.39
CA ALA A 815 9.87 18.63 8.64
C ALA A 815 11.23 19.26 8.98
N GLU A 816 11.56 20.46 8.47
CA GLU A 816 12.91 21.06 8.72
C GLU A 816 13.07 21.49 10.19
N LYS A 817 12.00 21.59 10.99
CA LYS A 817 12.07 22.01 12.43
C LYS A 817 12.27 20.80 13.35
N PHE A 818 12.41 19.59 12.81
CA PHE A 818 12.64 18.39 13.63
C PHE A 818 14.12 18.34 14.01
N PRO A 819 14.50 17.57 15.04
CA PRO A 819 15.90 17.49 15.45
C PRO A 819 16.75 16.88 14.33
N SER A 820 18.00 17.30 14.28
CA SER A 820 19.05 16.67 13.44
C SER A 820 19.83 15.63 14.26
N GLU A 821 19.40 15.31 15.50
CA GLU A 821 19.95 14.14 16.25
C GLU A 821 18.97 12.98 16.31
N PRO A 822 19.43 11.75 16.01
CA PRO A 822 18.56 10.58 15.98
C PRO A 822 18.18 10.11 17.39
N ASN A 823 17.27 9.12 17.47
CA ASN A 823 16.74 8.50 18.71
C ASN A 823 15.97 9.52 19.55
N ARG A 824 15.35 10.49 18.89
CA ARG A 824 14.39 11.41 19.57
C ARG A 824 12.96 11.22 19.04
N LEU A 825 12.83 10.65 17.84
CA LEU A 825 11.59 10.64 17.03
C LEU A 825 11.30 9.20 16.64
N LEU A 826 10.15 8.69 17.04
CA LEU A 826 9.73 7.31 16.70
C LEU A 826 8.29 7.44 16.21
N LEU A 827 8.06 6.99 14.98
CA LEU A 827 6.71 6.92 14.35
C LEU A 827 6.22 5.48 14.48
N LEU A 828 4.93 5.34 14.75
CA LEU A 828 4.26 4.01 14.77
C LEU A 828 2.96 4.16 14.00
N HIS A 829 2.70 3.26 13.05
CA HIS A 829 1.46 3.31 12.22
C HIS A 829 1.16 1.91 11.69
N GLY A 830 -0.12 1.57 11.65
CA GLY A 830 -0.66 0.45 10.83
C GLY A 830 -0.91 0.87 9.38
N PHE A 831 -0.57 -0.01 8.45
CA PHE A 831 -0.60 0.20 6.98
C PHE A 831 -2.03 0.30 6.43
N LEU A 832 -2.99 -0.33 7.12
CA LEU A 832 -4.41 -0.48 6.66
C LEU A 832 -5.35 0.34 7.55
N ASP A 833 -4.82 1.29 8.32
CA ASP A 833 -5.60 2.20 9.20
C ASP A 833 -6.60 2.97 8.34
N GLU A 834 -7.87 3.00 8.76
CA GLU A 834 -9.01 3.49 7.94
C GLU A 834 -9.43 4.91 8.34
N ASN A 835 -9.03 5.38 9.54
CA ASN A 835 -9.35 6.74 10.06
C ASN A 835 -8.14 7.67 9.81
N VAL A 836 -7.00 7.40 10.44
CA VAL A 836 -5.75 8.16 10.18
C VAL A 836 -4.89 7.32 9.23
N HIS A 837 -4.87 7.67 7.96
CA HIS A 837 -4.25 6.83 6.90
C HIS A 837 -2.72 6.80 7.06
N PHE A 838 -2.11 5.69 6.62
CA PHE A 838 -0.64 5.54 6.56
C PHE A 838 -0.05 6.72 5.79
N ALA A 839 -0.83 7.25 4.85
CA ALA A 839 -0.50 8.43 4.02
C ALA A 839 0.08 9.54 4.91
N HIS A 840 -0.53 9.83 6.07
CA HIS A 840 -0.01 10.83 7.05
C HIS A 840 1.46 10.53 7.41
N THR A 841 1.78 9.30 7.77
CA THR A 841 3.17 8.94 8.15
C THR A 841 4.05 9.00 6.89
N SER A 842 3.52 8.58 5.76
CA SER A 842 4.34 8.36 4.55
C SER A 842 4.73 9.74 3.97
N ILE A 843 3.81 10.69 3.96
CA ILE A 843 4.14 12.08 3.51
C ILE A 843 5.05 12.76 4.54
N LEU A 844 4.88 12.53 5.84
CA LEU A 844 5.83 13.08 6.84
C LEU A 844 7.23 12.54 6.50
N LEU A 845 7.31 11.24 6.24
CA LEU A 845 8.60 10.54 5.99
C LEU A 845 9.25 11.16 4.76
N SER A 846 8.47 11.44 3.73
CA SER A 846 9.00 12.08 2.49
C SER A 846 9.66 13.42 2.82
N PHE A 847 9.03 14.22 3.68
CA PHE A 847 9.51 15.58 4.01
C PHE A 847 10.65 15.47 5.04
N LEU A 848 10.66 14.44 5.90
CA LEU A 848 11.83 14.23 6.82
C LEU A 848 13.06 13.89 5.97
N VAL A 849 12.86 13.07 4.92
CA VAL A 849 13.96 12.56 4.04
C VAL A 849 14.50 13.75 3.22
N ARG A 850 13.65 14.45 2.47
CA ARG A 850 14.02 15.69 1.76
C ARG A 850 14.78 16.66 2.71
N ALA A 851 14.38 16.75 3.99
CA ALA A 851 14.96 17.71 4.95
C ALA A 851 16.23 17.15 5.61
N GLY A 852 16.66 15.93 5.27
CA GLY A 852 17.86 15.32 5.87
C GLY A 852 17.72 15.01 7.37
N LYS A 853 16.51 14.69 7.86
CA LYS A 853 16.22 14.46 9.32
C LYS A 853 16.13 12.97 9.70
N PRO A 854 16.71 12.52 10.83
CA PRO A 854 16.52 11.15 11.29
C PRO A 854 15.13 10.88 11.90
N TYR A 855 14.74 9.59 11.88
CA TYR A 855 13.45 9.06 12.39
C TYR A 855 13.59 7.55 12.57
N ASP A 856 12.85 6.99 13.53
CA ASP A 856 12.63 5.53 13.65
C ASP A 856 11.16 5.23 13.32
N LEU A 857 10.90 4.00 12.88
CA LEU A 857 9.57 3.58 12.35
C LEU A 857 9.27 2.16 12.81
N GLN A 858 8.04 1.94 13.29
CA GLN A 858 7.53 0.57 13.54
C GLN A 858 6.24 0.53 12.74
N ILE A 859 6.11 -0.46 11.85
CA ILE A 859 4.82 -0.61 11.12
C ILE A 859 4.16 -1.91 11.58
N TYR A 860 2.87 -1.84 11.86
CA TYR A 860 2.01 -3.03 12.09
C TYR A 860 1.36 -3.33 10.74
N PRO A 861 1.93 -4.25 9.90
CA PRO A 861 1.51 -4.38 8.50
C PRO A 861 0.03 -4.69 8.22
N GLN A 862 -0.68 -5.35 9.15
CA GLN A 862 -2.11 -5.70 8.93
C GLN A 862 -2.90 -5.52 10.23
N GLU A 863 -4.14 -6.02 10.23
CA GLU A 863 -5.07 -6.09 11.39
C GLU A 863 -5.93 -4.82 11.47
N ARG A 864 -5.62 -3.76 10.71
CA ARG A 864 -6.48 -2.56 10.49
C ARG A 864 -6.66 -1.75 11.78
N HIS A 865 -7.06 -2.40 12.88
CA HIS A 865 -7.13 -1.79 14.24
C HIS A 865 -5.71 -1.68 14.81
N SER A 866 -4.74 -2.28 14.12
CA SER A 866 -3.28 -2.29 14.44
C SER A 866 -3.09 -2.75 15.88
N ILE A 867 -3.03 -1.83 16.84
CA ILE A 867 -2.62 -2.12 18.24
C ILE A 867 -3.77 -2.72 19.07
N ARG A 868 -5.03 -2.50 18.71
CA ARG A 868 -6.21 -3.12 19.39
C ARG A 868 -6.06 -4.66 19.40
N VAL A 869 -5.60 -5.24 18.27
CA VAL A 869 -5.39 -6.71 18.11
C VAL A 869 -4.12 -7.10 18.88
N PRO A 870 -4.23 -8.04 19.86
CA PRO A 870 -3.16 -8.32 20.83
C PRO A 870 -1.74 -8.62 20.29
N GLU A 871 -1.64 -9.44 19.24
CA GLU A 871 -0.35 -9.78 18.57
C GLU A 871 0.45 -8.48 18.27
N SER A 872 -0.12 -7.52 17.52
CA SER A 872 0.53 -6.22 17.24
C SER A 872 0.71 -5.42 18.55
N GLY A 873 -0.30 -5.41 19.41
CA GLY A 873 -0.26 -4.70 20.71
C GLY A 873 0.89 -5.13 21.62
N GLU A 874 1.12 -6.43 21.78
CA GLU A 874 2.19 -6.91 22.69
C GLU A 874 3.57 -6.47 22.15
N HIS A 875 3.79 -6.51 20.83
CA HIS A 875 5.05 -6.05 20.20
C HIS A 875 5.26 -4.53 20.35
N TYR A 876 4.18 -3.76 20.25
CA TYR A 876 4.16 -2.29 20.53
C TYR A 876 4.58 -2.02 22.00
N GLU A 877 3.95 -2.69 22.95
CA GLU A 877 4.23 -2.45 24.38
C GLU A 877 5.73 -2.73 24.59
N LEU A 878 6.18 -3.84 24.00
CA LEU A 878 7.55 -4.35 24.15
C LEU A 878 8.53 -3.33 23.56
N HIS A 879 8.37 -2.96 22.28
CA HIS A 879 9.24 -2.00 21.56
C HIS A 879 9.22 -0.67 22.31
N LEU A 880 8.03 -0.22 22.75
CA LEU A 880 7.88 1.06 23.49
C LEU A 880 8.74 1.05 24.77
N LEU A 881 8.59 0.03 25.63
CA LEU A 881 9.36 -0.12 26.90
C LEU A 881 10.87 -0.09 26.59
N HIS A 882 11.33 -0.92 25.65
CA HIS A 882 12.74 -0.95 25.21
C HIS A 882 13.19 0.44 24.73
N TYR A 883 12.46 1.05 23.79
CA TYR A 883 12.78 2.39 23.25
C TYR A 883 12.99 3.39 24.41
N LEU A 884 12.09 3.43 25.38
CA LEU A 884 12.22 4.40 26.51
C LEU A 884 13.44 4.00 27.37
N GLN A 885 13.66 2.71 27.59
CA GLN A 885 14.83 2.24 28.37
C GLN A 885 16.09 2.75 27.65
N GLU A 886 16.15 2.59 26.33
CA GLU A 886 17.41 2.78 25.57
C GLU A 886 17.70 4.26 25.34
N ASN A 887 16.67 5.11 25.27
CA ASN A 887 16.82 6.49 24.72
C ASN A 887 16.32 7.56 25.70
N LEU A 888 15.75 7.18 26.85
CA LEU A 888 15.32 8.14 27.90
C LEU A 888 15.73 7.68 29.31
N GLY A 889 15.42 6.44 29.69
CA GLY A 889 15.36 6.01 31.10
C GLY A 889 16.72 5.59 31.66
N SER A 890 17.43 4.74 30.92
CA SER A 890 18.60 3.95 31.38
C SER A 890 19.85 4.82 31.47
N ARG A 891 20.88 4.26 32.12
CA ARG A 891 22.25 4.80 32.19
C ARG A 891 22.79 4.99 30.77
N ILE A 892 22.75 3.95 29.94
CA ILE A 892 23.30 3.99 28.54
C ILE A 892 22.69 5.19 27.81
N ALA A 893 21.39 5.39 27.93
CA ALA A 893 20.66 6.50 27.26
C ALA A 893 21.38 7.81 27.58
N ALA A 894 21.63 8.08 28.87
CA ALA A 894 22.38 9.26 29.37
C ALA A 894 23.74 9.35 28.66
N LEU A 895 24.48 8.23 28.61
CA LEU A 895 25.85 8.17 28.00
C LEU A 895 25.80 8.31 26.46
N LYS A 896 24.66 8.04 25.80
CA LYS A 896 24.51 8.20 24.31
C LYS A 896 24.53 9.67 23.89
N VAL A 897 23.66 10.51 24.46
CA VAL A 897 23.42 11.92 24.00
C VAL A 897 24.51 12.30 22.99
N LEU B 48 46.28 -7.39 20.98
CA LEU B 48 45.62 -6.79 19.77
C LEU B 48 44.41 -5.93 20.20
N GLU B 49 44.51 -4.60 20.09
CA GLU B 49 43.53 -3.57 20.59
C GLU B 49 42.39 -3.38 19.58
N PRO B 50 41.16 -3.04 20.01
CA PRO B 50 40.10 -2.66 19.08
C PRO B 50 40.23 -1.20 18.63
N PHE B 51 40.00 -0.93 17.34
CA PHE B 51 39.89 0.43 16.77
C PHE B 51 38.41 0.85 16.79
N TYR B 52 38.16 2.12 17.11
CA TYR B 52 36.79 2.69 17.29
C TYR B 52 36.63 3.88 16.32
N VAL B 53 35.77 3.71 15.31
CA VAL B 53 35.50 4.74 14.28
C VAL B 53 35.16 6.02 15.04
N GLU B 54 35.56 7.18 14.55
CA GLU B 54 35.14 8.48 15.14
C GLU B 54 33.61 8.47 15.24
N ARG B 55 33.10 8.83 16.42
CA ARG B 55 31.67 9.12 16.66
C ARG B 55 31.32 10.52 16.11
N TYR B 56 30.78 10.58 14.89
CA TYR B 56 30.29 11.82 14.23
C TYR B 56 28.82 12.05 14.59
N SER B 57 28.43 13.31 14.76
CA SER B 57 27.01 13.70 14.85
C SER B 57 26.35 13.39 13.51
N TRP B 58 25.03 13.34 13.50
CA TRP B 58 24.22 13.28 12.27
C TRP B 58 24.66 14.39 11.31
N SER B 59 24.72 15.63 11.79
CA SER B 59 25.05 16.83 10.96
C SER B 59 26.46 16.70 10.36
N GLN B 60 27.37 16.05 11.08
CA GLN B 60 28.80 15.96 10.67
C GLN B 60 28.93 14.89 9.58
N LEU B 61 28.26 13.75 9.77
CA LEU B 61 28.17 12.70 8.74
C LEU B 61 27.54 13.27 7.47
N LYS B 62 26.47 14.05 7.56
CA LYS B 62 25.83 14.65 6.35
C LYS B 62 26.87 15.50 5.59
N LYS B 63 27.72 16.24 6.32
CA LYS B 63 28.78 17.14 5.76
C LYS B 63 29.89 16.29 5.13
N LEU B 64 30.41 15.28 5.84
CA LEU B 64 31.45 14.35 5.30
C LEU B 64 30.94 13.75 3.98
N LEU B 65 29.66 13.41 3.90
CA LEU B 65 29.01 12.78 2.71
C LEU B 65 28.82 13.77 1.55
N ALA B 66 28.32 15.00 1.76
CA ALA B 66 28.10 16.01 0.69
C ALA B 66 29.44 16.53 0.11
N ASP B 67 30.49 16.58 0.94
CA ASP B 67 31.84 17.08 0.55
C ASP B 67 32.55 16.05 -0.34
N THR B 68 32.47 14.75 0.00
CA THR B 68 33.14 13.62 -0.71
C THR B 68 32.35 13.18 -1.96
N ARG B 69 31.03 13.39 -1.98
CA ARG B 69 30.13 13.03 -3.11
C ARG B 69 30.64 13.72 -4.37
N LYS B 70 30.81 15.05 -4.28
CA LYS B 70 31.54 15.92 -5.24
C LYS B 70 33.03 15.93 -4.86
N MET B 75 25.83 7.70 -11.06
CA MET B 75 25.71 6.92 -12.32
C MET B 75 26.76 7.40 -13.34
N MET B 76 27.04 8.72 -13.43
CA MET B 76 28.02 9.36 -14.37
C MET B 76 27.44 9.35 -15.80
N ALA B 77 27.94 10.21 -16.69
CA ALA B 77 27.52 10.29 -18.11
C ALA B 77 27.73 8.93 -18.83
N LYS B 78 26.70 8.46 -19.54
CA LYS B 78 26.70 7.13 -20.24
C LYS B 78 27.71 7.15 -21.40
N ALA B 79 28.62 6.17 -21.43
CA ALA B 79 29.75 6.08 -22.41
C ALA B 79 29.21 5.81 -23.81
N PRO B 80 29.94 6.23 -24.86
CA PRO B 80 29.51 5.90 -26.23
C PRO B 80 29.24 4.38 -26.37
N HIS B 81 28.13 4.04 -27.04
CA HIS B 81 27.57 2.68 -27.21
C HIS B 81 26.74 2.61 -28.49
N ASP B 82 26.23 1.43 -28.81
CA ASP B 82 25.40 1.17 -30.00
C ASP B 82 26.11 1.71 -31.22
N PHE B 83 27.36 1.29 -31.41
CA PHE B 83 28.25 1.72 -32.53
C PHE B 83 27.78 1.09 -33.83
N MET B 84 28.02 1.78 -34.92
CA MET B 84 27.75 1.32 -36.30
C MET B 84 28.77 1.96 -37.24
N PHE B 85 29.36 1.16 -38.10
CA PHE B 85 30.43 1.54 -39.06
C PHE B 85 29.81 1.63 -40.45
N VAL B 86 30.01 2.77 -41.11
CA VAL B 86 29.54 2.97 -42.50
C VAL B 86 30.77 3.40 -43.30
N LYS B 87 31.04 2.68 -44.39
CA LYS B 87 32.15 2.96 -45.33
C LYS B 87 31.81 4.25 -46.07
N ARG B 88 32.84 5.06 -46.32
CA ARG B 88 32.73 6.36 -47.02
C ARG B 88 32.80 6.14 -48.53
N ASN B 89 33.48 5.08 -48.96
CA ASN B 89 33.70 4.71 -50.39
C ASN B 89 34.03 5.97 -51.20
N ASP B 90 35.05 6.72 -50.79
CA ASP B 90 35.50 7.93 -51.50
C ASP B 90 37.01 7.84 -51.71
N PRO B 91 37.47 7.18 -52.81
CA PRO B 91 38.88 7.00 -53.09
C PRO B 91 39.76 8.22 -52.77
N ASP B 92 39.23 9.43 -52.99
CA ASP B 92 39.95 10.75 -52.90
C ASP B 92 39.96 11.33 -51.48
N GLY B 93 38.99 11.00 -50.62
CA GLY B 93 38.84 11.64 -49.29
C GLY B 93 39.74 10.98 -48.25
N PRO B 94 40.02 11.64 -47.11
CA PRO B 94 40.90 11.06 -46.09
C PRO B 94 40.30 9.98 -45.16
N HIS B 95 39.00 9.68 -45.25
CA HIS B 95 38.32 8.82 -44.25
C HIS B 95 37.87 7.48 -44.86
N SER B 96 37.99 6.39 -44.11
CA SER B 96 37.54 5.04 -44.53
C SER B 96 36.08 4.87 -44.15
N ASP B 97 35.71 5.33 -42.95
CA ASP B 97 34.45 4.96 -42.29
C ASP B 97 33.95 6.17 -41.53
N ARG B 98 32.62 6.34 -41.48
CA ARG B 98 31.94 7.10 -40.41
C ARG B 98 31.39 6.09 -39.38
N ILE B 99 31.64 6.33 -38.09
CA ILE B 99 30.95 5.61 -36.98
C ILE B 99 29.87 6.52 -36.41
N TYR B 100 28.73 5.91 -36.11
CA TYR B 100 27.59 6.51 -35.38
C TYR B 100 27.46 5.77 -34.06
N TYR B 101 27.07 6.49 -33.02
CA TYR B 101 26.88 5.92 -31.68
C TYR B 101 25.96 6.82 -30.85
N LEU B 102 25.39 6.27 -29.79
CA LEU B 102 24.70 7.06 -28.74
C LEU B 102 25.69 7.36 -27.60
N ALA B 103 25.53 8.51 -26.95
CA ALA B 103 26.41 9.00 -25.87
C ALA B 103 25.74 10.18 -25.16
N MET B 104 26.18 10.42 -23.94
CA MET B 104 25.90 11.61 -23.11
C MET B 104 27.19 12.43 -23.14
N SER B 105 27.16 13.64 -23.70
CA SER B 105 28.36 14.53 -23.86
C SER B 105 28.97 14.89 -22.48
N ASN B 108 25.33 16.62 -17.75
CA ASN B 108 24.04 15.92 -17.48
C ASN B 108 23.08 16.22 -18.64
N ARG B 109 23.24 15.44 -19.71
CA ARG B 109 22.79 15.78 -21.07
C ARG B 109 21.82 14.70 -21.54
N GLU B 110 21.03 15.02 -22.57
CA GLU B 110 20.27 14.03 -23.39
C GLU B 110 21.30 12.97 -23.85
N ASN B 111 21.02 11.68 -23.65
CA ASN B 111 21.61 10.59 -24.48
C ASN B 111 21.18 10.84 -25.93
N THR B 112 22.12 11.04 -26.86
CA THR B 112 21.82 11.42 -28.25
C THR B 112 22.80 10.76 -29.23
N LEU B 113 22.57 10.97 -30.52
CA LEU B 113 23.31 10.36 -31.64
C LEU B 113 24.49 11.27 -32.04
N PHE B 114 25.71 10.73 -32.07
CA PHE B 114 26.94 11.40 -32.56
C PHE B 114 27.50 10.58 -33.73
N TYR B 115 28.35 11.20 -34.56
CA TYR B 115 29.26 10.47 -35.49
C TYR B 115 30.70 10.96 -35.28
N SER B 116 31.67 10.12 -35.64
CA SER B 116 33.10 10.52 -35.77
C SER B 116 33.64 9.97 -37.10
N GLU B 117 34.74 10.54 -37.57
CA GLU B 117 35.41 10.18 -38.84
C GLU B 117 36.65 9.34 -38.52
N ILE B 118 36.71 8.15 -39.10
CA ILE B 118 37.88 7.21 -39.01
C ILE B 118 38.82 7.46 -40.18
N PRO B 119 40.00 8.04 -39.95
CA PRO B 119 40.90 8.37 -41.05
C PRO B 119 41.59 7.11 -41.58
N LYS B 120 41.95 7.13 -42.86
CA LYS B 120 42.54 6.03 -43.65
C LYS B 120 43.97 5.77 -43.17
N THR B 121 44.61 6.82 -42.65
CA THR B 121 45.92 6.73 -41.98
C THR B 121 45.90 7.54 -40.68
N ILE B 122 46.83 7.22 -39.79
CA ILE B 122 47.12 7.97 -38.54
C ILE B 122 48.62 8.30 -38.47
N ASN B 123 48.93 9.32 -37.68
CA ASN B 123 50.31 9.64 -37.25
C ASN B 123 50.65 8.74 -36.06
N ARG B 124 51.33 7.63 -36.32
CA ARG B 124 51.68 6.59 -35.31
C ARG B 124 52.48 7.17 -34.12
N ALA B 125 53.13 8.32 -34.26
CA ALA B 125 53.83 9.00 -33.14
C ALA B 125 52.82 9.67 -32.19
N ALA B 126 51.67 10.09 -32.74
CA ALA B 126 50.61 10.82 -32.00
C ALA B 126 49.50 9.87 -31.61
N VAL B 127 48.63 10.34 -30.72
CA VAL B 127 47.33 9.72 -30.34
C VAL B 127 46.20 10.61 -30.88
N LEU B 128 45.38 10.04 -31.78
CA LEU B 128 44.15 10.68 -32.33
C LEU B 128 43.00 10.54 -31.32
N MET B 129 42.45 11.66 -30.85
CA MET B 129 41.15 11.72 -30.13
C MET B 129 40.09 11.96 -31.20
N LEU B 130 39.17 11.03 -31.45
CA LEU B 130 38.07 11.36 -32.39
C LEU B 130 37.23 12.48 -31.76
N SER B 131 36.86 13.50 -32.54
CA SER B 131 35.85 14.51 -32.11
C SER B 131 34.43 13.95 -32.29
N TRP B 132 33.58 14.24 -31.31
CA TRP B 132 32.14 13.87 -31.32
C TRP B 132 31.35 14.94 -32.10
N LYS B 133 30.84 14.61 -33.28
CA LYS B 133 30.06 15.55 -34.11
C LYS B 133 28.59 15.17 -33.94
N PRO B 134 27.71 16.09 -33.49
CA PRO B 134 26.30 15.74 -33.25
C PRO B 134 25.59 15.46 -34.58
N LEU B 135 24.84 14.36 -34.66
CA LEU B 135 24.08 14.03 -35.89
C LEU B 135 22.81 14.89 -35.97
N LEU B 136 22.25 15.28 -34.81
CA LEU B 136 20.90 15.90 -34.71
C LEU B 136 21.03 17.35 -34.26
N ASP B 137 20.27 18.22 -34.93
CA ASP B 137 20.19 19.69 -34.73
C ASP B 137 19.19 19.92 -33.60
N LEU B 138 19.64 19.86 -32.35
CA LEU B 138 18.79 20.10 -31.17
C LEU B 138 19.20 21.41 -30.46
N PHE B 139 18.22 22.01 -29.76
CA PHE B 139 18.31 23.31 -29.03
C PHE B 139 18.80 23.07 -27.60
N VAL B 164 15.62 14.32 -22.39
CA VAL B 164 14.63 13.25 -22.75
C VAL B 164 15.39 11.93 -23.01
N GLY B 165 16.17 11.88 -24.10
CA GLY B 165 17.12 10.81 -24.45
C GLY B 165 16.69 9.97 -25.65
N ILE B 166 17.65 9.38 -26.34
CA ILE B 166 17.46 8.25 -27.30
C ILE B 166 18.13 7.01 -26.67
N ALA B 167 17.32 5.97 -26.42
CA ALA B 167 17.72 4.70 -25.76
C ALA B 167 18.32 3.75 -26.80
N SER B 168 17.79 3.76 -28.03
CA SER B 168 18.24 2.92 -29.16
C SER B 168 17.83 3.55 -30.48
N TYR B 169 18.38 3.03 -31.57
CA TYR B 169 18.03 3.46 -32.93
C TYR B 169 18.06 2.26 -33.86
N ASP B 170 17.39 2.42 -34.98
CA ASP B 170 17.29 1.48 -36.12
C ASP B 170 17.93 2.18 -37.33
N TYR B 171 18.46 1.39 -38.26
CA TYR B 171 19.14 1.91 -39.48
C TYR B 171 18.98 0.93 -40.64
N HIS B 172 18.98 1.50 -41.85
CA HIS B 172 18.82 0.77 -43.13
C HIS B 172 19.91 1.24 -44.10
N GLN B 173 20.90 0.36 -44.34
CA GLN B 173 22.17 0.68 -45.05
C GLN B 173 21.85 1.30 -46.41
N GLY B 174 20.96 0.65 -47.17
CA GLY B 174 20.62 0.98 -48.57
C GLY B 174 20.12 2.41 -48.72
N SER B 175 19.32 2.90 -47.77
CA SER B 175 18.68 4.24 -47.84
C SER B 175 19.46 5.25 -46.99
N GLY B 176 20.19 4.75 -45.99
CA GLY B 176 20.87 5.61 -44.99
C GLY B 176 19.87 6.19 -44.02
N THR B 177 18.76 5.49 -43.78
CA THR B 177 17.63 5.94 -42.92
C THR B 177 17.87 5.47 -41.47
N PHE B 178 17.89 6.42 -40.53
CA PHE B 178 17.81 6.22 -39.05
C PHE B 178 16.35 6.34 -38.59
N LEU B 179 15.94 5.50 -37.62
CA LEU B 179 14.61 5.60 -36.95
C LEU B 179 14.85 5.47 -35.45
N PHE B 180 14.32 6.38 -34.65
CA PHE B 180 14.50 6.41 -33.16
C PHE B 180 13.29 7.08 -32.51
N GLN B 181 12.88 6.57 -31.35
CA GLN B 181 11.98 7.26 -30.43
C GLN B 181 12.81 8.26 -29.62
N ALA B 182 12.29 9.46 -29.35
CA ALA B 182 12.84 10.40 -28.35
C ALA B 182 11.67 11.06 -27.62
N GLY B 183 11.35 10.56 -26.43
CA GLY B 183 10.16 10.96 -25.66
C GLY B 183 8.92 10.37 -26.31
N SER B 184 7.94 11.23 -26.63
CA SER B 184 6.63 10.84 -27.22
C SER B 184 6.81 10.48 -28.71
N GLY B 185 7.75 11.15 -29.37
CA GLY B 185 7.89 11.22 -30.84
C GLY B 185 8.85 10.17 -31.39
N ILE B 186 8.41 9.53 -32.47
CA ILE B 186 9.23 8.67 -33.38
C ILE B 186 9.74 9.60 -34.47
N TYR B 187 11.04 9.54 -34.76
CA TYR B 187 11.71 10.46 -35.70
C TYR B 187 12.60 9.69 -36.66
N HIS B 188 12.97 10.35 -37.76
CA HIS B 188 13.88 9.84 -38.79
C HIS B 188 14.73 10.97 -39.36
N VAL B 189 15.96 10.61 -39.74
CA VAL B 189 16.86 11.42 -40.61
C VAL B 189 17.61 10.43 -41.50
N LYS B 190 18.41 10.95 -42.41
CA LYS B 190 19.15 10.16 -43.41
C LYS B 190 20.60 10.61 -43.38
N ASP B 191 21.51 9.64 -43.39
CA ASP B 191 22.96 9.91 -43.53
C ASP B 191 23.64 8.62 -43.96
N GLY B 192 24.66 8.77 -44.81
CA GLY B 192 25.55 7.67 -45.23
C GLY B 192 24.91 6.76 -46.25
N GLY B 193 23.71 7.08 -46.71
CA GLY B 193 23.10 6.36 -47.84
C GLY B 193 23.69 6.85 -49.16
N PRO B 194 22.98 6.62 -50.28
CA PRO B 194 23.28 7.32 -51.54
C PRO B 194 23.07 8.85 -51.53
N GLN B 195 22.45 9.44 -50.52
CA GLN B 195 22.37 10.91 -50.42
C GLN B 195 23.72 11.46 -49.91
N GLY B 196 24.57 10.60 -49.34
CA GLY B 196 25.93 10.95 -48.90
C GLY B 196 25.98 11.38 -47.44
N PHE B 197 27.07 12.03 -47.06
CA PHE B 197 27.39 12.33 -45.65
C PHE B 197 27.22 13.82 -45.39
N THR B 198 26.48 14.14 -44.35
CA THR B 198 26.26 15.52 -43.87
C THR B 198 27.57 16.04 -43.30
N GLN B 199 27.76 17.36 -43.27
CA GLN B 199 28.86 17.98 -42.48
C GLN B 199 28.26 18.83 -41.35
N GLN B 200 26.95 18.73 -41.12
CA GLN B 200 26.23 19.62 -40.15
C GLN B 200 25.09 18.84 -39.50
N PRO B 201 24.68 19.19 -38.24
CA PRO B 201 23.53 18.53 -37.59
C PRO B 201 22.24 18.53 -38.43
N LEU B 202 21.46 17.45 -38.32
CA LEU B 202 20.24 17.19 -39.14
C LEU B 202 19.01 17.43 -38.27
N ARG B 203 17.98 17.97 -38.89
CA ARG B 203 16.69 18.20 -38.22
C ARG B 203 15.97 16.85 -38.21
N PRO B 204 15.63 16.33 -37.01
CA PRO B 204 14.81 15.13 -36.91
C PRO B 204 13.38 15.36 -37.45
N ASN B 205 12.91 14.42 -38.25
CA ASN B 205 11.59 14.44 -38.94
C ASN B 205 10.62 13.58 -38.16
N LEU B 206 9.68 14.22 -37.45
CA LEU B 206 8.57 13.53 -36.73
C LEU B 206 7.78 12.71 -37.73
N VAL B 207 7.55 11.42 -37.45
CA VAL B 207 6.54 10.61 -38.18
C VAL B 207 5.17 11.03 -37.62
N GLU B 208 4.35 11.72 -38.42
CA GLU B 208 3.00 12.16 -38.00
C GLU B 208 2.11 10.93 -37.81
N THR B 209 1.22 11.05 -36.83
CA THR B 209 0.32 10.02 -36.28
C THR B 209 -1.02 10.68 -35.90
N SER B 210 -2.11 9.91 -35.84
CA SER B 210 -3.38 10.34 -35.19
C SER B 210 -3.56 9.60 -33.87
N CYS B 211 -2.70 8.62 -33.56
CA CYS B 211 -2.78 7.76 -32.35
C CYS B 211 -2.78 8.67 -31.11
N PRO B 212 -3.74 8.55 -30.19
CA PRO B 212 -3.80 9.48 -29.05
C PRO B 212 -2.69 9.25 -28.01
N ASN B 213 -2.16 8.04 -27.96
CA ASN B 213 -1.27 7.59 -26.86
C ASN B 213 0.16 7.48 -27.37
N ILE B 214 1.10 7.31 -26.44
CA ILE B 214 2.56 7.12 -26.67
C ILE B 214 2.76 5.97 -27.67
N ARG B 215 3.50 6.22 -28.76
CA ARG B 215 3.96 5.14 -29.66
C ARG B 215 5.23 4.53 -29.05
N MET B 216 5.38 3.20 -29.14
CA MET B 216 6.51 2.43 -28.53
C MET B 216 7.23 1.56 -29.56
N ASP B 217 8.52 1.34 -29.32
CA ASP B 217 9.30 0.26 -29.98
C ASP B 217 9.17 0.38 -31.49
N PRO B 218 9.60 1.50 -32.11
CA PRO B 218 9.54 1.62 -33.56
C PRO B 218 10.66 0.86 -34.28
N LYS B 219 10.39 0.35 -35.48
CA LYS B 219 11.33 -0.46 -36.29
C LYS B 219 11.14 -0.20 -37.78
N LEU B 220 12.23 0.06 -38.52
CA LEU B 220 12.23 0.12 -39.99
C LEU B 220 11.94 -1.27 -40.53
N CYS B 221 11.09 -1.38 -41.56
CA CYS B 221 10.98 -2.59 -42.42
C CYS B 221 12.28 -2.69 -43.21
N PRO B 222 13.10 -3.74 -42.99
CA PRO B 222 14.34 -3.90 -43.76
C PRO B 222 14.15 -4.00 -45.28
N ALA B 223 13.00 -4.50 -45.73
CA ALA B 223 12.64 -4.74 -47.15
C ALA B 223 12.35 -3.42 -47.86
N ASP B 224 11.87 -2.43 -47.10
CA ASP B 224 11.33 -1.14 -47.63
C ASP B 224 11.38 -0.06 -46.55
N PRO B 225 12.41 0.83 -46.56
CA PRO B 225 12.59 1.81 -45.48
C PRO B 225 11.59 2.98 -45.43
N ASP B 226 10.57 2.98 -46.28
CA ASP B 226 9.44 3.97 -46.22
C ASP B 226 8.46 3.48 -45.15
N TRP B 227 8.51 2.18 -44.82
CA TRP B 227 7.59 1.50 -43.86
C TRP B 227 8.22 1.31 -42.47
N ILE B 228 7.56 1.83 -41.43
CA ILE B 228 7.93 1.56 -40.01
C ILE B 228 6.77 0.80 -39.39
N ALA B 229 7.03 0.13 -38.27
CA ALA B 229 6.05 -0.44 -37.32
C ALA B 229 6.31 0.19 -35.95
N PHE B 230 5.31 0.10 -35.08
CA PHE B 230 5.37 0.53 -33.67
C PHE B 230 4.16 -0.05 -32.93
N ILE B 231 4.19 0.08 -31.61
CA ILE B 231 3.12 -0.41 -30.71
C ILE B 231 2.39 0.82 -30.21
N HIS B 232 1.06 0.74 -30.18
CA HIS B 232 0.17 1.73 -29.52
C HIS B 232 -0.92 0.95 -28.79
N SER B 233 -1.12 1.23 -27.51
CA SER B 233 -2.14 0.59 -26.64
C SER B 233 -2.16 -0.92 -26.95
N ASN B 234 -0.97 -1.49 -27.05
CA ASN B 234 -0.69 -2.95 -27.12
C ASN B 234 -1.23 -3.53 -28.42
N ASP B 235 -1.29 -2.73 -29.49
CA ASP B 235 -1.49 -3.29 -30.86
C ASP B 235 -0.37 -2.81 -31.77
N ILE B 236 -0.13 -3.58 -32.80
CA ILE B 236 0.85 -3.28 -33.88
C ILE B 236 0.18 -2.35 -34.88
N TRP B 237 0.72 -1.13 -35.04
CA TRP B 237 0.47 -0.22 -36.18
C TRP B 237 1.68 -0.19 -37.11
N ILE B 238 1.46 0.17 -38.37
CA ILE B 238 2.54 0.52 -39.35
C ILE B 238 2.20 1.90 -39.91
N SER B 239 3.17 2.56 -40.51
CA SER B 239 3.05 3.96 -40.95
C SER B 239 4.10 4.18 -42.04
N ASN B 240 3.78 4.99 -43.04
CA ASN B 240 4.67 5.26 -44.22
C ASN B 240 5.15 6.71 -44.14
N ILE B 241 6.48 6.90 -44.01
CA ILE B 241 7.15 8.22 -43.73
C ILE B 241 7.20 9.09 -45.00
N VAL B 242 7.02 8.51 -46.18
CA VAL B 242 6.88 9.28 -47.46
C VAL B 242 5.42 9.70 -47.67
N THR B 243 4.46 8.77 -47.57
CA THR B 243 3.05 8.94 -48.02
C THR B 243 2.13 9.44 -46.91
N ARG B 244 2.55 9.35 -45.64
CA ARG B 244 1.76 9.75 -44.45
C ARG B 244 0.66 8.70 -44.17
N GLU B 245 0.70 7.56 -44.86
CA GLU B 245 -0.33 6.51 -44.66
C GLU B 245 -0.03 5.72 -43.38
N GLU B 246 -1.01 5.69 -42.47
CA GLU B 246 -0.96 5.07 -41.12
C GLU B 246 -2.05 4.00 -41.06
N ARG B 247 -1.80 2.89 -40.37
CA ARG B 247 -2.75 1.75 -40.30
C ARG B 247 -2.49 0.85 -39.08
N ARG B 248 -3.53 0.63 -38.28
CA ARG B 248 -3.62 -0.41 -37.21
C ARG B 248 -3.62 -1.78 -37.88
N LEU B 249 -2.84 -2.75 -37.39
CA LEU B 249 -2.75 -4.14 -37.93
C LEU B 249 -3.44 -5.18 -37.03
N THR B 250 -3.63 -4.91 -35.72
CA THR B 250 -4.17 -5.87 -34.71
C THR B 250 -5.24 -5.16 -33.87
N TYR B 251 -6.34 -5.84 -33.51
CA TYR B 251 -7.52 -5.23 -32.83
C TYR B 251 -7.84 -6.05 -31.56
N VAL B 252 -6.80 -6.26 -30.77
CA VAL B 252 -6.68 -7.30 -29.71
C VAL B 252 -6.93 -6.65 -28.34
N HIS B 253 -6.95 -5.32 -28.26
CA HIS B 253 -7.02 -4.54 -26.99
C HIS B 253 -7.77 -3.24 -27.25
N ASN B 254 -8.56 -2.80 -26.28
CA ASN B 254 -9.30 -1.51 -26.32
C ASN B 254 -8.92 -0.67 -25.09
N GLU B 255 -8.57 0.60 -25.33
CA GLU B 255 -7.95 1.53 -24.34
C GLU B 255 -9.02 2.16 -23.43
N LEU B 256 -10.25 2.37 -23.93
CA LEU B 256 -11.39 2.92 -23.13
C LEU B 256 -11.87 1.87 -22.12
N ALA B 257 -11.47 0.60 -22.27
CA ALA B 257 -11.74 -0.52 -21.33
C ALA B 257 -10.55 -0.74 -20.39
N ASN B 258 -10.82 -1.02 -19.11
CA ASN B 258 -9.82 -1.18 -18.01
C ASN B 258 -9.06 -2.51 -18.20
N MET B 259 -8.17 -2.86 -17.28
CA MET B 259 -7.12 -3.90 -17.48
C MET B 259 -7.44 -5.20 -16.73
N GLU B 260 -8.45 -5.23 -15.83
CA GLU B 260 -8.95 -6.48 -15.18
C GLU B 260 -9.79 -7.27 -16.21
N GLU B 261 -10.43 -6.56 -17.15
CA GLU B 261 -11.27 -7.13 -18.23
C GLU B 261 -10.40 -7.57 -19.42
N ASP B 262 -9.56 -6.66 -19.94
CA ASP B 262 -8.86 -6.77 -21.24
C ASP B 262 -7.35 -6.94 -21.00
N ALA B 263 -6.85 -8.18 -21.09
CA ALA B 263 -5.44 -8.56 -20.82
C ALA B 263 -4.81 -9.17 -22.08
N ARG B 264 -5.19 -8.65 -23.24
CA ARG B 264 -4.68 -9.13 -24.54
C ARG B 264 -3.77 -8.04 -25.11
N SER B 265 -2.64 -8.46 -25.66
CA SER B 265 -1.55 -7.59 -26.18
C SER B 265 -0.98 -8.28 -27.42
N ALA B 266 -0.55 -7.51 -28.42
CA ALA B 266 0.15 -8.02 -29.62
C ALA B 266 1.48 -7.28 -29.80
N GLY B 267 2.57 -8.01 -30.03
CA GLY B 267 3.88 -7.43 -30.39
C GLY B 267 4.63 -6.86 -29.20
N VAL B 268 4.15 -7.10 -27.98
CA VAL B 268 4.70 -6.56 -26.71
C VAL B 268 5.11 -7.76 -25.88
N ALA B 269 6.37 -7.78 -25.46
CA ALA B 269 6.89 -8.77 -24.51
C ALA B 269 6.26 -8.42 -23.16
N THR B 270 5.70 -9.41 -22.44
CA THR B 270 5.07 -9.22 -21.09
C THR B 270 6.14 -9.11 -20.01
N PHE B 271 5.72 -8.85 -18.78
CA PHE B 271 6.57 -8.55 -17.61
C PHE B 271 7.73 -9.56 -17.48
N VAL B 272 7.48 -10.86 -17.47
CA VAL B 272 8.52 -11.87 -17.09
C VAL B 272 9.59 -11.95 -18.20
N LEU B 273 9.23 -11.72 -19.45
CA LEU B 273 10.23 -11.84 -20.54
C LEU B 273 11.12 -10.60 -20.62
N GLN B 274 10.57 -9.44 -20.31
CA GLN B 274 11.35 -8.19 -20.23
C GLN B 274 12.30 -8.36 -19.04
N GLU B 275 11.76 -8.70 -17.87
CA GLU B 275 12.50 -8.63 -16.61
C GLU B 275 13.41 -9.84 -16.41
N GLU B 276 13.09 -11.02 -16.96
CA GLU B 276 13.78 -12.29 -16.55
C GLU B 276 14.49 -12.94 -17.73
N PHE B 277 14.18 -12.55 -18.96
CA PHE B 277 14.80 -13.07 -20.21
C PHE B 277 15.40 -11.95 -21.08
N ASP B 278 15.32 -10.68 -20.64
CA ASP B 278 15.76 -9.48 -21.41
C ASP B 278 15.27 -9.57 -22.86
N ARG B 279 14.00 -9.88 -23.07
CA ARG B 279 13.39 -9.71 -24.42
C ARG B 279 12.42 -8.53 -24.34
N TYR B 280 12.63 -7.49 -25.16
CA TYR B 280 11.93 -6.18 -25.04
C TYR B 280 10.95 -5.97 -26.21
N SER B 281 11.22 -6.58 -27.37
CA SER B 281 10.31 -6.55 -28.54
C SER B 281 9.54 -7.88 -28.69
N GLY B 282 8.30 -7.81 -29.18
CA GLY B 282 7.43 -8.96 -29.44
C GLY B 282 6.90 -9.03 -30.86
N TYR B 283 7.60 -8.39 -31.80
CA TYR B 283 7.27 -8.43 -33.25
C TYR B 283 8.57 -8.26 -34.05
N TRP B 284 8.59 -8.80 -35.26
CA TRP B 284 9.83 -8.96 -36.06
C TRP B 284 9.47 -8.83 -37.54
N TRP B 285 9.88 -7.72 -38.15
CA TRP B 285 9.83 -7.52 -39.61
C TRP B 285 10.52 -8.70 -40.29
N CYS B 286 9.84 -9.29 -41.27
CA CYS B 286 10.41 -10.22 -42.30
C CYS B 286 11.36 -9.40 -43.15
N PRO B 287 12.65 -9.79 -43.30
CA PRO B 287 13.66 -8.92 -43.92
C PRO B 287 13.58 -8.79 -45.45
N LYS B 288 12.86 -9.69 -46.12
CA LYS B 288 12.62 -9.67 -47.59
C LYS B 288 11.13 -9.49 -47.86
N ALA B 289 10.83 -8.81 -48.98
CA ALA B 289 9.50 -8.64 -49.58
C ALA B 289 9.36 -9.61 -50.76
N GLU B 290 8.23 -10.31 -50.85
CA GLU B 290 7.90 -11.13 -52.05
C GLU B 290 7.07 -10.27 -53.01
N THR B 291 7.43 -10.26 -54.29
CA THR B 291 6.77 -9.45 -55.35
C THR B 291 5.39 -10.07 -55.62
N THR B 292 4.39 -9.24 -55.97
CA THR B 292 3.05 -9.68 -56.48
C THR B 292 3.01 -9.49 -58.01
N PRO B 293 2.49 -10.48 -58.77
CA PRO B 293 2.45 -10.41 -60.23
C PRO B 293 2.09 -9.03 -60.81
N SER B 294 1.24 -8.28 -60.10
CA SER B 294 0.69 -6.95 -60.51
C SER B 294 1.78 -5.85 -60.51
N GLY B 295 2.90 -6.06 -59.81
CA GLY B 295 3.91 -5.01 -59.54
C GLY B 295 3.77 -4.40 -58.15
N GLY B 296 2.97 -5.00 -57.26
CA GLY B 296 2.93 -4.69 -55.81
C GLY B 296 3.90 -5.58 -55.04
N LYS B 297 3.64 -5.80 -53.74
CA LYS B 297 4.45 -6.72 -52.88
C LYS B 297 3.75 -7.06 -51.57
N ILE B 298 4.25 -8.11 -50.91
CA ILE B 298 3.84 -8.52 -49.55
C ILE B 298 4.99 -8.28 -48.54
N LEU B 299 4.70 -7.45 -47.53
CA LEU B 299 5.51 -7.33 -46.29
C LEU B 299 4.89 -8.26 -45.24
N ARG B 300 5.71 -8.82 -44.36
CA ARG B 300 5.20 -9.66 -43.26
C ARG B 300 5.73 -9.14 -41.91
N ILE B 301 4.92 -9.34 -40.87
CA ILE B 301 5.34 -9.15 -39.45
C ILE B 301 4.91 -10.40 -38.68
N LEU B 302 5.88 -11.22 -38.25
CA LEU B 302 5.71 -12.23 -37.17
C LEU B 302 5.56 -11.46 -35.86
N TYR B 303 4.67 -11.93 -34.97
CA TYR B 303 4.48 -11.33 -33.63
C TYR B 303 3.92 -12.39 -32.67
N GLU B 304 4.28 -12.27 -31.40
CA GLU B 304 3.62 -13.00 -30.27
C GLU B 304 2.31 -12.26 -29.97
N GLU B 305 1.24 -13.01 -29.80
CA GLU B 305 -0.03 -12.53 -29.23
C GLU B 305 -0.09 -13.15 -27.84
N ASN B 306 -0.43 -12.36 -26.83
CA ASN B 306 -0.38 -12.76 -25.40
C ASN B 306 -1.73 -12.52 -24.74
N ASP B 307 -2.22 -13.52 -24.00
CA ASP B 307 -3.46 -13.40 -23.21
C ASP B 307 -3.07 -13.61 -21.74
N GLU B 308 -3.21 -12.55 -20.94
CA GLU B 308 -2.80 -12.47 -19.50
C GLU B 308 -4.02 -12.56 -18.58
N SER B 309 -5.21 -12.90 -19.12
CA SER B 309 -6.49 -13.09 -18.37
C SER B 309 -6.27 -13.87 -17.07
N GLU B 310 -5.63 -15.04 -17.18
CA GLU B 310 -5.46 -16.03 -16.06
C GLU B 310 -4.36 -15.58 -15.11
N VAL B 311 -3.57 -14.58 -15.48
CA VAL B 311 -2.34 -14.20 -14.73
C VAL B 311 -2.79 -13.31 -13.58
N GLU B 312 -2.17 -13.52 -12.40
CA GLU B 312 -2.42 -12.79 -11.13
C GLU B 312 -2.22 -11.28 -11.33
N ILE B 313 -2.97 -10.48 -10.58
CA ILE B 313 -2.90 -8.99 -10.61
C ILE B 313 -2.31 -8.57 -9.27
N ILE B 314 -1.48 -7.53 -9.25
CA ILE B 314 -0.96 -6.94 -7.97
C ILE B 314 -0.94 -5.42 -8.15
N HIS B 315 -1.00 -4.67 -7.05
CA HIS B 315 -1.07 -3.19 -7.09
C HIS B 315 0.06 -2.58 -6.25
N VAL B 316 0.40 -1.33 -6.56
CA VAL B 316 1.38 -0.50 -5.80
C VAL B 316 0.87 0.95 -5.80
N THR B 317 1.15 1.72 -4.74
CA THR B 317 0.64 3.12 -4.59
C THR B 317 1.15 3.99 -5.74
N ASP B 327 -0.88 2.36 -10.32
CA ASP B 327 -1.86 1.42 -10.93
C ASP B 327 -1.33 -0.03 -10.82
N SER B 328 -2.02 -0.96 -11.49
CA SER B 328 -1.91 -2.43 -11.31
C SER B 328 -1.30 -3.09 -12.55
N PHE B 329 -0.71 -4.29 -12.40
CA PHE B 329 -0.12 -5.07 -13.52
C PHE B 329 -0.18 -6.57 -13.28
N ARG B 330 0.11 -7.31 -14.36
CA ARG B 330 0.08 -8.78 -14.48
C ARG B 330 1.47 -9.36 -14.18
N TYR B 331 1.59 -9.92 -12.98
CA TYR B 331 2.80 -10.53 -12.37
C TYR B 331 2.58 -12.03 -12.18
N PRO B 332 3.17 -12.88 -13.06
CA PRO B 332 3.16 -14.33 -12.85
C PRO B 332 3.95 -14.75 -11.60
N LYS B 333 3.29 -14.71 -10.44
CA LYS B 333 3.86 -15.33 -9.22
C LYS B 333 4.29 -16.77 -9.56
N THR B 334 5.39 -17.22 -8.96
CA THR B 334 5.91 -18.61 -9.07
C THR B 334 4.80 -19.61 -8.72
N GLY B 335 4.70 -20.68 -9.49
CA GLY B 335 3.72 -21.76 -9.30
C GLY B 335 2.33 -21.40 -9.84
N THR B 336 2.15 -20.23 -10.45
CA THR B 336 0.85 -19.78 -11.02
C THR B 336 0.96 -19.51 -12.53
N ALA B 337 -0.11 -19.01 -13.13
CA ALA B 337 -0.28 -19.00 -14.60
C ALA B 337 0.67 -17.97 -15.23
N ASN B 338 1.45 -18.42 -16.20
CA ASN B 338 2.10 -17.56 -17.21
C ASN B 338 1.05 -17.25 -18.27
N PRO B 339 1.27 -16.23 -19.13
CA PRO B 339 0.27 -15.87 -20.12
C PRO B 339 0.04 -16.98 -21.15
N LYS B 340 -1.10 -16.90 -21.85
CA LYS B 340 -1.36 -17.74 -23.05
C LYS B 340 -0.68 -17.01 -24.19
N VAL B 341 0.07 -17.73 -25.00
CA VAL B 341 0.96 -17.13 -26.02
C VAL B 341 0.64 -17.86 -27.31
N THR B 342 0.58 -17.15 -28.44
CA THR B 342 0.71 -17.76 -29.78
C THR B 342 1.65 -16.90 -30.63
N PHE B 343 2.09 -17.46 -31.74
CA PHE B 343 2.65 -16.74 -32.90
C PHE B 343 1.48 -16.36 -33.83
N LYS B 344 1.58 -15.18 -34.40
CA LYS B 344 0.67 -14.63 -35.43
C LYS B 344 1.54 -14.06 -36.55
N MET B 345 0.94 -13.80 -37.71
CA MET B 345 1.65 -13.27 -38.91
C MET B 345 0.72 -12.29 -39.60
N SER B 346 1.14 -11.03 -39.72
CA SER B 346 0.40 -9.97 -40.45
C SER B 346 1.01 -9.90 -41.84
N GLU B 347 0.18 -10.12 -42.85
CA GLU B 347 0.56 -10.18 -44.29
C GLU B 347 0.04 -8.89 -44.91
N ILE B 348 0.93 -7.96 -45.24
CA ILE B 348 0.58 -6.55 -45.63
C ILE B 348 0.81 -6.44 -47.14
N MET B 349 -0.22 -5.94 -47.86
CA MET B 349 -0.28 -5.94 -49.36
C MET B 349 -0.25 -4.49 -49.85
N ILE B 350 0.79 -4.17 -50.64
CA ILE B 350 1.12 -2.80 -51.13
C ILE B 350 1.10 -2.82 -52.67
N ASP B 351 0.55 -1.79 -53.31
CA ASP B 351 0.51 -1.70 -54.79
C ASP B 351 1.85 -1.06 -55.20
N ALA B 352 2.06 -0.85 -56.49
CA ALA B 352 3.34 -0.34 -57.05
C ALA B 352 3.67 1.05 -56.47
N GLU B 353 2.64 1.80 -56.08
CA GLU B 353 2.75 3.23 -55.67
C GLU B 353 2.94 3.33 -54.13
N GLY B 354 3.16 2.20 -53.45
CA GLY B 354 3.48 2.16 -52.00
C GLY B 354 2.26 2.37 -51.10
N ARG B 355 1.03 2.17 -51.61
CA ARG B 355 -0.22 2.30 -50.81
C ARG B 355 -0.68 0.90 -50.38
N ILE B 356 -1.32 0.81 -49.21
CA ILE B 356 -1.86 -0.47 -48.67
C ILE B 356 -3.07 -0.88 -49.53
N ILE B 357 -3.05 -2.07 -50.15
CA ILE B 357 -4.25 -2.70 -50.78
C ILE B 357 -5.06 -3.37 -49.67
N ASP B 358 -4.42 -4.21 -48.85
CA ASP B 358 -5.11 -5.01 -47.81
C ASP B 358 -4.11 -5.47 -46.73
N VAL B 359 -4.62 -5.79 -45.54
CA VAL B 359 -3.92 -6.55 -44.48
C VAL B 359 -4.76 -7.77 -44.14
N ILE B 360 -4.19 -8.96 -44.25
CA ILE B 360 -4.77 -10.20 -43.68
C ILE B 360 -3.92 -10.61 -42.47
N ASP B 361 -4.51 -10.51 -41.28
CA ASP B 361 -4.02 -11.17 -40.05
C ASP B 361 -4.13 -12.69 -40.27
N LYS B 362 -3.09 -13.47 -39.93
CA LYS B 362 -3.04 -14.95 -40.08
C LYS B 362 -2.66 -15.57 -38.73
N GLU B 363 -3.07 -16.83 -38.48
CA GLU B 363 -2.89 -17.56 -37.19
C GLU B 363 -2.30 -18.94 -37.48
N LEU B 364 -1.77 -19.60 -36.45
CA LEU B 364 -1.19 -20.97 -36.62
C LEU B 364 -2.29 -21.92 -37.12
N ILE B 365 -1.92 -22.83 -38.01
CA ILE B 365 -2.83 -23.86 -38.61
C ILE B 365 -3.35 -24.81 -37.53
N GLN B 366 -2.57 -25.04 -36.47
CA GLN B 366 -2.98 -25.82 -35.27
C GLN B 366 -2.46 -25.08 -34.03
N PRO B 367 -3.23 -24.96 -32.92
CA PRO B 367 -2.77 -24.17 -31.77
C PRO B 367 -1.34 -24.46 -31.30
N PHE B 368 -0.73 -23.44 -30.69
CA PHE B 368 0.69 -23.38 -30.29
C PHE B 368 1.04 -24.64 -29.49
N GLU B 369 0.20 -24.98 -28.52
CA GLU B 369 0.33 -26.16 -27.59
C GLU B 369 0.43 -27.45 -28.41
N ILE B 370 -0.29 -27.57 -29.52
CA ILE B 370 -0.25 -28.77 -30.40
C ILE B 370 1.12 -28.80 -31.07
N LEU B 371 1.43 -27.74 -31.81
CA LEU B 371 2.72 -27.59 -32.56
C LEU B 371 3.93 -27.54 -31.60
N PHE B 372 3.79 -26.88 -30.44
CA PHE B 372 4.95 -26.53 -29.56
C PHE B 372 4.76 -27.16 -28.17
N GLU B 373 4.65 -28.49 -28.15
CA GLU B 373 4.39 -29.34 -26.95
C GLU B 373 5.41 -28.99 -25.86
N GLY B 374 4.96 -28.73 -24.63
CA GLY B 374 5.84 -28.52 -23.46
C GLY B 374 6.30 -27.07 -23.29
N VAL B 375 6.08 -26.22 -24.31
CA VAL B 375 6.74 -24.88 -24.38
C VAL B 375 5.95 -23.88 -23.54
N GLU B 376 6.59 -23.33 -22.50
CA GLU B 376 6.09 -22.22 -21.64
C GLU B 376 6.45 -20.87 -22.24
N TYR B 377 7.74 -20.62 -22.51
CA TYR B 377 8.27 -19.27 -22.88
C TYR B 377 8.80 -19.23 -24.32
N ILE B 378 8.44 -18.17 -25.04
CA ILE B 378 9.10 -17.73 -26.31
C ILE B 378 10.27 -16.80 -25.92
N ALA B 379 11.48 -17.35 -25.80
CA ALA B 379 12.63 -16.65 -25.18
C ALA B 379 13.20 -15.64 -26.20
N ARG B 380 13.22 -16.01 -27.49
CA ARG B 380 13.80 -15.22 -28.61
C ARG B 380 13.06 -15.57 -29.91
N ALA B 381 12.96 -14.65 -30.86
CA ALA B 381 12.46 -14.94 -32.22
C ALA B 381 12.99 -13.88 -33.19
N GLY B 382 12.86 -14.19 -34.49
CA GLY B 382 13.47 -13.48 -35.63
C GLY B 382 13.26 -14.24 -36.94
N TRP B 383 13.99 -13.87 -37.99
CA TRP B 383 13.90 -14.48 -39.34
C TRP B 383 15.30 -14.93 -39.78
N THR B 384 15.36 -15.96 -40.64
CA THR B 384 16.56 -16.30 -41.44
C THR B 384 16.87 -15.06 -42.30
N PRO B 385 18.13 -14.86 -42.75
CA PRO B 385 18.52 -13.63 -43.46
C PRO B 385 17.71 -13.27 -44.72
N GLU B 386 17.22 -14.27 -45.47
CA GLU B 386 16.42 -14.08 -46.72
C GLU B 386 14.93 -14.26 -46.43
N GLY B 387 14.52 -14.45 -45.17
CA GLY B 387 13.10 -14.39 -44.74
C GLY B 387 12.27 -15.61 -45.14
N LYS B 388 12.90 -16.74 -45.50
CA LYS B 388 12.21 -18.00 -45.90
C LYS B 388 11.44 -18.55 -44.69
N TYR B 389 12.14 -18.77 -43.58
CA TYR B 389 11.59 -19.20 -42.27
C TYR B 389 11.67 -18.08 -41.23
N ALA B 390 10.69 -18.03 -40.33
CA ALA B 390 10.83 -17.43 -38.99
C ALA B 390 11.53 -18.45 -38.09
N TRP B 391 12.23 -17.97 -37.04
CA TRP B 391 12.86 -18.84 -36.00
C TRP B 391 12.37 -18.42 -34.62
N SER B 392 12.46 -19.33 -33.67
CA SER B 392 12.17 -19.07 -32.25
C SER B 392 13.01 -20.00 -31.38
N ILE B 393 13.38 -19.53 -30.20
CA ILE B 393 14.12 -20.35 -29.21
C ILE B 393 13.11 -20.51 -28.09
N LEU B 394 12.64 -21.75 -27.92
CA LEU B 394 11.43 -22.07 -27.13
C LEU B 394 11.91 -22.79 -25.89
N LEU B 395 11.39 -22.44 -24.71
CA LEU B 395 11.75 -23.10 -23.42
C LEU B 395 10.51 -23.78 -22.85
N ASP B 396 10.72 -24.86 -22.11
CA ASP B 396 9.64 -25.54 -21.34
C ASP B 396 9.49 -24.76 -20.03
N ARG B 397 8.46 -25.06 -19.24
CA ARG B 397 8.26 -24.33 -17.97
C ARG B 397 9.47 -24.48 -17.05
N SER B 398 10.08 -25.67 -16.99
CA SER B 398 11.18 -25.92 -16.03
C SER B 398 12.48 -25.29 -16.53
N GLN B 399 12.50 -24.79 -17.77
CA GLN B 399 13.69 -24.10 -18.36
C GLN B 399 14.88 -25.07 -18.28
N THR B 400 14.69 -26.32 -18.70
CA THR B 400 15.76 -27.36 -18.79
C THR B 400 15.76 -27.96 -20.19
N ARG B 401 14.80 -27.59 -21.01
CA ARG B 401 14.65 -28.02 -22.43
C ARG B 401 14.62 -26.75 -23.30
N LEU B 402 15.61 -26.61 -24.18
CA LEU B 402 15.67 -25.52 -25.18
C LEU B 402 15.48 -26.15 -26.55
N GLN B 403 14.76 -25.45 -27.42
CA GLN B 403 14.54 -25.87 -28.82
C GLN B 403 14.67 -24.65 -29.72
N ILE B 404 15.37 -24.80 -30.86
CA ILE B 404 15.36 -23.83 -31.98
C ILE B 404 14.47 -24.41 -33.07
N VAL B 405 13.51 -23.61 -33.55
CA VAL B 405 12.38 -24.04 -34.42
C VAL B 405 12.32 -23.11 -35.61
N LEU B 406 12.34 -23.68 -36.81
CA LEU B 406 11.95 -22.92 -38.01
C LEU B 406 10.43 -23.02 -38.17
N ILE B 407 9.82 -21.88 -38.49
CA ILE B 407 8.35 -21.69 -38.69
C ILE B 407 8.18 -21.01 -40.04
N SER B 408 7.78 -21.76 -41.09
CA SER B 408 7.50 -21.21 -42.44
C SER B 408 6.28 -20.27 -42.36
N PRO B 409 6.24 -19.16 -43.10
CA PRO B 409 4.99 -18.39 -43.20
C PRO B 409 3.84 -19.24 -43.77
N GLU B 410 4.15 -20.43 -44.33
CA GLU B 410 3.13 -21.34 -44.93
C GLU B 410 2.34 -22.06 -43.83
N LEU B 411 2.79 -22.03 -42.57
CA LEU B 411 2.07 -22.61 -41.38
C LEU B 411 0.93 -21.69 -40.92
N PHE B 412 0.74 -20.51 -41.53
CA PHE B 412 -0.25 -19.51 -41.07
C PHE B 412 -1.34 -19.37 -42.15
N ILE B 413 -2.59 -19.23 -41.72
CA ILE B 413 -3.80 -19.15 -42.60
C ILE B 413 -4.68 -17.99 -42.11
N PRO B 414 -5.44 -17.32 -42.98
CA PRO B 414 -6.30 -16.22 -42.53
C PRO B 414 -7.18 -16.59 -41.31
N VAL B 415 -7.36 -15.63 -40.40
CA VAL B 415 -8.28 -15.73 -39.23
C VAL B 415 -9.70 -15.70 -39.79
N GLU B 416 -10.41 -16.84 -39.74
CA GLU B 416 -11.72 -17.00 -40.44
C GLU B 416 -12.85 -17.35 -39.46
N ASP B 417 -13.91 -16.53 -39.46
CA ASP B 417 -15.17 -16.74 -38.69
C ASP B 417 -15.86 -18.04 -39.15
N ASP B 418 -16.40 -18.05 -40.38
CA ASP B 418 -17.22 -19.13 -41.00
C ASP B 418 -16.36 -20.40 -41.15
N VAL B 419 -16.63 -21.43 -40.32
CA VAL B 419 -15.79 -22.67 -40.17
C VAL B 419 -15.82 -23.48 -41.48
N MET B 420 -16.85 -23.26 -42.31
CA MET B 420 -16.99 -23.91 -43.64
C MET B 420 -15.88 -23.37 -44.56
N GLU B 421 -15.82 -22.05 -44.77
CA GLU B 421 -14.79 -21.35 -45.58
C GLU B 421 -13.39 -21.69 -45.03
N ARG B 422 -13.28 -21.85 -43.71
CA ARG B 422 -12.02 -22.17 -42.98
C ARG B 422 -11.48 -23.54 -43.38
N GLN B 423 -12.35 -24.53 -43.61
CA GLN B 423 -11.97 -25.98 -43.67
C GLN B 423 -11.15 -26.27 -44.94
N ARG B 424 -11.24 -25.42 -45.99
CA ARG B 424 -10.37 -25.56 -47.20
C ARG B 424 -8.96 -25.05 -46.88
N LEU B 425 -8.86 -23.81 -46.37
CA LEU B 425 -7.58 -23.14 -45.98
C LEU B 425 -6.74 -24.14 -45.17
N ILE B 426 -7.35 -24.88 -44.25
CA ILE B 426 -6.65 -25.89 -43.40
C ILE B 426 -6.15 -27.06 -44.28
N GLU B 427 -7.05 -27.73 -45.01
CA GLU B 427 -6.77 -29.02 -45.69
C GLU B 427 -5.86 -28.79 -46.90
N SER B 428 -5.88 -27.59 -47.47
CA SER B 428 -5.10 -27.21 -48.68
C SER B 428 -3.60 -27.15 -48.34
N VAL B 429 -3.21 -26.34 -47.35
CA VAL B 429 -1.81 -26.28 -46.80
C VAL B 429 -1.23 -27.70 -46.78
N PRO B 430 -0.19 -28.00 -47.59
CA PRO B 430 0.41 -29.35 -47.62
C PRO B 430 0.75 -29.83 -46.22
N ASP B 431 0.78 -31.15 -46.01
CA ASP B 431 1.10 -31.74 -44.69
C ASP B 431 2.62 -31.84 -44.55
N SER B 432 3.36 -31.65 -45.65
CA SER B 432 4.85 -31.59 -45.65
C SER B 432 5.31 -30.35 -44.88
N VAL B 433 4.52 -29.27 -44.91
CA VAL B 433 4.78 -28.00 -44.18
C VAL B 433 4.55 -28.27 -42.69
N THR B 434 5.64 -28.45 -41.92
CA THR B 434 5.58 -28.72 -40.47
C THR B 434 6.65 -27.90 -39.75
N PRO B 435 6.48 -27.59 -38.45
CA PRO B 435 7.55 -26.99 -37.69
C PRO B 435 8.81 -27.84 -37.80
N LEU B 436 9.99 -27.22 -37.79
CA LEU B 436 11.29 -27.93 -37.91
C LEU B 436 12.14 -27.60 -36.69
N ILE B 437 12.24 -28.52 -35.73
CA ILE B 437 13.12 -28.33 -34.55
C ILE B 437 14.55 -28.65 -34.98
N ILE B 438 15.31 -27.62 -35.32
CA ILE B 438 16.69 -27.79 -35.88
C ILE B 438 17.68 -28.02 -34.75
N TYR B 439 17.28 -27.80 -33.50
CA TYR B 439 18.21 -28.03 -32.37
C TYR B 439 17.42 -28.31 -31.08
N GLU B 440 17.89 -29.29 -30.32
CA GLU B 440 17.27 -29.57 -29.02
C GLU B 440 18.34 -29.98 -28.05
N GLU B 441 18.20 -29.55 -26.81
CA GLU B 441 19.14 -29.82 -25.70
C GLU B 441 18.34 -29.75 -24.39
N THR B 442 18.95 -30.28 -23.33
CA THR B 442 18.37 -30.52 -22.00
C THR B 442 19.50 -30.47 -20.97
N THR B 443 19.17 -30.09 -19.75
CA THR B 443 20.13 -29.97 -18.62
C THR B 443 19.39 -30.35 -17.34
N ASP B 444 20.14 -30.73 -16.31
CA ASP B 444 19.64 -30.99 -14.93
C ASP B 444 19.91 -29.76 -14.04
N ILE B 445 20.50 -28.71 -14.59
CA ILE B 445 20.69 -27.41 -13.89
C ILE B 445 19.67 -26.41 -14.46
N TRP B 446 20.03 -25.58 -15.43
CA TRP B 446 19.02 -24.71 -16.12
C TRP B 446 19.63 -24.15 -17.39
N ILE B 447 18.77 -23.78 -18.34
CA ILE B 447 19.17 -23.01 -19.55
C ILE B 447 19.29 -21.54 -19.17
N ASN B 448 20.44 -20.97 -19.53
CA ASN B 448 20.74 -19.53 -19.55
C ASN B 448 20.53 -19.06 -20.99
N ILE B 449 19.42 -18.34 -21.23
CA ILE B 449 19.13 -17.70 -22.56
C ILE B 449 20.16 -16.60 -22.79
N HIS B 450 20.53 -16.38 -24.06
CA HIS B 450 21.60 -15.47 -24.56
C HIS B 450 21.24 -15.05 -25.97
N ASP B 451 22.05 -14.17 -26.57
CA ASP B 451 21.65 -13.46 -27.82
C ASP B 451 22.46 -14.02 -28.99
N ILE B 452 23.31 -15.03 -28.75
CA ILE B 452 24.11 -15.66 -29.83
C ILE B 452 23.23 -16.66 -30.59
N PHE B 453 22.96 -16.36 -31.84
CA PHE B 453 22.34 -17.25 -32.84
C PHE B 453 22.58 -16.62 -34.22
N HIS B 454 23.48 -17.21 -35.00
CA HIS B 454 23.82 -16.77 -36.40
C HIS B 454 23.39 -17.85 -37.39
N VAL B 455 22.69 -17.44 -38.46
CA VAL B 455 22.20 -18.32 -39.57
C VAL B 455 22.91 -17.91 -40.87
N PHE B 456 23.62 -18.85 -41.50
CA PHE B 456 24.32 -18.66 -42.80
C PHE B 456 23.31 -18.68 -43.94
N PRO B 457 23.66 -18.09 -45.11
CA PRO B 457 22.87 -18.26 -46.33
C PRO B 457 22.56 -19.75 -46.58
N GLN B 458 21.36 -20.05 -47.10
CA GLN B 458 20.92 -21.44 -47.41
C GLN B 458 21.62 -21.88 -48.70
N SER B 459 22.60 -22.77 -48.58
CA SER B 459 23.36 -23.35 -49.71
C SER B 459 22.53 -24.46 -50.39
N HIS B 460 21.58 -25.09 -49.69
CA HIS B 460 20.80 -26.29 -50.12
C HIS B 460 19.43 -26.31 -49.41
N GLU B 461 18.36 -26.57 -50.15
CA GLU B 461 16.93 -26.47 -49.70
C GLU B 461 16.65 -27.43 -48.53
N GLU B 462 17.45 -28.48 -48.34
CA GLU B 462 17.20 -29.60 -47.38
C GLU B 462 18.14 -29.47 -46.17
N GLU B 463 18.87 -28.35 -46.07
CA GLU B 463 19.86 -28.10 -44.96
C GLU B 463 19.72 -26.66 -44.43
N ILE B 464 19.98 -26.50 -43.12
CA ILE B 464 20.25 -25.17 -42.49
C ILE B 464 21.56 -25.28 -41.71
N GLU B 465 22.34 -24.21 -41.77
CA GLU B 465 23.70 -24.13 -41.19
C GLU B 465 23.72 -22.90 -40.29
N PHE B 466 24.12 -23.04 -39.02
CA PHE B 466 24.06 -21.95 -38.04
C PHE B 466 25.13 -22.12 -36.96
N ILE B 467 25.41 -21.04 -36.22
CA ILE B 467 26.23 -21.05 -34.97
C ILE B 467 25.29 -20.75 -33.80
N PHE B 468 25.43 -21.50 -32.71
CA PHE B 468 24.68 -21.36 -31.45
C PHE B 468 25.71 -21.54 -30.33
N ALA B 469 25.35 -21.16 -29.12
CA ALA B 469 26.22 -21.31 -27.94
C ALA B 469 25.44 -22.12 -26.91
N SER B 470 26.13 -22.96 -26.13
CA SER B 470 25.46 -23.83 -25.13
C SER B 470 26.42 -24.23 -24.03
N GLU B 471 25.84 -24.43 -22.87
CA GLU B 471 26.52 -24.89 -21.64
C GLU B 471 26.26 -26.41 -21.56
N CYS B 472 25.42 -26.95 -22.44
CA CYS B 472 24.70 -28.22 -22.17
C CYS B 472 25.56 -29.47 -22.42
N LYS B 473 26.79 -29.33 -22.94
CA LYS B 473 27.69 -30.47 -23.24
C LYS B 473 28.76 -30.58 -22.14
N THR B 474 29.51 -29.51 -21.94
CA THR B 474 30.72 -29.45 -21.10
C THR B 474 30.47 -28.70 -19.78
N GLY B 475 29.33 -28.00 -19.68
CA GLY B 475 29.00 -27.11 -18.53
C GLY B 475 29.66 -25.73 -18.60
N PHE B 476 30.24 -25.33 -19.75
CA PHE B 476 30.72 -23.95 -20.06
C PHE B 476 30.18 -23.52 -21.43
N ARG B 477 29.84 -22.24 -21.57
CA ARG B 477 29.19 -21.75 -22.81
C ARG B 477 30.27 -21.74 -23.91
N HIS B 478 29.99 -22.44 -25.00
CA HIS B 478 30.95 -22.57 -26.12
C HIS B 478 30.15 -22.42 -27.39
N LEU B 479 30.81 -21.98 -28.47
CA LEU B 479 30.23 -21.84 -29.82
C LEU B 479 30.21 -23.19 -30.51
N TYR B 480 29.11 -23.52 -31.18
CA TYR B 480 28.95 -24.79 -31.93
C TYR B 480 28.46 -24.43 -33.34
N LYS B 481 29.08 -25.01 -34.38
CA LYS B 481 28.57 -24.92 -35.77
C LYS B 481 27.77 -26.18 -36.05
N ILE B 482 26.53 -25.98 -36.48
CA ILE B 482 25.55 -27.09 -36.63
C ILE B 482 25.04 -27.03 -38.06
N THR B 483 24.89 -28.21 -38.65
CA THR B 483 24.08 -28.46 -39.85
C THR B 483 22.99 -29.44 -39.42
N SER B 484 21.74 -29.06 -39.67
CA SER B 484 20.51 -29.87 -39.42
C SER B 484 19.85 -30.17 -40.78
N ILE B 485 19.44 -31.43 -41.03
CA ILE B 485 18.72 -31.81 -42.29
C ILE B 485 17.23 -31.42 -42.12
N LEU B 486 16.62 -30.79 -43.13
CA LEU B 486 15.21 -30.31 -43.06
C LEU B 486 14.32 -31.35 -43.72
N LYS B 487 14.11 -32.46 -43.00
CA LYS B 487 13.34 -33.67 -43.42
C LYS B 487 11.85 -33.32 -43.45
N GLU B 488 11.10 -33.87 -44.43
CA GLU B 488 9.62 -33.99 -44.40
C GLU B 488 9.27 -34.74 -43.11
N SER B 489 8.33 -34.23 -42.31
CA SER B 489 7.94 -34.89 -41.03
C SER B 489 7.21 -36.20 -41.33
N LYS B 490 7.43 -37.20 -40.48
CA LYS B 490 6.67 -38.48 -40.46
C LYS B 490 5.17 -38.17 -40.38
N TYR B 491 4.78 -37.11 -39.65
CA TYR B 491 3.38 -36.81 -39.20
C TYR B 491 2.61 -36.07 -40.31
N LYS B 492 1.35 -36.47 -40.52
CA LYS B 492 0.41 -35.85 -41.51
C LYS B 492 -0.79 -35.25 -40.80
N ARG B 493 -1.19 -34.04 -41.22
CA ARG B 493 -2.31 -33.22 -40.68
C ARG B 493 -3.63 -33.62 -41.36
N SER B 494 -3.56 -34.30 -42.49
CA SER B 494 -4.76 -34.80 -43.22
C SER B 494 -5.21 -36.12 -42.61
N SER B 495 -4.34 -36.78 -41.84
CA SER B 495 -4.66 -38.04 -41.12
C SER B 495 -5.43 -37.71 -39.84
N GLY B 496 -5.80 -36.43 -39.68
CA GLY B 496 -6.55 -35.96 -38.49
C GLY B 496 -5.88 -36.41 -37.20
N GLY B 497 -4.55 -36.54 -37.20
CA GLY B 497 -3.81 -37.07 -36.03
C GLY B 497 -3.33 -35.96 -35.12
N LEU B 498 -2.74 -36.31 -33.97
CA LEU B 498 -2.05 -35.34 -33.07
C LEU B 498 -0.57 -35.69 -33.03
N PRO B 499 0.36 -34.71 -33.16
CA PRO B 499 1.77 -35.01 -33.32
C PRO B 499 2.40 -35.55 -32.04
N ALA B 500 3.34 -36.49 -32.19
CA ALA B 500 4.16 -37.03 -31.08
C ALA B 500 5.33 -36.06 -30.79
N PRO B 501 6.03 -36.17 -29.64
CA PRO B 501 7.08 -35.22 -29.31
C PRO B 501 8.22 -35.10 -30.34
N SER B 502 8.82 -36.21 -30.77
CA SER B 502 10.00 -36.18 -31.68
C SER B 502 9.54 -36.07 -33.13
N ASP B 503 8.27 -35.76 -33.35
CA ASP B 503 7.67 -35.84 -34.71
C ASP B 503 8.22 -34.73 -35.60
N PHE B 504 8.56 -33.58 -35.02
CA PHE B 504 9.08 -32.41 -35.75
C PHE B 504 10.60 -32.30 -35.63
N LYS B 505 11.27 -33.20 -34.89
CA LYS B 505 12.74 -33.16 -34.70
C LYS B 505 13.46 -33.29 -36.05
N CYS B 506 14.56 -32.57 -36.20
CA CYS B 506 15.41 -32.55 -37.42
C CYS B 506 16.70 -33.30 -37.13
N PRO B 507 17.14 -34.19 -38.03
CA PRO B 507 18.44 -34.85 -37.90
C PRO B 507 19.62 -33.84 -37.89
N ILE B 508 20.50 -33.94 -36.88
CA ILE B 508 21.79 -33.19 -36.83
C ILE B 508 22.78 -33.92 -37.76
N LYS B 509 23.12 -33.32 -38.89
CA LYS B 509 24.16 -33.82 -39.83
C LYS B 509 25.53 -33.71 -39.14
N GLU B 510 25.80 -32.58 -38.49
CA GLU B 510 27.17 -32.14 -38.10
C GLU B 510 27.07 -31.21 -36.90
N GLU B 511 28.00 -31.31 -35.94
CA GLU B 511 27.97 -30.50 -34.70
C GLU B 511 29.40 -30.33 -34.20
N ILE B 512 30.10 -29.32 -34.75
CA ILE B 512 31.55 -29.06 -34.50
C ILE B 512 31.69 -27.98 -33.43
N ALA B 513 32.30 -28.35 -32.30
CA ALA B 513 32.82 -27.43 -31.26
C ALA B 513 33.80 -26.45 -31.89
N ILE B 514 33.43 -25.17 -31.99
CA ILE B 514 34.32 -24.06 -32.41
C ILE B 514 35.26 -23.69 -31.26
N THR B 515 34.76 -23.67 -30.01
CA THR B 515 35.58 -23.31 -28.80
C THR B 515 35.43 -24.41 -27.74
N SER B 516 36.32 -24.46 -26.76
CA SER B 516 36.20 -25.47 -25.67
C SER B 516 37.09 -25.01 -24.54
N GLY B 517 37.05 -25.66 -23.37
CA GLY B 517 37.91 -25.30 -22.22
C GLY B 517 37.14 -24.97 -20.96
N GLU B 518 37.88 -24.65 -19.90
CA GLU B 518 37.37 -24.37 -18.54
C GLU B 518 37.21 -22.85 -18.43
N TRP B 519 36.41 -22.28 -19.34
CA TRP B 519 36.14 -20.82 -19.51
C TRP B 519 34.91 -20.68 -20.42
N GLU B 520 34.23 -19.53 -20.45
CA GLU B 520 32.96 -19.38 -21.23
C GLU B 520 33.01 -18.21 -22.22
N VAL B 521 32.32 -18.41 -23.34
CA VAL B 521 31.91 -17.36 -24.31
C VAL B 521 30.77 -16.55 -23.65
N LEU B 522 30.75 -15.21 -23.77
CA LEU B 522 29.68 -14.35 -23.18
C LEU B 522 28.61 -14.11 -24.25
N GLY B 523 27.33 -14.09 -23.88
CA GLY B 523 26.21 -13.93 -24.85
C GLY B 523 25.08 -13.04 -24.35
N ARG B 524 25.31 -12.32 -23.24
CA ARG B 524 24.31 -11.60 -22.41
C ARG B 524 24.69 -10.12 -22.26
N HIS B 525 23.73 -9.20 -22.16
CA HIS B 525 23.97 -7.79 -21.77
C HIS B 525 24.83 -7.05 -22.80
N GLY B 526 24.66 -7.26 -24.10
CA GLY B 526 25.54 -6.64 -25.13
C GLY B 526 26.57 -7.63 -25.70
N SER B 527 27.12 -8.55 -24.88
CA SER B 527 28.10 -9.56 -25.38
C SER B 527 27.49 -10.40 -26.51
N ASN B 528 28.16 -10.52 -27.64
CA ASN B 528 27.66 -11.30 -28.80
C ASN B 528 28.83 -11.68 -29.72
N ILE B 529 28.52 -12.30 -30.85
CA ILE B 529 29.50 -12.70 -31.90
C ILE B 529 29.36 -11.77 -33.12
N GLN B 530 30.45 -11.64 -33.87
CA GLN B 530 30.40 -11.09 -35.23
C GLN B 530 31.02 -12.16 -36.10
N VAL B 531 30.34 -12.46 -37.21
CA VAL B 531 30.78 -13.54 -38.13
C VAL B 531 31.26 -12.93 -39.46
N ASP B 532 32.54 -13.17 -39.75
CA ASP B 532 33.23 -12.85 -41.02
C ASP B 532 33.09 -14.09 -41.93
N GLU B 533 32.16 -14.02 -42.89
CA GLU B 533 31.80 -15.14 -43.80
C GLU B 533 32.83 -15.25 -44.95
N VAL B 534 33.68 -14.24 -45.19
CA VAL B 534 34.68 -14.28 -46.30
C VAL B 534 35.92 -15.03 -45.80
N ARG B 535 36.40 -14.71 -44.60
CA ARG B 535 37.60 -15.33 -43.99
C ARG B 535 37.21 -16.53 -43.09
N ARG B 536 35.91 -16.81 -42.94
CA ARG B 536 35.35 -17.90 -42.11
C ARG B 536 35.84 -17.79 -40.66
N LEU B 537 35.72 -16.59 -40.09
CA LEU B 537 36.14 -16.27 -38.70
C LEU B 537 34.90 -15.90 -37.89
N VAL B 538 34.95 -16.08 -36.57
CA VAL B 538 33.95 -15.58 -35.61
C VAL B 538 34.69 -14.86 -34.50
N TYR B 539 34.33 -13.61 -34.23
CA TYR B 539 34.81 -12.82 -33.07
C TYR B 539 33.80 -13.00 -31.94
N PHE B 540 34.28 -13.12 -30.71
CA PHE B 540 33.44 -13.48 -29.54
C PHE B 540 34.16 -12.97 -28.29
N GLU B 541 33.45 -12.83 -27.19
CA GLU B 541 34.00 -12.36 -25.89
C GLU B 541 34.03 -13.56 -24.94
N GLY B 542 35.08 -13.63 -24.09
CA GLY B 542 35.21 -14.73 -23.13
C GLY B 542 36.11 -14.45 -21.93
N THR B 543 36.07 -15.44 -21.03
CA THR B 543 36.77 -15.58 -19.73
C THR B 543 37.98 -16.52 -19.85
N LYS B 544 38.42 -16.85 -21.08
CA LYS B 544 39.57 -17.76 -21.37
C LYS B 544 40.80 -17.37 -20.54
N ASP B 545 41.17 -16.08 -20.53
CA ASP B 545 42.39 -15.61 -19.85
C ASP B 545 42.19 -15.55 -18.33
N SER B 546 41.06 -15.03 -17.85
CA SER B 546 40.77 -14.94 -16.39
C SER B 546 39.26 -14.84 -16.21
N PRO B 547 38.70 -15.43 -15.14
CA PRO B 547 37.28 -15.22 -14.84
C PRO B 547 37.05 -13.78 -14.36
N LEU B 548 38.13 -13.01 -14.15
CA LEU B 548 38.06 -11.61 -13.66
C LEU B 548 38.08 -10.59 -14.80
N GLU B 549 38.36 -10.99 -16.04
CA GLU B 549 38.51 -10.05 -17.19
C GLU B 549 37.79 -10.63 -18.40
N HIS B 550 36.95 -9.81 -19.05
CA HIS B 550 36.33 -10.20 -20.35
C HIS B 550 37.30 -9.76 -21.43
N HIS B 551 37.54 -10.62 -22.41
CA HIS B 551 38.43 -10.26 -23.54
C HIS B 551 37.72 -10.61 -24.83
N LEU B 552 38.13 -9.93 -25.89
CA LEU B 552 37.73 -10.22 -27.28
C LEU B 552 38.72 -11.24 -27.86
N TYR B 553 38.21 -12.21 -28.60
CA TYR B 553 38.96 -13.33 -29.20
C TYR B 553 38.41 -13.52 -30.61
N VAL B 554 39.17 -14.16 -31.49
CA VAL B 554 38.72 -14.60 -32.85
C VAL B 554 39.26 -16.00 -33.16
N VAL B 555 38.44 -16.80 -33.84
CA VAL B 555 38.68 -18.24 -34.10
C VAL B 555 38.04 -18.56 -35.44
N SER B 556 38.65 -19.42 -36.25
CA SER B 556 38.04 -19.98 -37.48
C SER B 556 36.86 -20.87 -37.06
N TYR B 557 35.75 -20.87 -37.81
CA TYR B 557 34.59 -21.77 -37.54
C TYR B 557 34.64 -22.99 -38.48
N VAL B 558 35.58 -23.01 -39.43
CA VAL B 558 35.67 -24.12 -40.43
C VAL B 558 36.64 -25.17 -39.90
N ASN B 559 37.82 -24.77 -39.42
CA ASN B 559 38.78 -25.74 -38.80
C ASN B 559 39.19 -25.20 -37.44
N PRO B 560 38.26 -25.12 -36.47
CA PRO B 560 38.54 -24.50 -35.19
C PRO B 560 39.91 -24.95 -34.67
N GLY B 561 40.80 -23.97 -34.43
CA GLY B 561 42.19 -24.19 -34.01
C GLY B 561 42.59 -23.26 -32.88
N GLU B 562 43.66 -22.51 -33.09
CA GLU B 562 44.14 -21.45 -32.16
C GLU B 562 43.03 -20.43 -31.99
N VAL B 563 42.77 -20.05 -30.74
CA VAL B 563 41.95 -18.87 -30.34
C VAL B 563 42.94 -17.74 -30.11
N THR B 564 42.82 -16.63 -30.85
CA THR B 564 43.63 -15.40 -30.64
C THR B 564 42.83 -14.39 -29.81
N ARG B 565 43.35 -13.98 -28.66
CA ARG B 565 42.92 -12.80 -27.85
C ARG B 565 43.33 -11.51 -28.57
N LEU B 566 42.43 -10.54 -28.71
CA LEU B 566 42.69 -9.28 -29.48
C LEU B 566 42.83 -8.09 -28.52
N THR B 567 42.34 -8.20 -27.29
CA THR B 567 42.37 -7.11 -26.28
C THR B 567 43.55 -7.37 -25.32
N ASP B 568 43.99 -6.37 -24.56
CA ASP B 568 45.20 -6.50 -23.72
C ASP B 568 44.82 -6.91 -22.29
N ARG B 569 45.60 -7.83 -21.71
CA ARG B 569 45.55 -8.26 -20.29
C ARG B 569 45.61 -7.02 -19.39
N GLY B 570 45.05 -7.12 -18.19
CA GLY B 570 45.08 -6.07 -17.15
C GLY B 570 43.92 -5.08 -17.27
N TYR B 571 43.04 -5.31 -18.23
CA TYR B 571 41.75 -4.60 -18.41
C TYR B 571 40.64 -5.64 -18.62
N SER B 572 39.44 -5.38 -18.10
CA SER B 572 38.22 -6.08 -18.58
C SER B 572 37.61 -5.21 -19.67
N HIS B 573 37.23 -5.84 -20.78
CA HIS B 573 36.80 -5.21 -22.06
C HIS B 573 35.34 -5.58 -22.34
N SER B 574 34.61 -4.63 -22.89
CA SER B 574 33.28 -4.85 -23.51
C SER B 574 33.39 -4.24 -24.91
N CYS B 575 33.19 -5.07 -25.92
CA CYS B 575 33.55 -4.73 -27.31
C CYS B 575 32.37 -4.84 -28.24
N CYS B 576 32.47 -4.18 -29.39
CA CYS B 576 31.70 -4.55 -30.60
C CYS B 576 32.65 -4.48 -31.79
N ILE B 577 32.31 -5.21 -32.84
CA ILE B 577 33.15 -5.41 -34.02
C ILE B 577 32.43 -4.69 -35.14
N SER B 578 33.14 -4.03 -36.05
CA SER B 578 32.47 -3.43 -37.22
C SER B 578 31.76 -4.56 -37.97
N GLN B 579 30.63 -4.24 -38.60
CA GLN B 579 29.98 -5.18 -39.55
C GLN B 579 30.99 -5.56 -40.65
N HIS B 580 32.03 -4.77 -40.93
CA HIS B 580 32.98 -5.03 -42.05
C HIS B 580 34.18 -5.88 -41.55
N CYS B 581 34.24 -6.18 -40.25
CA CYS B 581 35.26 -7.08 -39.66
C CYS B 581 36.68 -6.56 -39.91
N ASP B 582 36.87 -5.23 -39.90
CA ASP B 582 38.20 -4.57 -40.08
C ASP B 582 38.46 -3.58 -38.94
N PHE B 583 37.56 -3.46 -37.97
CA PHE B 583 37.71 -2.57 -36.80
C PHE B 583 36.94 -3.21 -35.63
N PHE B 584 37.40 -2.97 -34.40
CA PHE B 584 36.61 -3.18 -33.17
C PHE B 584 36.84 -2.01 -32.24
N ILE B 585 35.85 -1.82 -31.37
CA ILE B 585 35.88 -0.82 -30.29
C ILE B 585 35.82 -1.59 -28.99
N SER B 586 36.65 -1.19 -28.04
CA SER B 586 36.63 -1.70 -26.65
C SER B 586 36.26 -0.58 -25.70
N LYS B 587 35.38 -0.87 -24.75
CA LYS B 587 35.21 -0.08 -23.51
C LYS B 587 35.81 -0.90 -22.36
N TYR B 588 36.80 -0.35 -21.67
CA TYR B 588 37.63 -1.17 -20.75
C TYR B 588 38.09 -0.31 -19.60
N SER B 589 38.31 -0.98 -18.49
CA SER B 589 38.59 -0.36 -17.18
C SER B 589 39.33 -1.43 -16.39
N ASN B 590 39.95 -1.06 -15.27
CA ASN B 590 40.42 -2.05 -14.28
C ASN B 590 40.29 -1.33 -12.95
N GLN B 591 40.70 -1.97 -11.86
CA GLN B 591 40.49 -1.47 -10.48
C GLN B 591 41.00 -0.02 -10.37
N LYS B 592 42.16 0.33 -10.94
CA LYS B 592 42.80 1.67 -10.71
C LYS B 592 42.21 2.72 -11.65
N ASN B 593 41.74 2.30 -12.83
CA ASN B 593 41.56 3.17 -14.01
C ASN B 593 40.09 3.17 -14.44
N PRO B 594 39.44 4.36 -14.42
CA PRO B 594 38.07 4.50 -14.92
C PRO B 594 37.97 4.19 -16.41
N HIS B 595 36.76 3.87 -16.86
CA HIS B 595 36.45 3.32 -18.19
C HIS B 595 36.97 4.27 -19.27
N CYS B 596 37.32 3.65 -20.39
CA CYS B 596 37.95 4.30 -21.57
C CYS B 596 37.37 3.57 -22.79
N VAL B 597 37.25 4.25 -23.94
CA VAL B 597 36.74 3.64 -25.19
C VAL B 597 37.75 3.94 -26.30
N SER B 598 38.32 2.91 -26.91
CA SER B 598 39.35 3.02 -27.98
C SER B 598 38.92 2.20 -29.20
N LEU B 599 39.34 2.66 -30.38
CA LEU B 599 39.15 2.02 -31.70
C LEU B 599 40.46 1.33 -32.11
N TYR B 600 40.38 0.06 -32.54
CA TYR B 600 41.53 -0.79 -32.95
C TYR B 600 41.29 -1.23 -34.41
N LYS B 601 42.25 -0.99 -35.31
CA LYS B 601 42.21 -1.53 -36.68
C LYS B 601 42.59 -3.01 -36.62
N LEU B 602 41.82 -3.85 -37.31
CA LEU B 602 42.08 -5.29 -37.51
C LEU B 602 42.76 -5.43 -38.87
N SER B 603 43.73 -6.33 -38.95
CA SER B 603 44.47 -6.66 -40.19
C SER B 603 44.79 -8.16 -40.18
N SER B 604 45.19 -8.64 -41.34
CA SER B 604 45.72 -9.99 -41.61
C SER B 604 47.06 -9.82 -42.31
N PRO B 605 48.08 -10.67 -42.04
CA PRO B 605 49.25 -10.70 -42.92
C PRO B 605 48.81 -11.29 -44.27
N GLU B 606 49.42 -10.84 -45.37
CA GLU B 606 49.05 -11.19 -46.77
C GLU B 606 49.02 -12.72 -46.96
N ASP B 607 49.87 -13.47 -46.26
CA ASP B 607 50.07 -14.92 -46.54
C ASP B 607 48.89 -15.75 -46.00
N ASP B 608 48.19 -15.24 -44.99
CA ASP B 608 47.20 -16.02 -44.19
C ASP B 608 46.04 -15.10 -43.79
N PRO B 609 45.01 -15.00 -44.67
CA PRO B 609 43.86 -14.12 -44.41
C PRO B 609 43.18 -14.47 -43.06
N THR B 610 43.45 -15.68 -42.57
CA THR B 610 42.86 -16.34 -41.38
C THR B 610 43.43 -15.77 -40.06
N CYS B 611 44.61 -15.12 -40.13
CA CYS B 611 45.32 -14.59 -38.94
C CYS B 611 44.95 -13.12 -38.70
N LYS B 612 44.85 -12.74 -37.45
CA LYS B 612 44.34 -11.42 -37.04
C LYS B 612 45.36 -10.74 -36.17
N THR B 613 45.72 -9.51 -36.54
CA THR B 613 46.42 -8.52 -35.70
C THR B 613 45.56 -7.27 -35.54
N LYS B 614 45.89 -6.51 -34.52
CA LYS B 614 45.19 -5.26 -34.14
C LYS B 614 46.23 -4.18 -33.91
N GLU B 615 45.81 -2.95 -34.15
CA GLU B 615 46.64 -1.74 -33.99
C GLU B 615 45.75 -0.64 -33.39
N PHE B 616 46.17 -0.06 -32.28
CA PHE B 616 45.56 1.17 -31.72
C PHE B 616 45.35 2.15 -32.88
N TRP B 617 44.13 2.69 -33.04
CA TRP B 617 43.82 3.68 -34.12
C TRP B 617 43.43 5.03 -33.54
N ALA B 618 42.50 5.08 -32.59
CA ALA B 618 42.07 6.35 -31.98
C ALA B 618 41.35 6.11 -30.65
N THR B 619 41.38 7.13 -29.80
CA THR B 619 40.55 7.23 -28.58
C THR B 619 39.20 7.88 -28.92
N ILE B 620 38.12 7.34 -28.36
CA ILE B 620 36.75 7.92 -28.47
C ILE B 620 36.40 8.60 -27.14
N LEU B 621 36.76 8.01 -26.01
CA LEU B 621 36.48 8.57 -24.67
C LEU B 621 37.71 8.33 -23.79
N ASP B 622 38.38 9.41 -23.41
CA ASP B 622 39.55 9.39 -22.52
C ASP B 622 39.08 8.97 -21.14
N SER B 623 39.82 8.04 -20.52
CA SER B 623 39.76 7.79 -19.06
C SER B 623 39.68 9.14 -18.36
N ALA B 624 38.91 9.22 -17.28
CA ALA B 624 38.92 10.36 -16.34
C ALA B 624 40.33 10.58 -15.80
N GLY B 625 41.18 9.55 -15.84
CA GLY B 625 42.42 9.46 -15.04
C GLY B 625 42.07 8.88 -13.67
N PRO B 626 43.02 8.30 -12.91
CA PRO B 626 42.71 7.75 -11.58
C PRO B 626 42.00 8.77 -10.68
N LEU B 627 40.94 8.37 -9.98
CA LEU B 627 40.18 9.29 -9.10
C LEU B 627 41.03 9.63 -7.87
N PRO B 628 41.15 10.92 -7.51
CA PRO B 628 42.31 11.41 -6.75
C PRO B 628 42.28 11.06 -5.26
N ASP B 629 41.09 10.68 -4.75
CA ASP B 629 40.87 10.25 -3.35
C ASP B 629 39.83 9.14 -3.41
N TYR B 630 40.18 8.11 -4.17
CA TYR B 630 39.59 6.75 -4.15
C TYR B 630 40.76 5.78 -4.04
N THR B 631 40.78 4.95 -2.99
CA THR B 631 41.72 3.81 -2.92
C THR B 631 41.00 2.54 -3.38
N PRO B 632 41.40 1.97 -4.54
CA PRO B 632 40.78 0.73 -5.01
C PRO B 632 40.95 -0.40 -4.01
N PRO B 633 40.06 -1.41 -4.01
CA PRO B 633 40.32 -2.62 -3.24
C PRO B 633 41.34 -3.49 -3.99
N GLU B 634 41.86 -4.51 -3.30
CA GLU B 634 42.70 -5.57 -3.86
C GLU B 634 41.79 -6.77 -4.09
N ILE B 635 42.03 -7.52 -5.17
CA ILE B 635 41.40 -8.84 -5.44
C ILE B 635 42.22 -9.93 -4.74
N PHE B 636 41.61 -10.67 -3.82
CA PHE B 636 42.17 -11.91 -3.22
C PHE B 636 41.44 -13.12 -3.79
N SER B 637 42.00 -14.31 -3.54
CA SER B 637 41.42 -15.65 -3.84
C SER B 637 41.66 -16.55 -2.64
N PHE B 638 41.00 -17.70 -2.63
CA PHE B 638 41.24 -18.80 -1.66
C PHE B 638 40.72 -20.10 -2.28
N GLU B 639 41.52 -21.18 -2.20
CA GLU B 639 41.04 -22.57 -2.39
C GLU B 639 40.08 -22.83 -1.23
N SER B 640 38.99 -23.55 -1.47
CA SER B 640 37.81 -23.59 -0.58
C SER B 640 37.36 -25.04 -0.49
N THR B 641 36.79 -25.41 0.66
CA THR B 641 36.44 -26.80 1.07
C THR B 641 35.41 -27.38 0.08
N THR B 642 34.72 -26.49 -0.63
CA THR B 642 33.73 -26.82 -1.71
C THR B 642 34.40 -27.27 -3.02
N GLY B 643 35.70 -27.05 -3.19
CA GLY B 643 36.50 -27.56 -4.33
C GLY B 643 36.78 -26.51 -5.38
N PHE B 644 36.28 -25.29 -5.15
CA PHE B 644 36.36 -24.13 -6.07
C PHE B 644 37.26 -23.10 -5.41
N THR B 645 38.08 -22.45 -6.23
CA THR B 645 38.60 -21.08 -6.01
C THR B 645 37.41 -20.11 -5.90
N LEU B 646 37.45 -19.23 -4.89
CA LEU B 646 36.49 -18.13 -4.64
C LEU B 646 37.28 -16.83 -4.59
N TYR B 647 36.84 -15.83 -5.35
CA TYR B 647 37.48 -14.50 -5.41
C TYR B 647 36.69 -13.51 -4.54
N GLY B 648 37.38 -12.47 -4.11
CA GLY B 648 36.84 -11.40 -3.25
C GLY B 648 37.59 -10.11 -3.48
N MET B 649 37.02 -9.00 -3.01
CA MET B 649 37.71 -7.69 -2.96
C MET B 649 37.90 -7.37 -1.48
N LEU B 650 39.05 -6.79 -1.11
CA LEU B 650 39.36 -6.37 0.27
C LEU B 650 39.68 -4.87 0.23
N TYR B 651 38.94 -4.07 1.00
CA TYR B 651 39.20 -2.62 1.17
C TYR B 651 39.84 -2.51 2.55
N LYS B 652 41.12 -2.20 2.59
CA LYS B 652 41.85 -2.07 3.87
C LYS B 652 41.41 -0.75 4.49
N PRO B 653 41.27 -0.71 5.83
CA PRO B 653 41.19 0.57 6.53
C PRO B 653 42.30 1.48 6.02
N HIS B 654 41.92 2.70 5.65
CA HIS B 654 42.84 3.86 5.44
C HIS B 654 43.61 4.12 6.74
N ASP B 655 44.75 4.81 6.63
CA ASP B 655 45.67 5.17 7.75
C ASP B 655 45.70 4.02 8.76
N LEU B 656 45.91 2.78 8.27
CA LEU B 656 45.91 1.52 9.08
C LEU B 656 46.92 1.63 10.21
N GLN B 657 46.53 1.27 11.44
CA GLN B 657 47.43 1.29 12.63
C GLN B 657 47.87 -0.14 12.94
N PRO B 658 49.14 -0.33 13.42
CA PRO B 658 49.61 -1.65 13.84
C PRO B 658 49.06 -1.94 15.26
N GLY B 659 48.77 -3.21 15.55
CA GLY B 659 48.22 -3.66 16.84
C GLY B 659 46.81 -3.15 17.10
N LYS B 660 46.06 -2.79 16.05
CA LYS B 660 44.62 -2.41 16.12
C LYS B 660 43.82 -3.28 15.14
N LYS B 661 42.91 -4.12 15.65
CA LYS B 661 41.88 -4.88 14.89
C LYS B 661 40.66 -3.96 14.67
N TYR B 662 40.04 -4.03 13.49
CA TYR B 662 39.13 -2.99 12.94
C TYR B 662 37.74 -3.58 12.65
N PRO B 663 36.64 -2.82 12.86
CA PRO B 663 35.29 -3.34 12.59
C PRO B 663 35.13 -3.62 11.09
N THR B 664 34.44 -4.72 10.74
CA THR B 664 34.41 -5.26 9.36
C THR B 664 32.99 -5.22 8.80
N VAL B 665 32.85 -4.69 7.58
CA VAL B 665 31.57 -4.66 6.81
C VAL B 665 31.70 -5.54 5.57
N LEU B 666 30.84 -6.54 5.50
CA LEU B 666 30.64 -7.39 4.31
C LEU B 666 29.56 -6.78 3.41
N PHE B 667 29.93 -6.40 2.19
CA PHE B 667 28.97 -6.03 1.13
C PHE B 667 28.67 -7.28 0.30
N ILE B 668 27.40 -7.53 0.00
CA ILE B 668 26.99 -8.79 -0.67
C ILE B 668 25.84 -8.56 -1.65
N TYR B 669 25.92 -9.19 -2.81
CA TYR B 669 24.77 -9.56 -3.66
C TYR B 669 24.54 -11.09 -3.50
N GLY B 670 25.42 -11.92 -4.08
CA GLY B 670 25.48 -13.38 -3.85
C GLY B 670 24.53 -14.20 -4.71
N GLY B 671 23.70 -13.58 -5.55
CA GLY B 671 22.63 -14.28 -6.31
C GLY B 671 23.10 -14.67 -7.70
N PRO B 672 22.29 -15.42 -8.47
CA PRO B 672 22.67 -15.76 -9.84
C PRO B 672 22.74 -14.54 -10.79
N GLN B 673 23.43 -14.72 -11.93
CA GLN B 673 23.50 -13.77 -13.08
C GLN B 673 24.39 -12.56 -12.74
N VAL B 674 25.00 -12.51 -11.56
CA VAL B 674 25.90 -11.38 -11.17
C VAL B 674 27.25 -11.90 -10.69
N GLN B 675 28.28 -11.09 -10.98
CA GLN B 675 29.66 -11.22 -10.46
C GLN B 675 30.08 -9.83 -10.01
N LEU B 676 30.35 -9.64 -8.73
CA LEU B 676 30.81 -8.35 -8.13
C LEU B 676 32.33 -8.20 -8.26
N VAL B 677 33.05 -9.33 -8.32
CA VAL B 677 34.52 -9.42 -8.15
C VAL B 677 35.15 -9.64 -9.51
N ASN B 678 35.75 -8.60 -10.07
CA ASN B 678 36.45 -8.66 -11.37
C ASN B 678 37.36 -7.45 -11.50
N ASN B 679 38.20 -7.44 -12.54
CA ASN B 679 39.22 -6.37 -12.68
C ASN B 679 38.55 -5.28 -13.50
N ARG B 680 37.63 -4.56 -12.85
CA ARG B 680 36.94 -3.38 -13.41
C ARG B 680 36.99 -2.24 -12.42
N PHE B 681 36.71 -1.03 -12.88
CA PHE B 681 36.63 0.18 -12.03
C PHE B 681 35.37 0.07 -11.16
N LYS B 682 35.57 0.24 -9.85
CA LYS B 682 34.51 0.11 -8.82
C LYS B 682 34.27 1.44 -8.15
N GLY B 683 34.95 2.50 -8.59
CA GLY B 683 34.95 3.81 -7.91
C GLY B 683 33.74 4.67 -8.25
N VAL B 684 32.87 4.26 -9.15
CA VAL B 684 31.60 4.98 -9.48
C VAL B 684 30.44 4.39 -8.65
N LYS B 685 30.08 3.12 -8.86
CA LYS B 685 28.96 2.46 -8.14
C LYS B 685 29.35 2.25 -6.67
N TYR B 686 30.54 1.70 -6.42
CA TYR B 686 30.99 1.22 -5.09
C TYR B 686 31.95 2.23 -4.45
N PHE B 687 31.84 3.49 -4.87
CA PHE B 687 32.65 4.61 -4.33
C PHE B 687 32.55 4.60 -2.80
N ARG B 688 31.35 4.39 -2.26
CA ARG B 688 31.10 4.45 -0.78
C ARG B 688 31.65 3.21 -0.06
N LEU B 689 32.13 2.21 -0.79
CA LEU B 689 32.90 1.12 -0.12
C LEU B 689 34.21 1.72 0.38
N ASN B 690 34.79 2.59 -0.45
CA ASN B 690 36.02 3.34 -0.16
C ASN B 690 35.77 4.35 0.95
N THR B 691 34.59 4.98 1.01
CA THR B 691 34.21 5.90 2.11
C THR B 691 34.15 5.11 3.43
N LEU B 692 33.52 3.95 3.44
CA LEU B 692 33.49 3.10 4.66
C LEU B 692 34.93 2.84 5.15
N ALA B 693 35.87 2.51 4.24
CA ALA B 693 37.29 2.20 4.56
C ALA B 693 37.96 3.43 5.18
N SER B 694 37.80 4.59 4.55
CA SER B 694 38.25 5.92 5.05
C SER B 694 37.83 6.10 6.52
N LEU B 695 36.67 5.60 6.94
CA LEU B 695 36.13 5.79 8.32
C LEU B 695 36.75 4.82 9.33
N GLY B 696 37.40 3.74 8.88
CA GLY B 696 37.98 2.72 9.79
C GLY B 696 37.29 1.39 9.69
N TYR B 697 36.49 1.14 8.65
CA TYR B 697 35.85 -0.19 8.42
C TYR B 697 36.75 -0.98 7.47
N VAL B 698 36.77 -2.31 7.66
CA VAL B 698 37.34 -3.31 6.72
C VAL B 698 36.20 -3.77 5.82
N VAL B 699 36.14 -3.31 4.58
CA VAL B 699 35.07 -3.74 3.65
C VAL B 699 35.53 -5.00 2.92
N VAL B 700 34.64 -5.97 2.80
CA VAL B 700 34.93 -7.25 2.09
C VAL B 700 33.78 -7.56 1.15
N VAL B 701 34.10 -8.00 -0.07
CA VAL B 701 33.13 -8.57 -1.06
C VAL B 701 33.60 -9.97 -1.48
N ILE B 702 32.66 -10.90 -1.59
CA ILE B 702 32.95 -12.31 -1.99
C ILE B 702 31.83 -12.79 -2.92
N ASP B 703 32.22 -13.31 -4.10
CA ASP B 703 31.35 -14.04 -5.03
C ASP B 703 31.25 -15.50 -4.58
N ASN B 704 30.18 -15.84 -3.85
CA ASN B 704 29.90 -17.24 -3.41
C ASN B 704 29.50 -18.11 -4.61
N ARG B 705 29.38 -19.43 -4.42
CA ARG B 705 28.81 -20.33 -5.45
C ARG B 705 27.42 -19.78 -5.83
N GLY B 706 26.94 -20.06 -7.04
CA GLY B 706 25.71 -19.48 -7.61
C GLY B 706 25.97 -18.21 -8.43
N SER B 707 27.09 -17.51 -8.22
CA SER B 707 27.46 -16.29 -8.99
C SER B 707 27.94 -16.70 -10.38
N CYS B 708 28.05 -15.76 -11.34
CA CYS B 708 28.21 -16.11 -12.78
C CYS B 708 29.69 -15.95 -13.23
N HIS B 709 29.95 -16.29 -14.49
CA HIS B 709 31.29 -16.16 -15.14
C HIS B 709 32.26 -17.25 -14.66
N ARG B 710 31.72 -18.32 -14.08
CA ARG B 710 32.50 -19.43 -13.46
C ARG B 710 31.95 -20.80 -13.94
N GLY B 711 31.05 -20.80 -14.93
CA GLY B 711 30.46 -21.99 -15.58
C GLY B 711 29.21 -22.46 -14.89
N LEU B 712 28.51 -23.43 -15.49
CA LEU B 712 27.17 -23.92 -15.03
C LEU B 712 27.23 -24.73 -13.71
N LYS B 713 28.30 -25.50 -13.48
CA LYS B 713 28.38 -26.40 -12.30
C LYS B 713 28.50 -25.52 -11.06
N PHE B 714 29.38 -24.54 -11.13
CA PHE B 714 29.56 -23.47 -10.11
C PHE B 714 28.23 -22.74 -9.90
N GLU B 715 27.56 -22.37 -11.00
CA GLU B 715 26.25 -21.67 -10.92
C GLU B 715 25.23 -22.60 -10.26
N GLY B 716 25.27 -23.89 -10.60
CA GLY B 716 24.30 -24.93 -10.17
C GLY B 716 24.37 -25.31 -8.69
N ALA B 717 25.34 -24.82 -7.92
CA ALA B 717 25.51 -25.27 -6.53
C ALA B 717 24.25 -25.04 -5.68
N PHE B 718 23.38 -24.06 -5.99
CA PHE B 718 22.24 -23.72 -5.08
C PHE B 718 20.91 -24.14 -5.72
N LYS B 719 20.93 -24.96 -6.75
CA LYS B 719 19.64 -25.36 -7.37
C LYS B 719 18.79 -26.04 -6.28
N TYR B 720 17.60 -25.52 -6.02
CA TYR B 720 16.61 -26.03 -5.03
C TYR B 720 16.95 -25.54 -3.62
N LYS B 721 18.14 -24.94 -3.43
CA LYS B 721 18.85 -24.75 -2.13
C LYS B 721 19.20 -23.27 -1.89
N MET B 722 18.69 -22.33 -2.68
CA MET B 722 18.91 -20.87 -2.48
C MET B 722 18.79 -20.54 -0.98
N GLY B 723 19.73 -19.76 -0.44
CA GLY B 723 19.76 -19.37 0.99
C GLY B 723 20.56 -20.32 1.88
N GLN B 724 20.79 -21.57 1.46
CA GLN B 724 21.35 -22.63 2.34
C GLN B 724 22.89 -22.69 2.25
N ILE B 725 23.50 -22.38 1.11
CA ILE B 725 24.97 -22.59 0.91
C ILE B 725 25.73 -21.26 0.84
N GLU B 726 25.07 -20.12 0.59
CA GLU B 726 25.76 -18.86 0.22
C GLU B 726 26.63 -18.36 1.39
N ILE B 727 26.08 -18.36 2.60
CA ILE B 727 26.75 -17.80 3.80
C ILE B 727 27.95 -18.66 4.23
N ASP B 728 27.95 -19.98 4.06
CA ASP B 728 29.18 -20.80 4.30
C ASP B 728 30.35 -20.15 3.56
N ASP B 729 30.16 -19.91 2.26
CA ASP B 729 31.21 -19.36 1.35
C ASP B 729 31.65 -17.99 1.88
N GLN B 730 30.73 -17.14 2.32
CA GLN B 730 31.05 -15.77 2.80
C GLN B 730 31.88 -15.86 4.08
N VAL B 731 31.44 -16.68 5.04
CA VAL B 731 32.16 -16.93 6.32
C VAL B 731 33.56 -17.52 6.02
N GLU B 732 33.63 -18.60 5.25
CA GLU B 732 34.91 -19.25 4.86
C GLU B 732 35.90 -18.16 4.43
N GLY B 733 35.49 -17.31 3.48
CA GLY B 733 36.32 -16.24 2.91
C GLY B 733 36.73 -15.22 3.96
N LEU B 734 35.88 -15.03 4.97
CA LEU B 734 36.11 -14.04 6.06
C LEU B 734 37.14 -14.60 7.06
N GLN B 735 37.02 -15.88 7.38
CA GLN B 735 38.00 -16.62 8.21
C GLN B 735 39.35 -16.67 7.46
N TYR B 736 39.35 -17.05 6.18
CA TYR B 736 40.56 -16.98 5.31
C TYR B 736 41.27 -15.64 5.54
N LEU B 737 40.56 -14.52 5.40
CA LEU B 737 41.16 -13.17 5.52
C LEU B 737 41.58 -12.93 6.97
N ALA B 738 40.86 -13.46 7.94
CA ALA B 738 41.04 -13.16 9.39
C ALA B 738 42.32 -13.84 9.88
N SER B 739 42.56 -15.09 9.45
CA SER B 739 43.76 -15.91 9.80
C SER B 739 44.99 -15.47 8.99
N ARG B 740 44.80 -14.69 7.92
CA ARG B 740 45.90 -14.11 7.08
C ARG B 740 46.18 -12.66 7.50
N TYR B 741 45.20 -11.96 8.07
CA TYR B 741 45.28 -10.52 8.49
C TYR B 741 44.66 -10.36 9.89
N ASP B 742 45.40 -9.75 10.81
CA ASP B 742 45.01 -9.66 12.25
C ASP B 742 44.20 -8.37 12.49
N PHE B 743 44.23 -7.43 11.54
CA PHE B 743 43.50 -6.14 11.63
C PHE B 743 41.99 -6.37 11.48
N ILE B 744 41.59 -7.55 10.98
CA ILE B 744 40.16 -7.98 10.84
C ILE B 744 39.64 -8.43 12.22
N ASP B 745 38.74 -7.62 12.81
CA ASP B 745 38.10 -7.91 14.11
C ASP B 745 36.81 -8.67 13.81
N LEU B 746 36.84 -9.99 14.04
CA LEU B 746 35.74 -10.97 13.84
C LEU B 746 34.63 -10.78 14.89
N ASP B 747 34.86 -9.99 15.94
CA ASP B 747 33.82 -9.74 16.97
C ASP B 747 32.93 -8.54 16.57
N ARG B 748 33.28 -7.82 15.52
CA ARG B 748 32.50 -6.64 15.05
C ARG B 748 32.34 -6.71 13.53
N VAL B 749 31.66 -7.75 13.05
CA VAL B 749 31.33 -7.95 11.59
C VAL B 749 29.88 -7.51 11.29
N GLY B 750 29.72 -6.60 10.32
CA GLY B 750 28.44 -6.20 9.72
C GLY B 750 28.27 -6.70 8.28
N ILE B 751 27.02 -6.93 7.85
CA ILE B 751 26.67 -7.42 6.49
C ILE B 751 25.56 -6.56 5.90
N HIS B 752 25.73 -6.18 4.64
CA HIS B 752 24.84 -5.26 3.93
C HIS B 752 24.75 -5.67 2.46
N GLY B 753 23.53 -5.73 1.93
CA GLY B 753 23.25 -5.88 0.49
C GLY B 753 21.84 -5.43 0.13
N TRP B 754 21.54 -5.41 -1.18
CA TRP B 754 20.26 -4.97 -1.80
C TRP B 754 19.68 -6.14 -2.56
N SER B 755 18.36 -6.31 -2.52
CA SER B 755 17.70 -7.37 -3.33
C SER B 755 18.22 -8.73 -2.85
N TYR B 756 18.82 -9.55 -3.73
CA TYR B 756 19.33 -10.88 -3.34
C TYR B 756 20.34 -10.66 -2.21
N GLY B 757 21.07 -9.55 -2.24
CA GLY B 757 22.00 -9.15 -1.17
C GLY B 757 21.26 -8.86 0.12
N GLY B 758 20.09 -8.22 0.02
CA GLY B 758 19.23 -7.96 1.19
C GLY B 758 18.83 -9.28 1.81
N TYR B 759 18.44 -10.23 0.96
CA TYR B 759 18.05 -11.60 1.34
C TYR B 759 19.19 -12.24 2.13
N LEU B 760 20.35 -12.42 1.51
CA LEU B 760 21.51 -13.11 2.13
C LEU B 760 21.91 -12.37 3.41
N SER B 761 21.64 -11.06 3.50
CA SER B 761 21.91 -10.26 4.73
C SER B 761 21.05 -10.78 5.88
N LEU B 762 19.76 -10.98 5.66
CA LEU B 762 18.81 -11.55 6.66
C LEU B 762 19.21 -12.99 6.99
N MET B 763 19.44 -13.79 5.94
CA MET B 763 19.85 -15.21 6.06
C MET B 763 21.09 -15.35 6.95
N ALA B 764 22.04 -14.42 6.81
CA ALA B 764 23.30 -14.35 7.57
C ALA B 764 23.03 -14.07 9.05
N LEU B 765 22.16 -13.11 9.39
CA LEU B 765 21.84 -12.85 10.82
C LEU B 765 20.97 -13.99 11.36
N MET B 766 20.16 -14.61 10.50
CA MET B 766 19.27 -15.76 10.84
C MET B 766 20.12 -17.01 11.19
N GLN B 767 21.06 -17.38 10.31
CA GLN B 767 21.83 -18.66 10.35
C GLN B 767 23.11 -18.49 11.17
N ARG B 768 23.77 -17.32 11.14
CA ARG B 768 25.12 -17.07 11.74
C ARG B 768 25.21 -15.79 12.58
N SER B 769 24.35 -15.64 13.61
CA SER B 769 24.37 -14.55 14.62
C SER B 769 25.69 -14.55 15.42
N ASP B 770 26.37 -15.69 15.48
CA ASP B 770 27.71 -15.83 16.13
C ASP B 770 28.74 -14.98 15.35
N ILE B 771 28.60 -14.89 14.03
CA ILE B 771 29.54 -14.13 13.15
C ILE B 771 29.09 -12.68 12.98
N PHE B 772 27.83 -12.48 12.57
CA PHE B 772 27.28 -11.16 12.17
C PHE B 772 26.60 -10.46 13.34
N ARG B 773 27.24 -9.40 13.84
CA ARG B 773 26.62 -8.54 14.88
C ARG B 773 25.37 -7.84 14.30
N VAL B 774 25.42 -7.36 13.04
CA VAL B 774 24.36 -6.51 12.41
C VAL B 774 24.22 -6.88 10.95
N ALA B 775 22.97 -6.88 10.49
CA ALA B 775 22.56 -7.13 9.09
C ALA B 775 21.75 -5.93 8.64
N ILE B 776 22.04 -5.41 7.45
CA ILE B 776 21.28 -4.27 6.86
C ILE B 776 20.75 -4.73 5.51
N ALA B 777 19.49 -5.14 5.47
CA ALA B 777 18.84 -5.71 4.27
C ALA B 777 18.06 -4.62 3.51
N GLY B 778 18.47 -4.33 2.28
CA GLY B 778 17.74 -3.46 1.34
C GLY B 778 16.93 -4.27 0.35
N ALA B 779 15.68 -3.85 0.11
CA ALA B 779 14.71 -4.48 -0.82
C ALA B 779 14.91 -5.99 -0.86
N PRO B 780 14.88 -6.69 0.29
CA PRO B 780 15.12 -8.14 0.30
C PRO B 780 13.94 -8.94 -0.25
N VAL B 781 14.24 -10.07 -0.92
CA VAL B 781 13.31 -11.24 -1.03
C VAL B 781 13.20 -11.91 0.34
N THR B 782 12.01 -12.00 0.92
CA THR B 782 11.72 -12.70 2.21
C THR B 782 10.84 -13.97 2.04
N LEU B 783 10.28 -14.21 0.86
CA LEU B 783 9.30 -15.30 0.61
C LEU B 783 9.23 -15.59 -0.89
N TRP B 784 9.89 -16.67 -1.33
CA TRP B 784 10.00 -17.06 -2.75
C TRP B 784 8.65 -17.22 -3.46
N ILE B 785 7.56 -17.64 -2.80
CA ILE B 785 6.22 -17.72 -3.47
C ILE B 785 5.77 -16.32 -3.91
N PHE B 786 6.35 -15.26 -3.37
CA PHE B 786 5.96 -13.86 -3.71
C PHE B 786 6.64 -13.40 -5.01
N TYR B 787 7.72 -14.06 -5.44
CA TYR B 787 8.53 -13.68 -6.63
C TYR B 787 8.00 -14.38 -7.87
N ASP B 788 8.52 -14.07 -9.06
CA ASP B 788 7.82 -14.34 -10.34
C ASP B 788 8.18 -15.73 -10.88
N THR B 789 7.54 -16.16 -11.96
CA THR B 789 7.73 -17.48 -12.56
C THR B 789 9.15 -17.63 -13.13
N GLY B 790 9.52 -16.71 -14.03
CA GLY B 790 10.71 -16.85 -14.88
C GLY B 790 11.99 -16.99 -14.09
N TYR B 791 12.14 -16.25 -12.98
CA TYR B 791 13.35 -16.27 -12.11
C TYR B 791 13.27 -17.50 -11.19
N THR B 792 12.27 -17.55 -10.32
CA THR B 792 12.31 -18.44 -9.13
C THR B 792 12.14 -19.91 -9.56
N GLU B 793 11.34 -20.24 -10.58
CA GLU B 793 11.12 -21.66 -10.99
C GLU B 793 12.38 -22.22 -11.68
N ARG B 794 13.28 -21.35 -12.14
CA ARG B 794 14.52 -21.70 -12.86
C ARG B 794 15.52 -22.23 -11.85
N TYR B 795 15.57 -21.56 -10.69
CA TYR B 795 16.57 -21.82 -9.64
C TYR B 795 16.02 -22.67 -8.49
N MET B 796 14.69 -22.82 -8.33
CA MET B 796 14.08 -23.43 -7.12
C MET B 796 12.98 -24.47 -7.49
N GLY B 797 12.65 -24.62 -8.76
CA GLY B 797 11.63 -25.57 -9.23
C GLY B 797 10.26 -24.97 -9.02
N HIS B 798 9.24 -25.54 -9.67
CA HIS B 798 7.82 -25.35 -9.25
C HIS B 798 7.72 -25.52 -7.73
N PRO B 799 7.00 -24.60 -7.02
CA PRO B 799 6.84 -24.70 -5.57
C PRO B 799 6.27 -26.04 -5.02
N ASP B 800 5.38 -26.71 -5.75
CA ASP B 800 4.73 -27.98 -5.30
C ASP B 800 5.78 -29.08 -5.06
N GLN B 801 6.88 -29.10 -5.85
CA GLN B 801 7.94 -30.15 -5.76
C GLN B 801 9.15 -29.64 -4.98
N ASN B 802 9.02 -28.54 -4.24
CA ASN B 802 10.18 -28.06 -3.44
C ASN B 802 9.67 -27.29 -2.22
N GLU B 803 8.60 -27.78 -1.58
CA GLU B 803 8.02 -27.15 -0.36
C GLU B 803 9.11 -26.91 0.68
N GLN B 804 10.07 -27.82 0.81
CA GLN B 804 11.15 -27.75 1.82
C GLN B 804 12.17 -26.64 1.47
N GLY B 805 12.56 -26.53 0.20
CA GLY B 805 13.56 -25.55 -0.26
C GLY B 805 13.01 -24.13 -0.25
N TYR B 806 11.75 -23.97 -0.69
CA TYR B 806 10.95 -22.71 -0.61
C TYR B 806 10.83 -22.29 0.86
N TYR B 807 10.61 -23.26 1.76
CA TYR B 807 10.49 -23.01 3.21
C TYR B 807 11.85 -22.54 3.76
N LEU B 808 12.94 -23.23 3.46
CA LEU B 808 14.25 -22.96 4.10
C LEU B 808 14.92 -21.73 3.48
N GLY B 809 14.59 -21.38 2.24
CA GLY B 809 15.13 -20.18 1.58
C GLY B 809 14.24 -18.97 1.76
N SER B 810 13.08 -19.11 2.42
CA SER B 810 12.15 -17.99 2.71
C SER B 810 12.32 -17.51 4.16
N VAL B 811 12.98 -16.38 4.37
CA VAL B 811 13.28 -15.88 5.75
C VAL B 811 11.98 -15.50 6.48
N ALA B 812 10.91 -15.14 5.75
CA ALA B 812 9.63 -14.67 6.35
C ALA B 812 8.94 -15.84 7.04
N MET B 813 9.24 -17.06 6.58
CA MET B 813 8.70 -18.33 7.12
C MET B 813 9.58 -18.83 8.29
N GLN B 814 10.47 -17.99 8.84
CA GLN B 814 11.50 -18.41 9.86
C GLN B 814 11.88 -17.24 10.78
N ALA B 815 10.95 -16.31 11.00
CA ALA B 815 11.11 -15.12 11.88
C ALA B 815 11.71 -15.52 13.24
N GLU B 816 11.27 -16.65 13.82
CA GLU B 816 11.69 -17.08 15.19
C GLU B 816 13.23 -17.22 15.27
N LYS B 817 13.92 -17.48 14.16
CA LYS B 817 15.40 -17.67 14.09
C LYS B 817 16.20 -16.35 14.15
N PHE B 818 15.59 -15.17 14.07
CA PHE B 818 16.30 -13.86 14.18
C PHE B 818 16.64 -13.63 15.64
N PRO B 819 17.63 -12.77 15.97
CA PRO B 819 17.96 -12.48 17.36
C PRO B 819 16.86 -11.76 18.16
N SER B 820 16.91 -11.87 19.48
CA SER B 820 16.04 -11.14 20.44
C SER B 820 16.89 -10.13 21.21
N GLU B 821 17.83 -9.47 20.54
CA GLU B 821 18.25 -8.11 20.95
C GLU B 821 18.18 -7.19 19.73
N PRO B 822 17.67 -5.95 19.92
CA PRO B 822 17.60 -4.97 18.85
C PRO B 822 18.98 -4.44 18.45
N ASN B 823 18.99 -3.53 17.47
CA ASN B 823 20.18 -2.82 16.93
C ASN B 823 20.98 -3.79 16.05
N ARG B 824 20.42 -4.95 15.70
CA ARG B 824 21.14 -5.97 14.91
C ARG B 824 20.51 -6.15 13.54
N LEU B 825 19.25 -5.75 13.37
CA LEU B 825 18.47 -6.00 12.12
C LEU B 825 17.89 -4.68 11.66
N LEU B 826 18.27 -4.26 10.45
CA LEU B 826 17.77 -3.03 9.80
C LEU B 826 17.23 -3.41 8.42
N LEU B 827 15.95 -3.11 8.17
CA LEU B 827 15.30 -3.29 6.84
C LEU B 827 15.20 -1.93 6.16
N LEU B 828 15.53 -1.85 4.87
CA LEU B 828 15.34 -0.66 4.01
C LEU B 828 14.50 -1.12 2.82
N HIS B 829 13.44 -0.40 2.48
CA HIS B 829 12.60 -0.73 1.30
C HIS B 829 11.94 0.52 0.73
N GLY B 830 12.04 0.72 -0.58
CA GLY B 830 11.13 1.59 -1.32
C GLY B 830 9.71 1.03 -1.29
N PHE B 831 8.73 1.87 -0.94
CA PHE B 831 7.26 1.58 -0.93
C PHE B 831 6.76 1.12 -2.31
N LEU B 832 7.33 1.70 -3.39
CA LEU B 832 6.82 1.61 -4.80
C LEU B 832 7.68 0.64 -5.65
N ASP B 833 8.43 -0.26 -4.99
CA ASP B 833 9.37 -1.23 -5.62
C ASP B 833 8.57 -2.22 -6.49
N GLU B 834 9.08 -2.46 -7.70
CA GLU B 834 8.37 -2.97 -8.90
C GLU B 834 8.59 -4.47 -9.05
N ASN B 835 9.82 -4.96 -8.87
CA ASN B 835 10.05 -6.43 -8.87
C ASN B 835 10.21 -6.95 -7.44
N VAL B 836 10.95 -6.26 -6.56
CA VAL B 836 11.01 -6.69 -5.12
C VAL B 836 9.96 -5.88 -4.34
N HIS B 837 8.68 -6.21 -4.52
CA HIS B 837 7.54 -5.50 -3.87
CA HIS B 837 7.53 -5.53 -3.86
C HIS B 837 7.85 -5.35 -2.38
N PHE B 838 7.32 -4.27 -1.82
CA PHE B 838 7.26 -3.96 -0.38
C PHE B 838 6.60 -5.13 0.34
N ALA B 839 5.78 -5.89 -0.41
CA ALA B 839 5.08 -7.13 0.03
C ALA B 839 6.06 -8.00 0.83
N HIS B 840 7.30 -8.19 0.33
CA HIS B 840 8.36 -8.99 0.99
C HIS B 840 8.68 -8.39 2.36
N THR B 841 8.78 -7.07 2.43
CA THR B 841 9.13 -6.37 3.70
C THR B 841 7.93 -6.46 4.66
N SER B 842 6.71 -6.11 4.23
CA SER B 842 5.55 -6.10 5.17
C SER B 842 5.35 -7.51 5.69
N ILE B 843 5.45 -8.52 4.82
CA ILE B 843 5.12 -9.89 5.28
C ILE B 843 6.17 -10.34 6.30
N LEU B 844 7.46 -10.07 6.08
CA LEU B 844 8.52 -10.33 7.09
C LEU B 844 8.20 -9.56 8.37
N LEU B 845 7.76 -8.30 8.28
CA LEU B 845 7.46 -7.49 9.50
C LEU B 845 6.33 -8.13 10.30
N SER B 846 5.27 -8.47 9.57
CA SER B 846 4.07 -9.21 10.06
C SER B 846 4.51 -10.46 10.82
N PHE B 847 5.48 -11.22 10.31
CA PHE B 847 5.97 -12.46 10.96
C PHE B 847 7.00 -12.11 12.05
N LEU B 848 7.77 -11.03 11.91
CA LEU B 848 8.69 -10.59 12.99
C LEU B 848 7.86 -10.21 14.23
N VAL B 849 6.78 -9.48 14.01
CA VAL B 849 5.80 -9.10 15.06
C VAL B 849 5.14 -10.34 15.72
N ARG B 850 4.62 -11.30 14.95
CA ARG B 850 4.11 -12.61 15.47
C ARG B 850 5.10 -13.18 16.49
N ALA B 851 6.39 -13.22 16.13
CA ALA B 851 7.47 -13.90 16.87
C ALA B 851 8.05 -13.04 17.99
N GLY B 852 7.49 -11.84 18.24
CA GLY B 852 8.03 -10.89 19.22
C GLY B 852 9.52 -10.64 19.02
N LYS B 853 9.96 -10.33 17.79
CA LYS B 853 11.39 -10.04 17.44
C LYS B 853 11.57 -8.56 17.09
N PRO B 854 12.68 -7.90 17.51
CA PRO B 854 12.92 -6.49 17.21
C PRO B 854 13.47 -6.25 15.79
N TYR B 855 13.28 -5.04 15.26
CA TYR B 855 13.76 -4.60 13.93
C TYR B 855 13.73 -3.08 13.88
N ASP B 856 14.68 -2.52 13.15
CA ASP B 856 14.72 -1.11 12.70
C ASP B 856 14.23 -1.11 11.26
N LEU B 857 13.61 -0.01 10.84
CA LEU B 857 13.07 0.14 9.46
C LEU B 857 13.33 1.56 8.97
N GLN B 858 13.63 1.68 7.68
CA GLN B 858 13.65 2.96 6.95
C GLN B 858 12.82 2.71 5.71
N ILE B 859 11.92 3.63 5.40
CA ILE B 859 11.12 3.63 4.16
C ILE B 859 11.47 4.87 3.35
N TYR B 860 11.48 4.73 2.01
CA TYR B 860 11.77 5.84 1.05
C TYR B 860 10.55 5.95 0.15
N PRO B 861 9.44 6.60 0.62
CA PRO B 861 8.12 6.54 -0.04
C PRO B 861 7.98 6.92 -1.52
N GLN B 862 8.91 7.70 -2.09
CA GLN B 862 8.92 8.09 -3.52
C GLN B 862 10.38 8.26 -3.99
N VAL B 869 15.63 9.06 -7.27
CA VAL B 869 15.76 10.37 -6.56
C VAL B 869 17.09 10.40 -5.80
N PRO B 870 17.87 11.50 -5.90
CA PRO B 870 19.11 11.65 -5.14
C PRO B 870 18.85 11.82 -3.63
N GLU B 871 17.80 12.57 -3.26
CA GLU B 871 17.46 12.90 -1.85
C GLU B 871 17.35 11.62 -0.99
N SER B 872 16.69 10.59 -1.52
CA SER B 872 16.50 9.27 -0.88
C SER B 872 17.86 8.57 -0.69
N GLY B 873 18.61 8.40 -1.77
CA GLY B 873 19.98 7.83 -1.75
C GLY B 873 20.87 8.54 -0.74
N GLU B 874 20.85 9.87 -0.73
CA GLU B 874 21.63 10.67 0.25
C GLU B 874 21.27 10.23 1.67
N HIS B 875 19.98 10.24 2.02
CA HIS B 875 19.43 9.87 3.35
C HIS B 875 19.81 8.43 3.72
N TYR B 876 19.75 7.50 2.77
CA TYR B 876 20.13 6.07 2.98
C TYR B 876 21.59 5.99 3.43
N GLU B 877 22.50 6.63 2.68
CA GLU B 877 23.98 6.54 2.92
C GLU B 877 24.29 7.15 4.28
N LEU B 878 23.62 8.25 4.60
CA LEU B 878 23.73 8.92 5.92
C LEU B 878 23.19 7.99 7.02
N HIS B 879 21.98 7.44 6.81
CA HIS B 879 21.34 6.57 7.82
C HIS B 879 22.23 5.34 8.02
N LEU B 880 22.75 4.78 6.92
CA LEU B 880 23.64 3.60 6.92
C LEU B 880 24.91 3.90 7.75
N LEU B 881 25.64 4.97 7.41
CA LEU B 881 26.92 5.31 8.11
C LEU B 881 26.60 5.49 9.58
N HIS B 882 25.56 6.27 9.90
CA HIS B 882 25.16 6.51 11.31
C HIS B 882 24.86 5.16 11.98
N TYR B 883 24.11 4.27 11.34
CA TYR B 883 23.69 2.97 11.94
C TYR B 883 24.95 2.15 12.24
N LEU B 884 25.88 2.05 11.27
CA LEU B 884 27.12 1.23 11.42
C LEU B 884 27.96 1.82 12.57
N GLN B 885 28.22 3.13 12.53
CA GLN B 885 28.92 3.84 13.62
C GLN B 885 28.30 3.42 14.96
N GLU B 886 27.03 3.74 15.19
CA GLU B 886 26.34 3.64 16.50
C GLU B 886 26.17 2.18 16.94
N ASN B 887 26.14 1.21 16.01
CA ASN B 887 25.70 -0.17 16.34
C ASN B 887 26.74 -1.24 15.98
N LEU B 888 27.88 -0.86 15.35
CA LEU B 888 29.02 -1.76 15.04
C LEU B 888 30.35 -1.12 15.46
N GLY B 889 30.63 0.11 14.99
CA GLY B 889 31.99 0.65 14.81
C GLY B 889 32.53 1.36 16.03
N SER B 890 31.80 2.35 16.52
CA SER B 890 32.27 3.34 17.53
C SER B 890 32.46 2.67 18.90
N ARG B 891 33.01 3.48 19.82
CA ARG B 891 33.18 3.16 21.26
C ARG B 891 31.81 2.81 21.87
N ILE B 892 30.82 3.70 21.71
CA ILE B 892 29.44 3.54 22.29
C ILE B 892 28.78 2.25 21.78
N ALA B 893 29.10 1.84 20.55
CA ALA B 893 28.56 0.59 19.93
C ALA B 893 28.86 -0.64 20.80
N ALA B 894 30.07 -0.72 21.37
CA ALA B 894 30.56 -1.90 22.13
C ALA B 894 30.06 -1.85 23.59
N LEU B 895 29.85 -0.65 24.14
CA LEU B 895 29.23 -0.43 25.47
C LEU B 895 27.76 -0.89 25.46
N LYS B 896 27.04 -0.53 24.40
CA LYS B 896 25.58 -0.74 24.21
C LYS B 896 25.20 -2.19 24.50
N VAL B 897 25.91 -3.17 23.90
CA VAL B 897 25.50 -4.61 23.83
C VAL B 897 24.62 -5.01 25.04
#